data_2X2N
#
_entry.id   2X2N
#
_cell.length_a   199.892
_cell.length_b   114.527
_cell.length_c   138.087
_cell.angle_alpha   90.00
_cell.angle_beta   131.83
_cell.angle_gamma   90.00
#
_symmetry.space_group_name_H-M   'C 1 2 1'
#
loop_
_entity.id
_entity.type
_entity.pdbx_description
1 polymer 'LANOSTEROL 14-ALPHA-DEMETHYLASE'
2 non-polymer 'PROTOPORPHYRIN IX CONTAINING FE'
3 non-polymer POSACONAZOLE
4 water water
#
_entity_poly.entity_id   1
_entity_poly.type   'polypeptide(L)'
_entity_poly.pdbx_seq_one_letter_code
;MAKKKKKKSFNVTRPTDPPVYPVTVPILGHIIQFGKSPLGFMQECKRQLKSGIFTINIVGKRVTIVGDPHEHSRFFLPRN
EVLSPREVYSFMVPVFGEGVAYAAPYPRMREQLNFLAEELTIAKFQNFVPAIQHEVRKFMAANWDKDEGEINLLEDCSTM
IINTACQCLFGEDLRKRLDARRFAQLLAKMESSLIPAAVFLPILLKLPLPQSARCHEARTELQKILSEIIIARKAAAVNK
DSSTSDLLSGLLSAVYRDGTPMSLHEVCGMIVAAMFAGQHTSSITTTWSMLHLMHPANVKHLEALRKEIEEFPAQLNYNN
VMDEMPFAERCARESIRRDPPLLMLMRKVMADVKVGSYVVPKGDIIACSPLLSHHDEEAFPEPRRWDPERDEKVEGAFIG
FGAGVHKCIGQKFGLLQVKTILATAFRSYDFQLLRDEVPDPDYHTMVVGPTASQCRVKYIRRKAAAAHHHHHHHH
;
_entity_poly.pdbx_strand_id   A,B,C,D
#
loop_
_chem_comp.id
_chem_comp.type
_chem_comp.name
_chem_comp.formula
HEM non-polymer 'PROTOPORPHYRIN IX CONTAINING FE' 'C34 H32 Fe N4 O4'
X2N non-polymer POSACONAZOLE 'C37 H42 F2 N8 O4'
#
# COMPACT_ATOMS: atom_id res chain seq x y z
N THR A 16 17.96 43.11 10.89
CA THR A 16 16.61 42.80 11.47
C THR A 16 16.03 41.43 10.99
N ASP A 17 16.75 40.71 10.12
CA ASP A 17 16.35 39.35 9.73
C ASP A 17 16.69 38.40 10.87
N PRO A 18 15.81 37.45 11.19
CA PRO A 18 16.21 36.46 12.18
C PRO A 18 17.36 35.62 11.65
N PRO A 19 18.20 35.11 12.55
CA PRO A 19 19.34 34.29 12.16
C PRO A 19 18.94 32.99 11.44
N VAL A 20 19.39 32.82 10.19
CA VAL A 20 19.18 31.58 9.44
C VAL A 20 20.24 30.55 9.89
N TYR A 21 19.81 29.45 10.47
CA TYR A 21 20.72 28.32 10.78
C TYR A 21 21.47 27.87 9.54
N PRO A 22 22.79 27.69 9.62
CA PRO A 22 23.58 27.41 8.41
C PRO A 22 23.17 26.13 7.66
N VAL A 23 23.05 26.26 6.34
CA VAL A 23 22.68 25.15 5.48
C VAL A 23 23.91 24.34 5.11
N THR A 24 23.85 23.02 5.31
CA THR A 24 24.97 22.15 4.89
C THR A 24 24.62 21.41 3.59
N VAL A 25 23.36 20.99 3.42
CA VAL A 25 22.96 20.23 2.22
C VAL A 25 22.24 21.12 1.18
N PRO A 26 22.83 21.27 -0.03
CA PRO A 26 22.41 22.08 -1.18
C PRO A 26 20.91 22.29 -1.51
N ILE A 27 20.23 21.29 -2.08
CA ILE A 27 18.85 21.49 -2.53
C ILE A 27 17.91 21.28 -1.35
N LEU A 28 18.16 20.24 -0.58
CA LEU A 28 17.21 19.77 0.41
C LEU A 28 17.05 20.69 1.63
N GLY A 29 18.13 21.37 2.01
CA GLY A 29 18.13 22.23 3.19
C GLY A 29 18.21 21.41 4.47
N HIS A 30 17.33 21.71 5.43
CA HIS A 30 17.37 21.07 6.73
C HIS A 30 16.39 19.93 6.84
N ILE A 31 15.75 19.57 5.74
CA ILE A 31 14.62 18.66 5.79
C ILE A 31 15.02 17.31 6.37
N ILE A 32 16.19 16.80 6.02
CA ILE A 32 16.75 15.61 6.67
C ILE A 32 16.96 15.79 8.19
N GLN A 33 17.72 16.82 8.58
CA GLN A 33 18.01 17.09 10.00
C GLN A 33 16.73 17.22 10.80
N PHE A 34 15.68 17.78 10.21
CA PHE A 34 14.41 18.02 10.91
C PHE A 34 13.63 16.72 11.04
N GLY A 35 13.49 15.99 9.96
CA GLY A 35 12.76 14.72 9.98
C GLY A 35 13.32 13.71 10.97
N LYS A 36 14.65 13.59 11.04
CA LYS A 36 15.33 12.67 11.97
C LYS A 36 14.87 12.91 13.40
N SER A 37 15.02 14.15 13.84
CA SER A 37 14.53 14.52 15.17
C SER A 37 14.06 15.97 15.18
N PRO A 38 12.74 16.18 15.08
CA PRO A 38 12.13 17.50 15.08
C PRO A 38 12.46 18.31 16.32
N LEU A 39 12.16 17.75 17.49
CA LEU A 39 12.41 18.46 18.75
C LEU A 39 13.87 18.77 18.89
N GLY A 40 14.72 17.76 18.66
CA GLY A 40 16.17 17.86 18.87
C GLY A 40 16.86 18.82 17.91
N PHE A 41 16.41 18.83 16.66
CA PHE A 41 16.94 19.77 15.68
C PHE A 41 16.58 21.19 16.02
N MET A 42 15.38 21.39 16.55
CA MET A 42 14.89 22.75 16.84
C MET A 42 15.64 23.32 18.03
N GLN A 43 15.75 22.54 19.09
CA GLN A 43 16.41 23.04 20.30
C GLN A 43 17.89 23.35 19.99
N GLU A 44 18.54 22.49 19.20
CA GLU A 44 19.87 22.79 18.66
C GLU A 44 19.86 24.17 18.01
N CYS A 45 18.98 24.39 17.04
CA CYS A 45 18.91 25.71 16.36
C CYS A 45 18.74 26.85 17.37
N LYS A 46 17.78 26.69 18.29
CA LYS A 46 17.48 27.70 19.30
C LYS A 46 18.73 28.02 20.12
N ARG A 47 19.35 26.96 20.63
CA ARG A 47 20.48 27.13 21.52
C ARG A 47 21.70 27.69 20.76
N GLN A 48 22.02 27.15 19.59
CA GLN A 48 23.21 27.57 18.81
C GLN A 48 23.15 28.98 18.29
N LEU A 49 21.99 29.38 17.80
CA LEU A 49 21.86 30.70 17.21
C LEU A 49 21.63 31.72 18.31
N LYS A 50 21.41 31.21 19.53
CA LYS A 50 21.29 32.03 20.75
C LYS A 50 20.07 32.91 20.64
N SER A 51 18.94 32.29 20.28
CA SER A 51 17.74 33.03 19.89
C SER A 51 16.50 32.13 19.84
N GLY A 52 15.38 32.63 20.35
CA GLY A 52 14.13 31.86 20.33
C GLY A 52 13.52 31.81 18.94
N ILE A 53 13.77 32.88 18.17
CA ILE A 53 13.21 33.09 16.87
C ILE A 53 14.34 32.96 15.85
N PHE A 54 14.17 32.06 14.87
CA PHE A 54 15.22 31.68 13.90
C PHE A 54 14.58 31.09 12.64
N THR A 55 15.36 30.94 11.59
CA THR A 55 14.85 30.49 10.30
C THR A 55 15.57 29.26 9.74
N ILE A 56 14.83 28.23 9.39
CA ILE A 56 15.45 27.06 8.77
C ILE A 56 15.07 27.07 7.32
N ASN A 57 15.74 26.27 6.51
CA ASN A 57 15.43 26.10 5.10
C ASN A 57 14.87 24.69 4.88
N ILE A 58 13.74 24.59 4.17
CA ILE A 58 13.09 23.32 3.91
C ILE A 58 12.76 23.26 2.43
N VAL A 59 13.46 22.35 1.76
CA VAL A 59 13.50 22.24 0.29
C VAL A 59 13.42 23.57 -0.41
N GLY A 60 14.20 24.52 0.10
CA GLY A 60 14.34 25.84 -0.52
C GLY A 60 13.46 26.92 0.09
N LYS A 61 12.51 26.52 0.91
CA LYS A 61 11.58 27.47 1.48
C LYS A 61 12.00 27.90 2.87
N ARG A 62 12.18 29.21 3.03
CA ARG A 62 12.45 29.77 4.34
C ARG A 62 11.28 29.52 5.29
N VAL A 63 11.56 28.87 6.42
CA VAL A 63 10.59 28.65 7.46
C VAL A 63 11.14 29.27 8.73
N THR A 64 10.45 30.28 9.26
CA THR A 64 10.89 31.02 10.44
C THR A 64 10.07 30.54 11.62
N ILE A 65 10.73 30.12 12.69
CA ILE A 65 10.05 29.49 13.79
C ILE A 65 9.97 30.40 15.02
N VAL A 66 8.76 30.62 15.52
CA VAL A 66 8.57 31.44 16.71
C VAL A 66 8.76 30.53 17.90
N GLY A 67 10.02 30.30 18.25
CA GLY A 67 10.36 29.37 19.32
C GLY A 67 10.36 29.97 20.71
N ASP A 68 10.22 31.29 20.83
CA ASP A 68 10.21 31.97 22.15
C ASP A 68 8.78 32.12 22.61
N PRO A 69 8.41 31.41 23.69
CA PRO A 69 7.03 31.47 24.17
C PRO A 69 6.54 32.87 24.49
N HIS A 70 7.44 33.76 24.88
CA HIS A 70 7.04 35.15 25.14
C HIS A 70 6.43 35.81 23.92
N GLU A 71 6.85 35.39 22.73
CA GLU A 71 6.37 36.03 21.51
C GLU A 71 5.29 35.24 20.81
N HIS A 72 4.64 34.31 21.51
CA HIS A 72 3.58 33.50 20.89
C HIS A 72 2.54 34.31 20.16
N SER A 73 2.05 35.40 20.78
CA SER A 73 0.95 36.19 20.22
C SER A 73 1.29 36.91 18.92
N ARG A 74 2.57 37.01 18.58
CA ARG A 74 2.98 37.61 17.31
C ARG A 74 2.69 36.69 16.14
N PHE A 75 2.51 35.40 16.45
CA PHE A 75 2.08 34.43 15.48
C PHE A 75 0.56 34.19 15.49
N PHE A 76 -0.07 34.14 16.66
CA PHE A 76 -1.52 33.80 16.77
C PHE A 76 -2.54 34.92 16.52
N LEU A 77 -2.19 36.19 16.75
CA LEU A 77 -3.18 37.30 16.70
C LEU A 77 -3.28 38.09 15.38
N PRO A 78 -2.23 38.10 14.53
CA PRO A 78 -2.43 38.77 13.25
C PRO A 78 -3.56 38.16 12.43
N ARG A 79 -4.12 38.93 11.51
CA ARG A 79 -5.25 38.46 10.72
C ARG A 79 -4.78 37.60 9.58
N ASN A 80 -5.74 36.91 8.99
CA ASN A 80 -5.52 36.09 7.80
C ASN A 80 -4.76 36.86 6.71
N GLU A 81 -5.03 38.16 6.61
CA GLU A 81 -4.51 38.97 5.51
C GLU A 81 -3.04 39.27 5.70
N VAL A 82 -2.59 39.20 6.94
CA VAL A 82 -1.18 39.33 7.30
C VAL A 82 -0.48 37.96 7.42
N LEU A 83 -1.09 37.05 8.18
CA LEU A 83 -0.61 35.67 8.37
C LEU A 83 -1.72 34.70 7.95
N SER A 84 -1.47 33.99 6.85
CA SER A 84 -2.51 33.25 6.14
C SER A 84 -2.35 31.73 6.19
N PRO A 85 -3.44 31.01 6.49
CA PRO A 85 -3.45 29.58 6.44
C PRO A 85 -3.78 29.02 5.06
N ARG A 86 -4.33 29.83 4.17
CA ARG A 86 -4.72 29.32 2.86
C ARG A 86 -3.63 28.46 2.17
N GLU A 87 -2.49 29.06 1.85
CA GLU A 87 -1.43 28.41 1.03
C GLU A 87 -0.83 27.18 1.75
N VAL A 88 -0.48 27.35 3.02
CA VAL A 88 0.19 26.31 3.74
C VAL A 88 -0.66 25.06 4.04
N TYR A 89 -1.97 25.26 4.26
CA TYR A 89 -2.90 24.19 4.64
C TYR A 89 -3.72 23.70 3.47
N SER A 90 -3.53 24.35 2.34
CA SER A 90 -3.92 23.90 1.03
C SER A 90 -3.89 22.39 0.79
N PHE A 91 -2.89 21.69 1.36
CA PHE A 91 -2.77 20.24 1.18
C PHE A 91 -3.89 19.42 1.83
N MET A 92 -4.78 20.12 2.53
CA MET A 92 -5.94 19.54 3.16
C MET A 92 -7.17 19.42 2.22
N VAL A 93 -7.06 19.80 0.95
CA VAL A 93 -8.21 19.69 0.06
C VAL A 93 -8.88 18.32 0.12
N PRO A 94 -8.08 17.23 0.22
CA PRO A 94 -8.74 15.92 0.19
C PRO A 94 -9.74 15.73 1.31
N VAL A 95 -9.51 16.38 2.43
CA VAL A 95 -10.46 16.36 3.53
C VAL A 95 -11.61 17.32 3.23
N PHE A 96 -11.29 18.60 3.19
CA PHE A 96 -12.24 19.70 3.03
C PHE A 96 -13.05 19.71 1.76
N GLY A 97 -12.36 19.56 0.64
CA GLY A 97 -12.99 19.71 -0.64
C GLY A 97 -12.54 20.97 -1.34
N GLU A 98 -12.76 21.01 -2.64
CA GLU A 98 -12.05 21.94 -3.49
C GLU A 98 -11.98 23.37 -2.98
N GLY A 99 -13.11 23.99 -2.68
CA GLY A 99 -13.03 25.43 -2.35
C GLY A 99 -13.47 25.75 -0.94
N VAL A 100 -13.17 24.88 0.00
CA VAL A 100 -13.83 24.84 1.29
C VAL A 100 -12.88 25.12 2.46
N ALA A 101 -13.42 25.68 3.54
CA ALA A 101 -12.65 26.05 4.74
C ALA A 101 -11.50 26.95 4.33
N TYR A 102 -10.27 26.53 4.54
CA TYR A 102 -9.13 27.39 4.25
C TYR A 102 -9.04 27.75 2.78
N ALA A 103 -9.75 27.03 1.89
CA ALA A 103 -9.71 27.33 0.44
C ALA A 103 -10.67 28.47 0.03
N ALA A 104 -11.72 28.72 0.81
CA ALA A 104 -12.62 29.80 0.46
C ALA A 104 -12.05 31.19 0.75
N PRO A 105 -12.72 32.24 0.28
CA PRO A 105 -12.46 33.57 0.82
C PRO A 105 -12.57 33.64 2.36
N TYR A 106 -11.71 34.46 2.94
CA TYR A 106 -11.47 34.49 4.36
C TYR A 106 -12.74 34.74 5.18
N PRO A 107 -13.60 35.71 4.77
CA PRO A 107 -14.88 35.89 5.47
C PRO A 107 -15.70 34.62 5.38
N ARG A 108 -15.85 34.08 4.16
CA ARG A 108 -16.61 32.84 3.96
C ARG A 108 -16.00 31.65 4.73
N MET A 109 -14.68 31.50 4.68
CA MET A 109 -13.99 30.52 5.52
C MET A 109 -14.44 30.70 6.97
N ARG A 110 -14.34 31.92 7.48
CA ARG A 110 -14.69 32.17 8.84
C ARG A 110 -16.15 31.78 9.13
N GLU A 111 -17.06 32.04 8.20
CA GLU A 111 -18.45 31.64 8.40
C GLU A 111 -18.61 30.13 8.48
N GLN A 112 -17.90 29.42 7.60
CA GLN A 112 -17.94 27.97 7.58
C GLN A 112 -17.47 27.41 8.95
N LEU A 113 -16.31 27.82 9.41
CA LEU A 113 -15.81 27.41 10.72
C LEU A 113 -16.72 27.83 11.90
N ASN A 114 -17.30 29.01 11.85
CA ASN A 114 -18.28 29.40 12.83
C ASN A 114 -19.49 28.46 12.85
N PHE A 115 -19.97 28.04 11.70
CA PHE A 115 -21.14 27.19 11.71
C PHE A 115 -20.80 25.87 12.38
N LEU A 116 -19.64 25.31 12.03
CA LEU A 116 -19.10 24.15 12.74
C LEU A 116 -18.86 24.38 14.26
N ALA A 117 -18.25 25.50 14.60
CA ALA A 117 -18.02 25.82 15.99
C ALA A 117 -19.36 25.81 16.70
N GLU A 118 -20.39 26.42 16.13
CA GLU A 118 -21.64 26.60 16.86
C GLU A 118 -22.38 25.28 17.01
N GLU A 119 -21.80 24.23 16.45
CA GLU A 119 -22.40 22.89 16.48
C GLU A 119 -21.66 21.96 17.45
N LEU A 120 -20.63 22.51 18.12
CA LEU A 120 -19.80 21.77 19.09
C LEU A 120 -19.64 22.52 20.42
N THR A 121 -20.43 23.57 20.62
CA THR A 121 -20.45 24.26 21.90
C THR A 121 -21.07 23.37 22.98
N ILE A 122 -20.92 23.79 24.22
CA ILE A 122 -21.53 23.10 25.38
C ILE A 122 -23.08 23.03 25.41
N ALA A 123 -23.75 23.86 24.63
CA ALA A 123 -25.23 23.82 24.60
C ALA A 123 -25.78 22.60 23.85
N LYS A 124 -24.91 21.79 23.23
CA LYS A 124 -25.33 20.56 22.54
C LYS A 124 -25.03 19.30 23.34
N PHE A 125 -24.35 19.46 24.48
CA PHE A 125 -23.70 18.34 25.19
C PHE A 125 -24.54 17.46 26.13
N GLN A 126 -25.76 17.87 26.48
CA GLN A 126 -26.57 17.08 27.43
C GLN A 126 -26.81 15.69 26.85
N ASN A 127 -27.02 15.63 25.54
CA ASN A 127 -27.24 14.36 24.87
C ASN A 127 -25.99 13.56 24.60
N PHE A 128 -24.85 14.24 24.57
CA PHE A 128 -23.61 13.61 24.17
C PHE A 128 -23.09 12.65 25.22
N VAL A 129 -23.11 13.05 26.49
CA VAL A 129 -22.49 12.23 27.55
C VAL A 129 -23.02 10.80 27.59
N PRO A 130 -24.33 10.63 27.75
CA PRO A 130 -24.71 9.22 27.73
C PRO A 130 -24.53 8.61 26.33
N ALA A 131 -24.52 9.41 25.27
CA ALA A 131 -24.17 8.92 23.93
C ALA A 131 -22.68 8.44 23.84
N ILE A 132 -21.74 9.23 24.36
CA ILE A 132 -20.34 8.81 24.41
C ILE A 132 -20.21 7.61 25.32
N GLN A 133 -20.83 7.69 26.50
CA GLN A 133 -20.64 6.63 27.47
C GLN A 133 -21.22 5.33 26.98
N HIS A 134 -22.38 5.38 26.32
CA HIS A 134 -22.97 4.15 25.81
C HIS A 134 -22.04 3.48 24.79
N GLU A 135 -21.48 4.23 23.84
CA GLU A 135 -20.62 3.59 22.86
C GLU A 135 -19.31 3.09 23.47
N VAL A 136 -18.84 3.73 24.54
CA VAL A 136 -17.59 3.32 25.20
C VAL A 136 -17.79 2.02 25.93
N ARG A 137 -18.90 1.91 26.64
CA ARG A 137 -19.24 0.67 27.34
C ARG A 137 -19.46 -0.49 26.39
N LYS A 138 -20.16 -0.26 25.29
CA LYS A 138 -20.45 -1.30 24.33
C LYS A 138 -19.14 -1.84 23.84
N PHE A 139 -18.25 -0.94 23.44
CA PHE A 139 -16.96 -1.35 22.96
C PHE A 139 -16.29 -2.19 24.03
N MET A 140 -16.13 -1.62 25.21
CA MET A 140 -15.45 -2.31 26.29
C MET A 140 -16.09 -3.69 26.60
N ALA A 141 -17.39 -3.85 26.38
CA ALA A 141 -18.07 -5.05 26.85
C ALA A 141 -17.95 -6.21 25.88
N ALA A 142 -17.76 -5.88 24.61
CA ALA A 142 -17.57 -6.86 23.57
C ALA A 142 -16.10 -7.22 23.42
N ASN A 143 -15.19 -6.26 23.53
CA ASN A 143 -13.77 -6.46 23.20
C ASN A 143 -12.84 -6.58 24.40
N TRP A 144 -13.17 -5.90 25.50
CA TRP A 144 -12.44 -6.14 26.74
C TRP A 144 -13.32 -6.98 27.71
N ASP A 145 -13.85 -8.08 27.17
CA ASP A 145 -14.81 -8.95 27.87
C ASP A 145 -14.23 -9.90 28.96
N LYS A 146 -13.01 -10.38 28.77
CA LYS A 146 -12.43 -11.37 29.68
C LYS A 146 -11.98 -10.74 31.00
N ASP A 147 -11.39 -11.53 31.90
CA ASP A 147 -10.83 -11.01 33.14
C ASP A 147 -9.49 -10.30 32.87
N GLU A 148 -8.75 -10.83 31.93
CA GLU A 148 -7.41 -10.40 31.62
C GLU A 148 -7.50 -10.45 30.13
N GLY A 149 -6.81 -9.54 29.44
CA GLY A 149 -6.68 -9.63 28.00
C GLY A 149 -5.69 -8.64 27.46
N GLU A 150 -5.19 -8.88 26.23
CA GLU A 150 -4.20 -8.02 25.59
C GLU A 150 -4.81 -7.39 24.40
N ILE A 151 -4.52 -6.10 24.22
CA ILE A 151 -5.09 -5.30 23.13
C ILE A 151 -4.16 -4.18 22.76
N ASN A 152 -4.45 -3.49 21.65
CA ASN A 152 -3.69 -2.31 21.31
C ASN A 152 -4.50 -1.08 21.76
N LEU A 153 -3.93 -0.26 22.65
CA LEU A 153 -4.66 0.87 23.22
C LEU A 153 -4.97 1.92 22.18
N LEU A 154 -4.00 2.24 21.33
CA LEU A 154 -4.22 3.26 20.30
C LEU A 154 -5.34 2.86 19.32
N GLU A 155 -5.35 1.61 18.91
CA GLU A 155 -6.39 1.18 18.00
C GLU A 155 -7.74 1.16 18.72
N ASP A 156 -7.76 0.63 19.93
CA ASP A 156 -9.01 0.55 20.67
C ASP A 156 -9.58 1.95 21.00
N CYS A 157 -8.72 2.91 21.30
CA CYS A 157 -9.18 4.25 21.49
C CYS A 157 -9.70 4.90 20.21
N SER A 158 -9.03 4.68 19.09
CA SER A 158 -9.56 5.19 17.82
C SER A 158 -10.96 4.67 17.57
N THR A 159 -11.13 3.36 17.69
CA THR A 159 -12.40 2.74 17.41
C THR A 159 -13.40 3.37 18.35
N MET A 160 -13.03 3.57 19.61
CA MET A 160 -13.92 4.24 20.56
C MET A 160 -14.26 5.73 20.18
N ILE A 161 -13.27 6.51 19.76
CA ILE A 161 -13.52 7.89 19.38
C ILE A 161 -14.39 8.05 18.13
N ILE A 162 -14.13 7.28 17.07
CA ILE A 162 -15.01 7.36 15.89
C ILE A 162 -16.41 6.84 16.23
N ASN A 163 -16.48 5.92 17.17
CA ASN A 163 -17.77 5.38 17.54
C ASN A 163 -18.57 6.43 18.30
N THR A 164 -17.95 7.04 19.31
CA THR A 164 -18.61 8.11 20.08
C THR A 164 -18.94 9.30 19.17
N ALA A 165 -17.97 9.74 18.38
CA ALA A 165 -18.19 10.93 17.57
C ALA A 165 -19.42 10.75 16.62
N CYS A 166 -19.59 9.64 15.93
CA CYS A 166 -20.79 9.56 15.11
C CYS A 166 -22.02 9.46 16.00
N GLN A 167 -21.89 8.86 17.16
CA GLN A 167 -23.07 8.65 17.98
C GLN A 167 -23.56 10.02 18.48
N CYS A 168 -22.63 10.97 18.63
CA CYS A 168 -22.97 12.32 19.08
C CYS A 168 -23.49 13.15 17.96
N LEU A 169 -22.75 13.17 16.86
CA LEU A 169 -22.97 14.08 15.75
C LEU A 169 -23.89 13.59 14.62
N PHE A 170 -24.14 12.28 14.50
CA PHE A 170 -24.93 11.76 13.39
C PHE A 170 -26.22 11.18 13.91
N GLY A 171 -27.34 11.46 13.24
CA GLY A 171 -28.63 10.97 13.67
C GLY A 171 -28.88 9.53 13.28
N GLU A 172 -29.92 8.93 13.88
CA GLU A 172 -30.17 7.49 13.71
C GLU A 172 -30.34 7.11 12.26
N ASP A 173 -31.09 7.90 11.51
CA ASP A 173 -31.26 7.60 10.13
C ASP A 173 -29.95 7.61 9.34
N LEU A 174 -29.02 8.50 9.66
CA LEU A 174 -27.78 8.60 8.87
C LEU A 174 -26.90 7.39 9.16
N ARG A 175 -26.80 7.02 10.43
CA ARG A 175 -26.07 5.84 10.83
C ARG A 175 -26.70 4.57 10.29
N LYS A 176 -27.96 4.59 9.91
CA LYS A 176 -28.55 3.39 9.36
C LYS A 176 -27.95 3.13 7.98
N ARG A 177 -27.54 4.18 7.28
CA ARG A 177 -26.84 4.01 6.02
C ARG A 177 -25.32 3.96 6.23
N LEU A 178 -24.87 4.80 7.13
CA LEU A 178 -23.46 5.02 7.32
C LEU A 178 -23.05 4.74 8.76
N ASP A 179 -22.82 3.49 9.13
CA ASP A 179 -22.31 3.31 10.49
C ASP A 179 -20.81 3.72 10.58
N ALA A 180 -20.31 3.78 11.81
CA ALA A 180 -18.99 4.25 12.18
C ALA A 180 -17.91 3.49 11.45
N ARG A 181 -18.14 2.19 11.29
CA ARG A 181 -17.18 1.33 10.63
C ARG A 181 -17.00 1.81 9.21
N ARG A 182 -18.10 2.10 8.55
CA ARG A 182 -18.07 2.48 7.16
C ARG A 182 -17.61 3.92 7.01
N PHE A 183 -18.05 4.81 7.87
CA PHE A 183 -17.52 6.19 7.84
C PHE A 183 -15.99 6.19 8.11
N ALA A 184 -15.52 5.37 9.07
CA ALA A 184 -14.08 5.26 9.29
C ALA A 184 -13.39 4.97 7.96
N GLN A 185 -13.89 3.96 7.27
CA GLN A 185 -13.36 3.49 6.01
C GLN A 185 -13.22 4.57 4.98
N LEU A 186 -14.30 5.33 4.80
CA LEU A 186 -14.31 6.43 3.87
C LEU A 186 -13.42 7.54 4.37
N LEU A 187 -13.34 7.73 5.67
CA LEU A 187 -12.44 8.78 6.19
C LEU A 187 -10.99 8.38 5.89
N ALA A 188 -10.63 7.13 6.16
CA ALA A 188 -9.30 6.64 5.84
C ALA A 188 -9.02 6.79 4.34
N LYS A 189 -10.02 6.52 3.52
CA LYS A 189 -9.84 6.58 2.07
C LYS A 189 -9.44 8.01 1.65
N MET A 190 -10.19 9.01 2.15
CA MET A 190 -9.83 10.43 2.05
C MET A 190 -8.47 10.81 2.63
N GLU A 191 -8.19 10.41 3.87
CA GLU A 191 -6.88 10.65 4.46
C GLU A 191 -5.77 10.02 3.62
N SER A 192 -6.06 8.95 2.87
CA SER A 192 -5.00 8.24 2.09
C SER A 192 -4.41 9.04 0.93
N SER A 193 -5.00 10.17 0.57
CA SER A 193 -4.51 10.95 -0.52
C SER A 193 -3.89 12.28 -0.06
N LEU A 194 -3.73 12.45 1.25
CA LEU A 194 -3.05 13.61 1.76
C LEU A 194 -1.54 13.52 1.47
N ILE A 195 -0.95 14.64 1.03
CA ILE A 195 0.51 14.74 0.98
C ILE A 195 0.98 15.99 1.74
N PRO A 196 1.25 15.83 3.03
CA PRO A 196 1.83 16.96 3.80
C PRO A 196 3.16 17.54 3.27
N ALA A 197 4.00 16.76 2.61
CA ALA A 197 5.17 17.32 1.95
C ALA A 197 4.77 18.54 1.08
N ALA A 198 3.52 18.54 0.59
CA ALA A 198 3.04 19.62 -0.29
C ALA A 198 3.12 21.01 0.33
N VAL A 199 3.16 21.09 1.66
CA VAL A 199 3.47 22.34 2.31
C VAL A 199 4.74 23.00 1.71
N PHE A 200 5.75 22.21 1.35
CA PHE A 200 7.03 22.70 0.79
C PHE A 200 7.26 22.34 -0.68
N LEU A 201 6.36 21.57 -1.26
CA LEU A 201 6.39 21.30 -2.70
C LEU A 201 4.96 21.42 -3.29
N PRO A 202 4.43 22.64 -3.38
CA PRO A 202 3.06 22.81 -3.82
C PRO A 202 2.75 22.04 -5.09
N ILE A 203 3.76 21.87 -5.93
CA ILE A 203 3.58 21.12 -7.15
C ILE A 203 2.86 19.78 -6.93
N LEU A 204 3.04 19.17 -5.76
CA LEU A 204 2.51 17.84 -5.58
C LEU A 204 0.97 17.84 -5.51
N LEU A 205 0.39 19.00 -5.19
CA LEU A 205 -1.08 19.13 -5.15
C LEU A 205 -1.69 19.25 -6.53
N LYS A 206 -0.87 19.44 -7.55
CA LYS A 206 -1.39 19.72 -8.89
C LYS A 206 -1.17 18.58 -9.83
N LEU A 207 -0.45 17.57 -9.39
CA LEU A 207 -0.06 16.47 -10.25
C LEU A 207 -0.84 15.23 -9.86
N PRO A 208 -1.42 14.52 -10.84
CA PRO A 208 -1.88 13.17 -10.55
C PRO A 208 -0.79 12.32 -9.87
N LEU A 209 -1.13 11.81 -8.70
CA LEU A 209 -0.29 10.86 -7.99
C LEU A 209 -1.11 9.59 -7.82
N PRO A 210 -0.46 8.45 -7.55
CA PRO A 210 -1.27 7.22 -7.68
C PRO A 210 -2.46 7.10 -6.68
N GLN A 211 -2.36 7.80 -5.55
CA GLN A 211 -3.48 7.88 -4.62
C GLN A 211 -4.31 9.20 -4.73
N SER A 212 -3.94 10.09 -5.64
CA SER A 212 -4.73 11.28 -5.93
C SER A 212 -6.21 11.02 -5.96
N ALA A 213 -6.60 9.90 -6.58
CA ALA A 213 -7.99 9.60 -6.95
C ALA A 213 -8.88 9.14 -5.80
N ARG A 214 -8.28 8.67 -4.72
CA ARG A 214 -8.98 7.87 -3.73
C ARG A 214 -9.98 8.68 -2.92
N CYS A 215 -9.59 9.86 -2.54
CA CYS A 215 -10.43 10.68 -1.73
C CYS A 215 -11.62 11.17 -2.56
N HIS A 216 -11.46 11.27 -3.88
CA HIS A 216 -12.54 11.75 -4.72
C HIS A 216 -13.63 10.73 -4.81
N GLU A 217 -13.25 9.46 -4.87
CA GLU A 217 -14.23 8.37 -4.93
C GLU A 217 -15.00 8.28 -3.61
N ALA A 218 -14.25 8.31 -2.51
CA ALA A 218 -14.81 8.29 -1.17
C ALA A 218 -15.76 9.45 -0.97
N ARG A 219 -15.38 10.60 -1.47
CA ARG A 219 -16.16 11.79 -1.29
C ARG A 219 -17.43 11.74 -2.10
N THR A 220 -17.37 11.28 -3.34
CA THR A 220 -18.54 11.35 -4.13
C THR A 220 -19.55 10.36 -3.58
N GLU A 221 -19.07 9.28 -2.97
CA GLU A 221 -19.94 8.27 -2.36
C GLU A 221 -20.62 8.82 -1.09
N LEU A 222 -19.90 9.60 -0.30
CA LEU A 222 -20.42 10.16 0.90
C LEU A 222 -21.53 11.19 0.60
N GLN A 223 -21.33 12.02 -0.42
CA GLN A 223 -22.32 13.01 -0.86
C GLN A 223 -23.59 12.35 -1.42
N LYS A 224 -23.40 11.40 -2.33
CA LYS A 224 -24.48 10.51 -2.77
C LYS A 224 -25.35 10.02 -1.61
N ILE A 225 -24.74 9.51 -0.55
CA ILE A 225 -25.49 8.98 0.57
C ILE A 225 -26.19 10.09 1.36
N LEU A 226 -25.46 11.16 1.70
CA LEU A 226 -26.03 12.33 2.40
C LEU A 226 -27.22 12.93 1.65
N SER A 227 -27.05 13.13 0.35
CA SER A 227 -28.13 13.61 -0.51
C SER A 227 -29.34 12.70 -0.39
N GLU A 228 -29.15 11.39 -0.43
CA GLU A 228 -30.29 10.49 -0.29
C GLU A 228 -30.94 10.66 1.08
N ILE A 229 -30.14 10.91 2.12
CA ILE A 229 -30.68 11.05 3.47
C ILE A 229 -31.52 12.31 3.55
N ILE A 230 -31.01 13.39 2.97
CA ILE A 230 -31.67 14.69 3.01
C ILE A 230 -33.06 14.57 2.38
N ILE A 231 -33.13 13.89 1.23
CA ILE A 231 -34.39 13.68 0.53
C ILE A 231 -35.39 12.78 1.28
N ALA A 232 -34.93 11.74 1.95
CA ALA A 232 -35.81 10.92 2.78
C ALA A 232 -36.31 11.72 3.98
N ARG A 233 -35.48 12.65 4.45
CA ARG A 233 -35.77 13.49 5.59
C ARG A 233 -36.91 14.44 5.23
N LYS A 234 -36.82 14.99 4.02
CA LYS A 234 -37.75 16.00 3.53
C LYS A 234 -39.13 15.44 3.20
N ALA A 235 -39.17 14.18 2.77
CA ALA A 235 -40.43 13.50 2.49
C ALA A 235 -41.15 13.19 3.81
N ALA A 236 -40.37 12.86 4.84
CA ALA A 236 -40.91 12.56 6.16
C ALA A 236 -41.26 13.81 6.99
N ALA A 237 -40.76 14.98 6.57
CA ALA A 237 -41.12 16.26 7.21
C ALA A 237 -42.45 16.83 6.67
N VAL A 238 -42.94 16.28 5.55
CA VAL A 238 -44.28 16.58 5.04
C VAL A 238 -45.35 15.73 5.78
N ASN A 239 -45.01 14.44 5.97
CA ASN A 239 -45.84 13.49 6.73
C ASN A 239 -45.87 13.81 8.25
N LYS A 240 -44.74 14.30 8.80
CA LYS A 240 -44.53 14.61 10.26
C LYS A 240 -44.20 13.37 11.12
N SER A 242 -38.93 15.85 11.97
CA SER A 242 -37.57 15.76 12.49
C SER A 242 -37.62 15.43 13.98
N SER A 243 -37.75 16.49 14.78
CA SER A 243 -37.65 16.45 16.25
C SER A 243 -36.19 16.37 16.78
N THR A 244 -35.37 15.45 16.26
CA THR A 244 -33.93 15.49 16.61
C THR A 244 -33.04 15.98 15.46
N SER A 245 -32.41 17.12 15.75
CA SER A 245 -31.33 17.65 14.96
C SER A 245 -30.03 16.85 15.17
N ASP A 246 -29.17 16.92 14.18
CA ASP A 246 -27.82 16.37 14.29
C ASP A 246 -26.88 17.40 13.66
N LEU A 247 -25.62 17.06 13.43
CA LEU A 247 -24.66 17.95 12.76
C LEU A 247 -25.11 18.29 11.33
N LEU A 248 -25.71 17.32 10.65
CA LEU A 248 -26.13 17.51 9.27
C LEU A 248 -27.25 18.54 9.18
N SER A 249 -28.31 18.35 9.96
CA SER A 249 -29.43 19.32 9.96
C SER A 249 -28.95 20.69 10.39
N GLY A 250 -28.10 20.75 11.40
CA GLY A 250 -27.44 22.00 11.77
C GLY A 250 -26.84 22.77 10.61
N LEU A 251 -25.89 22.13 9.91
CA LEU A 251 -25.21 22.72 8.78
C LEU A 251 -26.16 23.01 7.62
N LEU A 252 -27.14 22.14 7.39
CA LEU A 252 -28.09 22.37 6.30
C LEU A 252 -28.94 23.59 6.53
N SER A 253 -29.31 23.84 7.78
CA SER A 253 -30.19 24.97 8.01
C SER A 253 -29.40 26.25 8.25
N ALA A 254 -28.05 26.19 8.20
CA ALA A 254 -27.26 27.43 8.17
C ALA A 254 -27.57 28.30 6.94
N VAL A 255 -27.45 29.62 7.14
CA VAL A 255 -27.63 30.62 6.09
C VAL A 255 -26.49 31.60 6.25
N TYR A 256 -25.75 31.87 5.17
CA TYR A 256 -24.61 32.77 5.24
C TYR A 256 -25.09 34.23 5.47
N ARG A 257 -24.16 35.16 5.61
CA ARG A 257 -24.49 36.58 5.77
C ARG A 257 -25.13 37.14 4.49
N ASP A 258 -24.74 36.66 3.31
CA ASP A 258 -25.32 37.12 2.06
C ASP A 258 -26.68 36.51 1.72
N GLY A 259 -27.25 35.71 2.62
CA GLY A 259 -28.56 35.09 2.38
C GLY A 259 -28.58 33.66 1.88
N THR A 260 -27.46 33.17 1.31
CA THR A 260 -27.42 31.86 0.63
C THR A 260 -27.06 30.71 1.58
N PRO A 261 -27.54 29.50 1.29
CA PRO A 261 -27.14 28.36 2.08
C PRO A 261 -25.87 27.67 1.58
N MET A 262 -25.39 26.73 2.37
CA MET A 262 -24.29 25.83 2.03
C MET A 262 -24.68 24.88 0.93
N SER A 263 -23.78 24.68 -0.01
CA SER A 263 -23.90 23.58 -0.94
C SER A 263 -23.61 22.30 -0.16
N LEU A 264 -24.06 21.16 -0.70
CA LEU A 264 -23.82 19.85 -0.06
C LEU A 264 -22.34 19.51 -0.03
N HIS A 265 -21.62 19.98 -1.06
CA HIS A 265 -20.18 19.88 -1.09
C HIS A 265 -19.56 20.56 0.14
N GLU A 266 -19.99 21.78 0.49
CA GLU A 266 -19.52 22.44 1.74
C GLU A 266 -20.02 21.74 3.03
N VAL A 267 -21.27 21.34 3.08
CA VAL A 267 -21.74 20.59 4.22
C VAL A 267 -20.84 19.37 4.47
N CYS A 268 -20.65 18.59 3.44
CA CYS A 268 -19.85 17.38 3.52
C CYS A 268 -18.41 17.66 3.95
N GLY A 269 -17.80 18.67 3.33
CA GLY A 269 -16.48 19.16 3.76
C GLY A 269 -16.35 19.50 5.23
N MET A 270 -17.40 20.03 5.82
CA MET A 270 -17.34 20.40 7.22
C MET A 270 -17.50 19.19 8.09
N ILE A 271 -18.35 18.25 7.69
CA ILE A 271 -18.53 17.01 8.42
C ILE A 271 -17.25 16.21 8.41
N VAL A 272 -16.56 16.10 7.26
CA VAL A 272 -15.33 15.30 7.29
C VAL A 272 -14.22 16.05 7.99
N ALA A 273 -14.26 17.38 7.96
CA ALA A 273 -13.21 18.15 8.62
C ALA A 273 -13.35 17.91 10.12
N ALA A 274 -14.58 17.99 10.57
CA ALA A 274 -14.88 17.85 11.98
C ALA A 274 -14.37 16.49 12.44
N MET A 275 -14.76 15.42 11.75
CA MET A 275 -14.47 14.04 12.21
C MET A 275 -12.98 13.71 12.08
N PHE A 276 -12.35 14.15 10.99
CA PHE A 276 -10.91 14.02 10.86
C PHE A 276 -10.17 14.70 12.02
N ALA A 277 -10.61 15.92 12.34
CA ALA A 277 -9.97 16.70 13.38
C ALA A 277 -10.12 15.96 14.68
N GLY A 278 -11.32 15.47 14.98
CA GLY A 278 -11.56 14.76 16.24
C GLY A 278 -10.91 13.39 16.38
N GLN A 279 -10.92 12.61 15.30
CA GLN A 279 -10.47 11.22 15.34
C GLN A 279 -9.07 11.08 15.88
N HIS A 280 -8.16 11.81 15.28
CA HIS A 280 -6.78 11.61 15.60
C HIS A 280 -6.37 12.26 16.88
N THR A 281 -6.60 13.57 17.00
CA THR A 281 -6.20 14.30 18.19
C THR A 281 -6.88 13.72 19.44
N SER A 282 -8.14 13.34 19.36
CA SER A 282 -8.78 12.87 20.57
C SER A 282 -8.26 11.48 21.00
N SER A 283 -8.13 10.57 20.03
CA SER A 283 -7.54 9.23 20.30
C SER A 283 -6.13 9.22 20.89
N ILE A 284 -5.29 10.09 20.39
CA ILE A 284 -3.94 10.23 20.84
C ILE A 284 -3.89 10.82 22.25
N THR A 285 -4.72 11.82 22.50
CA THR A 285 -4.87 12.36 23.83
C THR A 285 -5.38 11.29 24.83
N THR A 286 -6.44 10.57 24.45
CA THR A 286 -6.94 9.48 25.31
C THR A 286 -5.83 8.45 25.55
N THR A 287 -5.19 8.00 24.47
CA THR A 287 -4.16 6.96 24.55
C THR A 287 -3.00 7.37 25.45
N TRP A 288 -2.44 8.54 25.24
CA TRP A 288 -1.35 8.97 26.11
C TRP A 288 -1.81 8.92 27.58
N SER A 289 -2.92 9.59 27.84
CA SER A 289 -3.38 9.75 29.21
C SER A 289 -3.42 8.44 29.95
N MET A 290 -3.96 7.42 29.29
CA MET A 290 -4.01 6.10 29.89
C MET A 290 -2.60 5.49 30.01
N LEU A 291 -1.78 5.61 28.97
CA LEU A 291 -0.44 5.06 29.02
C LEU A 291 0.26 5.62 30.23
N HIS A 292 0.29 6.94 30.36
CA HIS A 292 0.83 7.57 31.58
C HIS A 292 0.12 7.15 32.86
N LEU A 293 -1.21 7.11 32.83
CA LEU A 293 -1.94 6.80 34.04
C LEU A 293 -1.65 5.38 34.60
N MET A 294 -1.31 4.43 33.73
CA MET A 294 -1.07 3.03 34.09
C MET A 294 0.40 2.72 34.43
N HIS A 295 1.31 3.59 33.99
CA HIS A 295 2.73 3.44 34.31
C HIS A 295 2.96 3.55 35.85
N PRO A 296 3.80 2.66 36.41
CA PRO A 296 4.02 2.62 37.85
C PRO A 296 4.54 3.93 38.45
N ALA A 297 5.38 4.65 37.73
CA ALA A 297 5.89 5.94 38.20
C ALA A 297 4.81 6.98 38.49
N ASN A 298 3.60 6.72 38.01
CA ASN A 298 2.49 7.62 38.18
C ASN A 298 1.37 7.03 39.05
N VAL A 299 1.66 6.03 39.87
CA VAL A 299 0.65 5.49 40.83
C VAL A 299 -0.09 6.55 41.63
N LYS A 300 0.58 7.66 41.94
CA LYS A 300 -0.04 8.75 42.70
C LYS A 300 -1.12 9.46 41.90
N HIS A 301 -0.84 9.70 40.61
CA HIS A 301 -1.83 10.34 39.74
C HIS A 301 -2.97 9.37 39.44
N LEU A 302 -2.72 8.06 39.45
CA LEU A 302 -3.83 7.10 39.24
C LEU A 302 -4.83 7.10 40.40
N GLU A 303 -4.33 7.16 41.64
CA GLU A 303 -5.17 7.29 42.82
C GLU A 303 -5.97 8.58 42.77
N ALA A 304 -5.30 9.68 42.43
CA ALA A 304 -5.93 11.01 42.29
C ALA A 304 -7.13 10.96 41.34
N LEU A 305 -6.97 10.22 40.23
CA LEU A 305 -8.06 10.05 39.26
C LEU A 305 -9.15 9.19 39.82
N ARG A 306 -8.80 8.07 40.42
CA ARG A 306 -9.83 7.21 41.02
C ARG A 306 -10.58 7.88 42.17
N LYS A 307 -9.94 8.85 42.83
CA LYS A 307 -10.55 9.65 43.91
C LYS A 307 -11.62 10.56 43.33
N GLU A 308 -11.31 11.14 42.19
CA GLU A 308 -12.22 11.99 41.46
C GLU A 308 -13.48 11.22 41.04
N ILE A 309 -13.33 9.93 40.73
CA ILE A 309 -14.39 9.10 40.17
C ILE A 309 -15.10 8.14 41.16
N GLU A 310 -14.63 8.03 42.40
CA GLU A 310 -15.24 7.08 43.35
C GLU A 310 -16.78 7.21 43.45
N GLU A 311 -17.28 8.40 43.77
CA GLU A 311 -18.70 8.56 44.09
C GLU A 311 -19.60 8.58 42.84
N PHE A 312 -19.02 8.87 41.68
CA PHE A 312 -19.81 8.98 40.43
C PHE A 312 -20.74 7.78 40.21
N PRO A 313 -21.93 8.01 39.62
CA PRO A 313 -22.79 6.86 39.32
C PRO A 313 -22.31 6.10 38.07
N ALA A 314 -22.89 4.93 37.85
CA ALA A 314 -22.59 4.11 36.67
C ALA A 314 -22.85 4.91 35.43
N GLN A 315 -24.02 5.53 35.35
CA GLN A 315 -24.36 6.37 34.20
C GLN A 315 -24.02 7.83 34.50
N LEU A 316 -22.95 8.31 33.87
CA LEU A 316 -22.48 9.69 34.03
C LEU A 316 -23.45 10.70 33.44
N ASN A 317 -23.44 11.92 34.00
CA ASN A 317 -24.23 13.02 33.46
C ASN A 317 -23.37 14.22 33.12
N TYR A 318 -24.01 15.19 32.46
CA TYR A 318 -23.37 16.40 31.98
C TYR A 318 -22.47 17.02 33.03
N ASN A 319 -22.98 17.09 34.25
CA ASN A 319 -22.34 17.83 35.31
C ASN A 319 -21.05 17.15 35.80
N ASN A 320 -21.06 15.82 35.91
CA ASN A 320 -19.88 15.03 36.35
C ASN A 320 -18.60 15.24 35.51
N VAL A 321 -18.76 15.26 34.20
CA VAL A 321 -17.61 15.26 33.34
C VAL A 321 -17.19 16.71 33.13
N MET A 322 -18.18 17.58 32.94
CA MET A 322 -17.90 18.98 32.69
C MET A 322 -17.37 19.70 33.92
N ASP A 323 -17.95 19.49 35.10
CA ASP A 323 -17.63 20.32 36.28
C ASP A 323 -16.85 19.62 37.39
N GLU A 324 -16.93 18.29 37.44
CA GLU A 324 -16.30 17.50 38.51
C GLU A 324 -15.09 16.64 38.05
N MET A 325 -14.46 16.97 36.92
CA MET A 325 -13.25 16.24 36.48
C MET A 325 -12.06 17.14 36.14
N PRO A 326 -11.76 18.06 37.03
CA PRO A 326 -10.61 18.93 36.76
C PRO A 326 -9.29 18.19 36.71
N PHE A 327 -9.15 17.09 37.46
CA PHE A 327 -7.95 16.25 37.37
C PHE A 327 -7.90 15.48 36.04
N ALA A 328 -8.99 14.82 35.65
CA ALA A 328 -9.06 14.19 34.32
C ALA A 328 -8.58 15.19 33.29
N GLU A 329 -9.01 16.44 33.44
CA GLU A 329 -8.70 17.44 32.44
C GLU A 329 -7.21 17.80 32.46
N ARG A 330 -6.65 17.84 33.67
CA ARG A 330 -5.23 18.10 33.81
C ARG A 330 -4.42 16.99 33.17
N CYS A 331 -4.88 15.76 33.36
CA CYS A 331 -4.28 14.60 32.69
C CYS A 331 -4.30 14.73 31.16
N ALA A 332 -5.47 15.06 30.59
CA ALA A 332 -5.57 15.27 29.14
C ALA A 332 -4.59 16.36 28.72
N ARG A 333 -4.77 17.57 29.23
CA ARG A 333 -3.95 18.72 28.85
C ARG A 333 -2.45 18.42 28.92
N GLU A 334 -1.99 17.93 30.07
CA GLU A 334 -0.57 17.71 30.24
C GLU A 334 -0.04 16.73 29.21
N SER A 335 -0.85 15.73 28.84
CA SER A 335 -0.51 14.77 27.77
C SER A 335 -0.26 15.50 26.45
N ILE A 336 -1.15 16.43 26.14
CA ILE A 336 -0.98 17.30 24.99
C ILE A 336 0.23 18.22 25.20
N ARG A 337 0.39 18.73 26.42
CA ARG A 337 1.59 19.47 26.74
C ARG A 337 2.88 18.64 26.44
N ARG A 338 2.99 17.40 26.96
CA ARG A 338 4.23 16.61 26.77
C ARG A 338 4.43 16.19 25.31
N ASP A 339 3.40 15.62 24.71
CA ASP A 339 3.44 15.14 23.33
C ASP A 339 2.27 15.72 22.54
N PRO A 340 2.44 16.94 22.06
CA PRO A 340 1.36 17.59 21.38
C PRO A 340 1.18 16.96 20.01
N PRO A 341 -0.07 16.63 19.62
CA PRO A 341 -0.30 15.90 18.39
C PRO A 341 -0.14 16.71 17.12
N LEU A 342 -0.10 18.03 17.23
CA LEU A 342 0.23 18.87 16.09
C LEU A 342 1.48 19.64 16.46
N LEU A 343 2.59 19.30 15.82
CA LEU A 343 3.91 19.78 16.18
C LEU A 343 4.15 21.19 15.67
N MET A 344 3.65 21.46 14.46
CA MET A 344 3.88 22.71 13.74
C MET A 344 2.58 23.27 13.18
N LEU A 345 2.18 24.40 13.75
CA LEU A 345 1.15 25.23 13.19
C LEU A 345 1.87 26.21 12.28
N MET A 346 1.38 26.42 11.06
CA MET A 346 2.05 27.26 10.07
C MET A 346 1.19 28.37 9.44
N ARG A 347 1.82 29.47 9.02
CA ARG A 347 1.16 30.52 8.26
C ARG A 347 2.07 31.00 7.13
N LYS A 348 1.50 31.64 6.12
CA LYS A 348 2.29 32.26 5.06
C LYS A 348 2.32 33.75 5.29
N VAL A 349 3.51 34.29 5.52
CA VAL A 349 3.69 35.72 5.78
C VAL A 349 3.31 36.52 4.53
N MET A 350 2.15 37.19 4.58
CA MET A 350 1.64 37.95 3.44
C MET A 350 2.23 39.33 3.34
N ALA A 351 2.84 39.80 4.44
CA ALA A 351 3.53 41.13 4.50
C ALA A 351 4.50 41.13 5.71
N ASP A 352 5.63 41.83 5.59
CA ASP A 352 6.62 41.88 6.70
C ASP A 352 5.88 41.98 8.02
N VAL A 353 6.32 41.25 9.04
CA VAL A 353 5.70 41.33 10.36
C VAL A 353 6.74 41.33 11.48
N LYS A 354 6.52 42.12 12.52
CA LYS A 354 7.47 42.22 13.66
C LYS A 354 7.34 41.04 14.63
N VAL A 355 8.44 40.37 14.94
CA VAL A 355 8.40 39.27 15.88
C VAL A 355 9.60 39.28 16.79
N GLY A 356 9.41 39.80 18.00
CA GLY A 356 10.52 40.07 18.94
C GLY A 356 11.21 41.35 18.50
N SER A 357 12.54 41.35 18.56
CA SER A 357 13.32 42.22 17.68
C SER A 357 12.98 41.55 16.36
N TYR A 358 13.74 41.74 15.29
CA TYR A 358 13.49 40.92 14.07
C TYR A 358 12.22 41.23 13.28
N VAL A 359 12.39 41.26 11.97
CA VAL A 359 11.30 41.43 11.03
C VAL A 359 11.28 40.20 10.14
N VAL A 360 10.21 39.43 10.22
CA VAL A 360 10.03 38.23 9.42
C VAL A 360 9.43 38.68 8.11
N PRO A 361 10.14 38.44 7.00
CA PRO A 361 9.70 39.04 5.74
C PRO A 361 8.58 38.31 5.03
N LYS A 362 7.80 39.07 4.29
CA LYS A 362 6.92 38.58 3.24
C LYS A 362 7.51 37.34 2.51
N GLY A 363 6.66 36.37 2.23
CA GLY A 363 7.04 35.20 1.42
C GLY A 363 7.43 33.97 2.24
N ASP A 364 7.99 34.21 3.41
CA ASP A 364 8.30 33.18 4.40
C ASP A 364 7.10 32.34 4.79
N ILE A 365 7.37 31.15 5.28
CA ILE A 365 6.41 30.41 6.03
C ILE A 365 6.82 30.58 7.45
N ILE A 366 5.92 31.12 8.26
CA ILE A 366 6.14 31.32 9.68
C ILE A 366 5.44 30.21 10.44
N ALA A 367 6.10 29.73 11.48
CA ALA A 367 5.65 28.56 12.25
C ALA A 367 5.78 28.81 13.73
N CYS A 368 4.76 28.41 14.46
CA CYS A 368 4.87 28.23 15.89
C CYS A 368 4.70 26.71 16.13
N SER A 369 5.61 26.16 16.93
CA SER A 369 5.67 24.72 17.20
C SER A 369 5.30 24.40 18.65
N PRO A 370 4.13 23.78 18.85
CA PRO A 370 3.81 23.35 20.20
C PRO A 370 4.85 22.41 20.75
N LEU A 371 5.32 21.47 19.92
CA LEU A 371 6.42 20.58 20.35
C LEU A 371 7.62 21.37 20.91
N LEU A 372 8.08 22.41 20.24
CA LEU A 372 9.25 23.16 20.72
C LEU A 372 8.96 23.97 21.98
N SER A 373 7.81 24.63 21.97
CA SER A 373 7.41 25.50 23.02
C SER A 373 7.09 24.73 24.27
N HIS A 374 6.48 23.57 24.16
CA HIS A 374 6.18 22.77 25.35
C HIS A 374 7.40 22.11 25.99
N HIS A 375 8.58 22.35 25.42
CA HIS A 375 9.85 21.92 26.00
C HIS A 375 10.82 23.04 26.33
N ASP A 376 10.34 24.27 26.34
CA ASP A 376 11.11 25.38 26.86
C ASP A 376 11.26 25.21 28.38
N GLU A 377 12.51 25.11 28.84
CA GLU A 377 12.78 24.82 30.26
C GLU A 377 12.46 25.97 31.22
N GLU A 378 12.20 27.18 30.71
CA GLU A 378 11.60 28.22 31.53
C GLU A 378 10.11 27.96 31.72
N ALA A 379 9.39 27.74 30.62
CA ALA A 379 7.94 27.50 30.68
C ALA A 379 7.60 26.19 31.41
N PHE A 380 8.32 25.14 31.05
CA PHE A 380 8.00 23.79 31.48
C PHE A 380 9.27 23.08 31.89
N PRO A 381 9.71 23.31 33.14
CA PRO A 381 10.85 22.62 33.73
C PRO A 381 10.65 21.13 33.68
N GLU A 382 11.69 20.38 33.35
CA GLU A 382 11.61 18.90 33.33
C GLU A 382 10.53 18.46 32.37
N PRO A 383 10.57 19.00 31.14
CA PRO A 383 9.46 18.91 30.22
C PRO A 383 9.17 17.48 29.71
N ARG A 384 10.12 16.58 29.81
CA ARG A 384 9.87 15.18 29.45
C ARG A 384 9.27 14.42 30.63
N ARG A 385 9.04 15.09 31.75
CA ARG A 385 8.30 14.45 32.83
C ARG A 385 6.84 14.83 32.75
N TRP A 386 5.99 13.81 32.85
CA TRP A 386 4.58 14.01 32.79
C TRP A 386 4.10 14.29 34.20
N ASP A 387 3.59 15.49 34.40
CA ASP A 387 3.11 15.92 35.70
C ASP A 387 1.85 16.73 35.53
N PRO A 388 0.69 16.13 35.74
CA PRO A 388 -0.55 16.86 35.48
C PRO A 388 -0.78 18.02 36.44
N GLU A 389 -0.10 18.00 37.59
CA GLU A 389 -0.21 19.08 38.57
C GLU A 389 0.57 20.31 38.16
N ARG A 390 1.35 20.23 37.09
CA ARG A 390 2.13 21.39 36.64
C ARG A 390 1.26 22.49 36.02
N ASP A 391 1.82 23.70 35.99
CA ASP A 391 1.23 24.85 35.30
C ASP A 391 2.32 25.56 34.48
N GLU A 392 1.92 26.21 33.41
CA GLU A 392 2.85 26.96 32.58
C GLU A 392 3.51 28.10 33.36
N LYS A 393 4.83 28.18 33.36
CA LYS A 393 5.48 29.26 34.09
C LYS A 393 5.53 30.53 33.24
N VAL A 394 5.48 30.38 31.92
CA VAL A 394 5.35 31.54 31.05
C VAL A 394 3.94 31.62 30.52
N GLU A 395 3.23 32.63 30.97
CA GLU A 395 1.87 32.87 30.51
C GLU A 395 1.72 32.65 29.00
N GLY A 396 0.76 31.80 28.62
CA GLY A 396 0.51 31.49 27.22
C GLY A 396 1.45 30.50 26.53
N ALA A 397 2.30 29.79 27.29
CA ALA A 397 3.26 28.86 26.67
C ALA A 397 2.61 27.57 26.15
N PHE A 398 1.52 27.15 26.78
CA PHE A 398 0.72 26.04 26.26
C PHE A 398 -0.04 26.56 25.05
N ILE A 399 0.17 25.90 23.93
CA ILE A 399 -0.51 26.20 22.67
C ILE A 399 -1.03 24.92 22.02
N GLY A 400 -1.36 23.94 22.86
CA GLY A 400 -1.75 22.61 22.38
C GLY A 400 -2.99 22.65 21.55
N PHE A 401 -3.91 23.52 21.94
CA PHE A 401 -5.14 23.77 21.19
C PHE A 401 -5.05 25.04 20.37
N GLY A 402 -3.85 25.42 19.98
CA GLY A 402 -3.62 26.70 19.27
C GLY A 402 -4.06 27.92 20.08
N ALA A 403 -4.23 29.02 19.38
CA ALA A 403 -4.67 30.28 20.00
C ALA A 403 -5.06 31.31 18.95
N GLY A 404 -5.72 32.37 19.39
CA GLY A 404 -5.95 33.53 18.55
C GLY A 404 -6.97 33.27 17.50
N VAL A 405 -6.71 33.75 16.31
CA VAL A 405 -7.74 33.77 15.28
C VAL A 405 -8.08 32.33 14.84
N HIS A 406 -7.12 31.41 14.87
CA HIS A 406 -7.40 29.99 14.59
C HIS A 406 -7.43 29.03 15.77
N LYS A 407 -7.53 29.53 16.99
CA LYS A 407 -7.82 28.71 18.17
C LYS A 407 -8.79 27.53 17.85
N CYS A 408 -8.50 26.34 18.38
CA CYS A 408 -9.32 25.16 18.14
C CYS A 408 -10.74 25.35 18.63
N ILE A 409 -11.71 25.05 17.75
CA ILE A 409 -13.15 25.14 18.06
C ILE A 409 -13.77 23.84 18.65
N GLY A 410 -13.00 22.75 18.68
CA GLY A 410 -13.51 21.45 19.11
C GLY A 410 -12.92 21.00 20.43
N GLN A 411 -11.97 21.78 20.93
CA GLN A 411 -11.36 21.56 22.23
C GLN A 411 -12.34 21.01 23.27
N LYS A 412 -13.41 21.72 23.58
CA LYS A 412 -14.32 21.23 24.61
C LYS A 412 -14.84 19.85 24.26
N PHE A 413 -15.28 19.64 23.01
CA PHE A 413 -15.89 18.36 22.61
C PHE A 413 -14.89 17.22 22.67
N GLY A 414 -13.67 17.47 22.22
CA GLY A 414 -12.64 16.46 22.29
C GLY A 414 -12.35 16.06 23.70
N LEU A 415 -12.27 17.04 24.60
CA LEU A 415 -11.94 16.77 25.99
C LEU A 415 -13.11 16.09 26.71
N LEU A 416 -14.31 16.33 26.25
CA LEU A 416 -15.46 15.62 26.76
C LEU A 416 -15.23 14.13 26.52
N GLN A 417 -14.94 13.80 25.27
CA GLN A 417 -14.68 12.45 24.85
C GLN A 417 -13.54 11.78 25.60
N VAL A 418 -12.41 12.46 25.75
CA VAL A 418 -11.28 11.89 26.45
C VAL A 418 -11.64 11.57 27.91
N LYS A 419 -12.22 12.54 28.60
CA LYS A 419 -12.58 12.43 30.00
C LYS A 419 -13.62 11.34 30.26
N THR A 420 -14.66 11.26 29.42
CA THR A 420 -15.63 10.19 29.54
C THR A 420 -14.97 8.82 29.41
N ILE A 421 -14.04 8.72 28.47
CA ILE A 421 -13.30 7.47 28.30
C ILE A 421 -12.43 7.18 29.50
N LEU A 422 -11.56 8.12 29.89
CA LEU A 422 -10.75 7.96 31.09
C LEU A 422 -11.60 7.53 32.30
N ALA A 423 -12.81 8.08 32.45
CA ALA A 423 -13.64 7.82 33.62
C ALA A 423 -14.27 6.44 33.59
N THR A 424 -14.97 6.13 32.51
CA THR A 424 -15.46 4.77 32.28
C THR A 424 -14.35 3.69 32.34
N ALA A 425 -13.27 3.85 31.58
CA ALA A 425 -12.27 2.81 31.50
C ALA A 425 -11.65 2.48 32.85
N PHE A 426 -11.30 3.49 33.63
CA PHE A 426 -10.61 3.26 34.90
C PHE A 426 -11.52 2.96 36.11
N ARG A 427 -12.80 3.31 36.05
CA ARG A 427 -13.77 2.81 37.03
C ARG A 427 -13.78 1.28 37.07
N SER A 428 -13.72 0.68 35.87
CA SER A 428 -13.93 -0.76 35.68
C SER A 428 -12.67 -1.56 35.40
N TYR A 429 -11.55 -0.91 35.04
CA TYR A 429 -10.34 -1.66 34.71
C TYR A 429 -9.03 -1.16 35.34
N ASP A 430 -8.06 -2.05 35.39
CA ASP A 430 -6.66 -1.64 35.48
C ASP A 430 -5.96 -1.91 34.15
N PHE A 431 -4.74 -1.43 34.01
CA PHE A 431 -3.98 -1.66 32.80
C PHE A 431 -2.53 -1.88 33.15
N GLN A 432 -1.95 -2.92 32.59
CA GLN A 432 -0.56 -3.20 32.79
C GLN A 432 0.08 -2.88 31.47
N LEU A 433 1.00 -1.92 31.48
CA LEU A 433 1.77 -1.54 30.29
C LEU A 433 2.82 -2.61 30.02
N LEU A 434 2.92 -3.11 28.79
CA LEU A 434 3.78 -4.26 28.49
C LEU A 434 5.19 -3.90 28.04
N ARG A 435 5.79 -2.88 28.63
CA ARG A 435 7.22 -2.54 28.46
C ARG A 435 7.54 -1.62 29.61
N ASP A 436 8.80 -1.20 29.76
CA ASP A 436 9.24 -0.40 30.93
C ASP A 436 8.91 1.11 30.89
N GLU A 437 8.84 1.70 29.70
CA GLU A 437 8.61 3.15 29.54
C GLU A 437 7.39 3.48 28.70
N VAL A 438 6.73 4.58 29.02
CA VAL A 438 5.70 5.11 28.18
C VAL A 438 6.24 5.04 26.75
N PRO A 439 5.39 4.73 25.78
CA PRO A 439 5.89 4.64 24.45
C PRO A 439 6.53 5.89 23.92
N ASP A 440 7.41 5.71 22.94
CA ASP A 440 8.02 6.81 22.21
C ASP A 440 6.97 7.42 21.32
N PRO A 441 6.98 8.75 21.17
CA PRO A 441 6.16 9.33 20.13
C PRO A 441 6.75 8.98 18.76
N ASP A 442 5.89 8.89 17.75
CA ASP A 442 6.28 8.62 16.37
C ASP A 442 5.90 9.82 15.53
N TYR A 443 6.94 10.50 15.06
CA TYR A 443 6.81 11.76 14.39
C TYR A 443 6.66 11.65 12.87
N HIS A 444 6.55 10.43 12.34
N HIS A 444 6.54 10.42 12.35
CA HIS A 444 6.44 10.24 10.90
CA HIS A 444 6.40 10.17 10.90
C HIS A 444 5.03 10.45 10.32
C HIS A 444 5.03 10.54 10.32
N THR A 445 4.01 10.58 11.17
CA THR A 445 2.65 10.86 10.72
C THR A 445 2.31 12.33 10.87
N MET A 446 1.42 12.80 10.01
CA MET A 446 0.91 14.16 10.03
C MET A 446 0.45 14.63 11.41
N VAL A 447 -0.29 13.79 12.12
CA VAL A 447 -0.79 14.11 13.45
C VAL A 447 -0.13 13.11 14.36
N VAL A 448 0.71 13.57 15.27
CA VAL A 448 1.66 12.68 15.95
C VAL A 448 1.06 12.04 17.19
N GLY A 449 1.28 10.75 17.35
CA GLY A 449 0.84 10.00 18.52
C GLY A 449 1.96 9.10 19.03
N PRO A 450 1.68 8.28 20.06
CA PRO A 450 2.61 7.26 20.45
C PRO A 450 2.75 6.20 19.37
N THR A 451 3.89 5.51 19.34
CA THR A 451 4.20 4.47 18.34
C THR A 451 3.22 3.32 18.54
N ALA A 452 2.44 3.05 17.51
CA ALA A 452 1.41 2.04 17.58
C ALA A 452 2.01 0.69 18.03
N SER A 453 3.09 0.28 17.39
CA SER A 453 3.70 -1.00 17.71
C SER A 453 4.01 -1.12 19.21
N GLN A 454 4.23 0.00 19.91
CA GLN A 454 4.59 -0.04 21.34
C GLN A 454 3.39 0.08 22.31
N CYS A 455 2.17 0.16 21.82
CA CYS A 455 1.02 0.35 22.70
C CYS A 455 0.23 -0.91 23.07
N ARG A 456 0.83 -2.10 23.04
CA ARG A 456 0.10 -3.28 23.53
C ARG A 456 -0.03 -3.15 25.03
N VAL A 457 -1.20 -3.46 25.55
CA VAL A 457 -1.45 -3.25 26.95
C VAL A 457 -2.31 -4.37 27.46
N LYS A 458 -2.21 -4.65 28.75
CA LYS A 458 -3.01 -5.69 29.38
C LYS A 458 -4.14 -5.06 30.18
N TYR A 459 -5.38 -5.39 29.83
CA TYR A 459 -6.51 -4.94 30.62
C TYR A 459 -6.81 -5.97 31.68
N ILE A 460 -7.18 -5.51 32.87
CA ILE A 460 -7.53 -6.39 33.97
C ILE A 460 -8.84 -5.87 34.51
N ARG A 461 -9.87 -6.70 34.52
CA ARG A 461 -11.18 -6.29 35.06
C ARG A 461 -11.02 -6.01 36.54
N ARG A 462 -11.85 -5.14 37.10
CA ARG A 462 -11.84 -4.89 38.57
C ARG A 462 -12.98 -5.60 39.30
N LYS A 463 -12.75 -6.03 40.56
CA LYS A 463 -13.82 -6.56 41.46
C LYS A 463 -14.70 -5.47 42.16
N ALA A 464 -14.32 -4.19 41.99
CA ALA A 464 -15.06 -3.00 42.50
C ALA A 464 -15.10 -1.80 41.49
N THR B 16 -0.25 -38.47 -29.53
CA THR B 16 -0.95 -38.65 -28.24
C THR B 16 -0.81 -37.38 -27.36
N ASP B 17 -0.43 -36.27 -27.97
CA ASP B 17 -0.36 -35.00 -27.24
C ASP B 17 -1.70 -34.28 -27.21
N PRO B 18 -2.03 -33.60 -26.09
CA PRO B 18 -3.21 -32.76 -26.12
C PRO B 18 -2.97 -31.53 -26.97
N PRO B 19 -4.04 -31.02 -27.59
CA PRO B 19 -3.94 -29.92 -28.52
C PRO B 19 -3.65 -28.61 -27.81
N VAL B 20 -2.61 -27.90 -28.23
CA VAL B 20 -2.29 -26.59 -27.66
C VAL B 20 -3.06 -25.48 -28.39
N TYR B 21 -3.70 -24.58 -27.63
CA TYR B 21 -4.38 -23.41 -28.19
C TYR B 21 -3.41 -22.45 -28.88
N PRO B 22 -3.68 -22.06 -30.13
CA PRO B 22 -2.77 -21.14 -30.80
C PRO B 22 -2.28 -20.02 -29.88
N VAL B 23 -0.97 -19.91 -29.75
CA VAL B 23 -0.39 -18.78 -29.06
C VAL B 23 -0.32 -17.61 -30.05
N THR B 24 -0.71 -16.43 -29.61
CA THR B 24 -0.65 -15.22 -30.46
C THR B 24 -0.03 -13.99 -29.74
N VAL B 25 0.49 -14.16 -28.53
CA VAL B 25 1.21 -13.09 -27.86
C VAL B 25 2.51 -13.70 -27.41
N PRO B 26 3.61 -13.42 -28.12
CA PRO B 26 4.88 -14.03 -27.74
C PRO B 26 5.34 -13.62 -26.33
N ILE B 27 6.20 -14.44 -25.72
CA ILE B 27 6.62 -14.30 -24.31
C ILE B 27 5.47 -14.58 -23.35
N LEU B 28 4.49 -13.69 -23.31
CA LEU B 28 3.38 -13.76 -22.36
C LEU B 28 2.43 -14.96 -22.55
N GLY B 29 2.23 -15.42 -23.77
CA GLY B 29 1.33 -16.54 -24.02
C GLY B 29 -0.12 -16.14 -23.88
N HIS B 30 -0.85 -16.86 -23.05
CA HIS B 30 -2.27 -16.66 -22.93
C HIS B 30 -2.65 -15.92 -21.65
N ILE B 31 -1.66 -15.49 -20.88
CA ILE B 31 -1.91 -14.90 -19.57
C ILE B 31 -2.90 -13.72 -19.64
N ILE B 32 -2.73 -12.84 -20.61
CA ILE B 32 -3.63 -11.70 -20.80
C ILE B 32 -5.05 -12.22 -20.93
N GLN B 33 -5.27 -13.02 -21.96
CA GLN B 33 -6.62 -13.44 -22.33
C GLN B 33 -7.23 -14.46 -21.37
N PHE B 34 -6.46 -14.94 -20.40
CA PHE B 34 -6.95 -15.80 -19.33
C PHE B 34 -7.38 -14.93 -18.16
N GLY B 35 -6.55 -13.95 -17.80
CA GLY B 35 -6.85 -13.04 -16.70
C GLY B 35 -8.03 -12.10 -16.99
N LYS B 36 -8.26 -11.82 -18.27
CA LYS B 36 -9.39 -11.00 -18.67
C LYS B 36 -10.72 -11.76 -18.47
N SER B 37 -10.72 -13.07 -18.73
CA SER B 37 -11.92 -13.87 -18.52
C SER B 37 -11.60 -15.37 -18.38
N PRO B 38 -11.25 -15.80 -17.17
CA PRO B 38 -10.88 -17.16 -16.88
C PRO B 38 -11.85 -18.19 -17.44
N LEU B 39 -13.14 -17.99 -17.22
CA LEU B 39 -14.14 -18.95 -17.65
C LEU B 39 -14.33 -18.95 -19.18
N GLY B 40 -14.54 -17.77 -19.73
CA GLY B 40 -14.86 -17.64 -21.15
C GLY B 40 -13.71 -18.06 -22.03
N PHE B 41 -12.49 -17.67 -21.63
CA PHE B 41 -11.32 -18.12 -22.35
C PHE B 41 -11.23 -19.63 -22.36
N MET B 42 -11.48 -20.24 -21.20
CA MET B 42 -11.31 -21.68 -21.07
C MET B 42 -12.33 -22.43 -21.90
N GLN B 43 -13.59 -22.05 -21.77
CA GLN B 43 -14.67 -22.66 -22.57
C GLN B 43 -14.44 -22.51 -24.07
N GLU B 44 -13.87 -21.37 -24.45
CA GLU B 44 -13.53 -21.10 -25.85
C GLU B 44 -12.48 -22.11 -26.37
N CYS B 45 -11.50 -22.46 -25.53
CA CYS B 45 -10.51 -23.47 -25.87
C CYS B 45 -11.20 -24.81 -25.97
N LYS B 46 -11.97 -25.13 -24.93
CA LYS B 46 -12.73 -26.37 -24.87
C LYS B 46 -13.54 -26.55 -26.15
N ARG B 47 -14.07 -25.44 -26.68
CA ARG B 47 -14.77 -25.47 -27.96
C ARG B 47 -13.83 -25.62 -29.16
N GLN B 48 -13.04 -24.59 -29.47
CA GLN B 48 -12.29 -24.57 -30.75
C GLN B 48 -11.34 -25.75 -30.99
N LEU B 49 -11.04 -26.51 -29.94
CA LEU B 49 -10.26 -27.76 -30.06
C LEU B 49 -11.17 -29.00 -29.93
N LYS B 50 -12.46 -28.77 -29.66
CA LYS B 50 -13.48 -29.82 -29.45
C LYS B 50 -12.88 -30.94 -28.59
N SER B 51 -12.54 -30.55 -27.36
CA SER B 51 -11.88 -31.43 -26.43
C SER B 51 -12.00 -30.85 -25.03
N GLY B 52 -12.32 -31.70 -24.06
CA GLY B 52 -12.24 -31.30 -22.66
C GLY B 52 -10.81 -31.19 -22.13
N ILE B 53 -9.86 -31.89 -22.74
CA ILE B 53 -8.45 -31.81 -22.32
C ILE B 53 -7.64 -31.03 -23.35
N PHE B 54 -6.95 -29.98 -22.89
CA PHE B 54 -6.19 -29.08 -23.75
C PHE B 54 -5.12 -28.34 -22.97
N THR B 55 -4.18 -27.75 -23.72
CA THR B 55 -2.97 -27.14 -23.17
C THR B 55 -2.85 -25.69 -23.52
N ILE B 56 -2.72 -24.84 -22.50
CA ILE B 56 -2.49 -23.43 -22.71
C ILE B 56 -1.03 -23.10 -22.36
N ASN B 57 -0.68 -21.83 -22.51
CA ASN B 57 0.68 -21.34 -22.30
C ASN B 57 0.72 -20.12 -21.41
N ILE B 58 1.35 -20.19 -20.25
CA ILE B 58 1.35 -19.07 -19.35
C ILE B 58 2.77 -18.60 -19.03
N VAL B 59 3.12 -17.48 -19.64
CA VAL B 59 4.50 -16.96 -19.62
C VAL B 59 5.49 -18.06 -20.00
N GLY B 60 5.08 -18.89 -20.96
CA GLY B 60 5.96 -19.88 -21.58
C GLY B 60 5.94 -21.24 -20.90
N LYS B 61 5.12 -21.38 -19.85
CA LYS B 61 5.05 -22.63 -19.10
C LYS B 61 3.79 -23.38 -19.52
N ARG B 62 3.93 -24.65 -19.91
CA ARG B 62 2.80 -25.43 -20.39
C ARG B 62 1.81 -25.75 -19.27
N VAL B 63 0.52 -25.52 -19.53
CA VAL B 63 -0.53 -25.87 -18.58
C VAL B 63 -1.59 -26.71 -19.28
N THR B 64 -1.68 -27.98 -18.90
CA THR B 64 -2.70 -28.84 -19.43
C THR B 64 -3.85 -28.87 -18.43
N ILE B 65 -4.96 -28.30 -18.87
CA ILE B 65 -6.22 -28.35 -18.13
C ILE B 65 -6.97 -29.65 -18.45
N VAL B 66 -7.33 -30.38 -17.42
CA VAL B 66 -8.21 -31.53 -17.55
C VAL B 66 -9.62 -31.04 -17.44
N GLY B 67 -10.18 -30.57 -18.53
CA GLY B 67 -11.46 -29.88 -18.50
C GLY B 67 -12.66 -30.75 -18.82
N ASP B 68 -12.52 -32.06 -18.67
CA ASP B 68 -13.63 -32.99 -18.95
C ASP B 68 -13.98 -33.66 -17.62
N PRO B 69 -15.16 -33.37 -17.07
CA PRO B 69 -15.41 -33.93 -15.75
C PRO B 69 -15.32 -35.47 -15.71
N HIS B 70 -15.63 -36.10 -16.85
CA HIS B 70 -15.48 -37.55 -17.00
C HIS B 70 -14.07 -38.03 -16.62
N GLU B 71 -13.07 -37.18 -16.86
CA GLU B 71 -11.67 -37.58 -16.63
C GLU B 71 -11.05 -37.08 -15.35
N HIS B 72 -11.86 -36.45 -14.47
CA HIS B 72 -11.37 -35.89 -13.18
C HIS B 72 -10.40 -36.81 -12.44
N SER B 73 -10.78 -38.08 -12.32
CA SER B 73 -10.01 -39.05 -11.56
C SER B 73 -8.58 -39.23 -12.06
N ARG B 74 -8.29 -38.85 -13.29
CA ARG B 74 -6.91 -38.88 -13.77
C ARG B 74 -6.08 -37.72 -13.21
N PHE B 75 -6.74 -36.78 -12.57
CA PHE B 75 -6.03 -35.73 -11.84
C PHE B 75 -5.98 -35.98 -10.33
N PHE B 76 -7.08 -36.41 -9.75
CA PHE B 76 -7.16 -36.47 -8.30
C PHE B 76 -6.49 -37.66 -7.64
N LEU B 77 -6.60 -38.83 -8.28
CA LEU B 77 -6.20 -40.10 -7.64
C LEU B 77 -4.68 -40.41 -7.61
N PRO B 78 -3.94 -40.04 -8.67
CA PRO B 78 -2.56 -40.43 -8.63
C PRO B 78 -1.85 -39.81 -7.46
N ARG B 79 -0.84 -40.51 -6.97
CA ARG B 79 -0.14 -40.10 -5.77
C ARG B 79 0.87 -39.02 -6.09
N ASN B 80 1.40 -38.41 -5.04
CA ASN B 80 2.31 -37.26 -5.13
C ASN B 80 3.45 -37.50 -6.11
N GLU B 81 3.99 -38.72 -6.06
CA GLU B 81 5.19 -39.10 -6.82
C GLU B 81 4.97 -39.07 -8.35
N VAL B 82 3.71 -39.07 -8.80
CA VAL B 82 3.38 -38.98 -10.21
C VAL B 82 2.89 -37.56 -10.53
N LEU B 83 1.92 -37.06 -9.74
CA LEU B 83 1.40 -35.69 -9.87
C LEU B 83 1.67 -34.95 -8.57
N SER B 84 2.64 -34.05 -8.58
CA SER B 84 3.17 -33.46 -7.33
C SER B 84 2.63 -32.05 -7.09
N PRO B 85 2.20 -31.77 -5.87
CA PRO B 85 1.75 -30.42 -5.56
C PRO B 85 2.83 -29.49 -5.04
N ARG B 86 3.97 -30.02 -4.64
CA ARG B 86 5.06 -29.20 -4.13
C ARG B 86 5.54 -28.04 -4.97
N GLU B 87 6.00 -28.31 -6.19
CA GLU B 87 6.59 -27.26 -7.02
C GLU B 87 5.59 -26.12 -7.32
N VAL B 88 4.31 -26.47 -7.45
CA VAL B 88 3.27 -25.51 -7.86
C VAL B 88 2.73 -24.72 -6.69
N TYR B 89 2.64 -25.34 -5.52
CA TYR B 89 2.17 -24.63 -4.36
C TYR B 89 3.29 -24.12 -3.44
N SER B 90 4.53 -24.08 -3.95
CA SER B 90 5.65 -23.45 -3.21
C SER B 90 5.32 -22.05 -2.79
N PHE B 91 4.69 -21.31 -3.69
CA PHE B 91 4.39 -19.93 -3.44
C PHE B 91 3.66 -19.70 -2.13
N MET B 92 3.12 -20.77 -1.53
CA MET B 92 2.55 -20.71 -0.18
C MET B 92 3.52 -20.56 0.99
N VAL B 93 4.85 -20.59 0.77
CA VAL B 93 5.84 -20.42 1.88
C VAL B 93 5.54 -19.31 2.90
N PRO B 94 5.10 -18.13 2.44
CA PRO B 94 4.79 -17.07 3.39
C PRO B 94 3.79 -17.47 4.46
N VAL B 95 2.82 -18.32 4.11
CA VAL B 95 1.87 -18.85 5.11
C VAL B 95 2.47 -19.97 5.97
N PHE B 96 2.97 -21.03 5.33
CA PHE B 96 3.46 -22.23 6.03
C PHE B 96 4.77 -22.10 6.78
N GLY B 97 5.70 -21.35 6.22
CA GLY B 97 7.02 -21.33 6.79
C GLY B 97 7.94 -22.15 5.94
N GLU B 98 9.24 -21.92 6.14
CA GLU B 98 10.27 -22.61 5.39
C GLU B 98 10.29 -24.09 5.74
N GLY B 99 10.10 -24.92 4.72
CA GLY B 99 10.25 -26.37 4.80
C GLY B 99 9.06 -27.09 5.39
N VAL B 100 7.90 -26.44 5.38
CA VAL B 100 6.69 -26.95 5.99
C VAL B 100 5.68 -27.24 4.90
N ALA B 101 4.74 -28.14 5.16
CA ALA B 101 3.70 -28.47 4.23
C ALA B 101 4.32 -28.71 2.86
N TYR B 102 3.94 -27.91 1.87
CA TYR B 102 4.29 -28.21 0.49
C TYR B 102 5.78 -28.09 0.24
N ALA B 103 6.49 -27.46 1.18
CA ALA B 103 7.95 -27.33 1.07
C ALA B 103 8.74 -28.48 1.66
N ALA B 104 8.13 -29.34 2.47
CA ALA B 104 8.88 -30.50 3.03
C ALA B 104 8.94 -31.70 2.09
N PRO B 105 9.86 -32.61 2.34
CA PRO B 105 9.81 -33.88 1.59
C PRO B 105 8.45 -34.62 1.72
N TYR B 106 8.07 -35.31 0.64
CA TYR B 106 6.74 -35.91 0.51
C TYR B 106 6.29 -36.55 1.80
N PRO B 107 7.07 -37.50 2.37
CA PRO B 107 6.52 -38.19 3.52
C PRO B 107 6.15 -37.23 4.63
N ARG B 108 7.06 -36.31 4.92
CA ARG B 108 6.97 -35.42 6.05
C ARG B 108 5.78 -34.45 5.89
N MET B 109 5.54 -33.98 4.67
CA MET B 109 4.36 -33.19 4.32
C MET B 109 3.07 -33.96 4.58
N ARG B 110 3.00 -35.14 3.97
CA ARG B 110 1.89 -36.04 4.14
C ARG B 110 1.59 -36.15 5.63
N GLU B 111 2.65 -36.35 6.43
CA GLU B 111 2.49 -36.54 7.88
C GLU B 111 1.92 -35.30 8.53
N GLN B 112 2.49 -34.14 8.20
CA GLN B 112 2.04 -32.87 8.77
C GLN B 112 0.58 -32.64 8.48
N LEU B 113 0.19 -32.70 7.19
CA LEU B 113 -1.24 -32.60 6.81
C LEU B 113 -2.14 -33.66 7.49
N ASN B 114 -1.62 -34.85 7.81
CA ASN B 114 -2.43 -35.82 8.54
C ASN B 114 -2.62 -35.37 9.96
N PHE B 115 -1.68 -34.59 10.49
CA PHE B 115 -1.84 -34.14 11.86
C PHE B 115 -2.92 -33.09 11.98
N LEU B 116 -2.98 -32.21 10.96
CA LEU B 116 -4.02 -31.22 10.88
C LEU B 116 -5.35 -31.93 10.64
N ALA B 117 -5.39 -32.86 9.69
CA ALA B 117 -6.61 -33.61 9.44
C ALA B 117 -7.17 -34.10 10.76
N GLU B 118 -6.34 -34.75 11.57
CA GLU B 118 -6.83 -35.31 12.83
C GLU B 118 -7.34 -34.25 13.81
N GLU B 119 -6.86 -33.01 13.67
CA GLU B 119 -7.33 -31.90 14.50
C GLU B 119 -8.65 -31.30 14.03
N LEU B 120 -9.13 -31.72 12.87
CA LEU B 120 -10.37 -31.17 12.33
C LEU B 120 -11.44 -32.23 12.02
N THR B 121 -11.34 -33.41 12.62
CA THR B 121 -12.37 -34.43 12.42
C THR B 121 -13.52 -34.09 13.34
N ILE B 122 -14.65 -34.76 13.06
CA ILE B 122 -15.92 -34.50 13.72
C ILE B 122 -15.90 -34.71 15.24
N ALA B 123 -15.07 -35.63 15.70
CA ALA B 123 -14.96 -35.87 17.13
C ALA B 123 -14.61 -34.56 17.93
N LYS B 124 -13.68 -33.76 17.41
CA LYS B 124 -13.26 -32.53 18.11
C LYS B 124 -14.34 -31.47 18.19
N PHE B 125 -15.42 -31.62 17.43
CA PHE B 125 -16.46 -30.58 17.32
C PHE B 125 -17.47 -30.55 18.45
N GLN B 126 -17.22 -31.29 19.53
CA GLN B 126 -18.23 -31.45 20.58
C GLN B 126 -18.72 -30.08 21.10
N ASN B 127 -17.79 -29.14 21.30
CA ASN B 127 -18.11 -27.83 21.88
C ASN B 127 -18.31 -26.71 20.87
N PHE B 128 -18.00 -26.96 19.61
CA PHE B 128 -17.89 -25.86 18.67
C PHE B 128 -19.20 -25.02 18.52
N VAL B 129 -20.36 -25.65 18.43
CA VAL B 129 -21.56 -24.95 17.93
C VAL B 129 -22.01 -23.82 18.86
N PRO B 130 -22.05 -24.07 20.17
CA PRO B 130 -22.41 -22.93 21.05
C PRO B 130 -21.29 -21.91 21.22
N ALA B 131 -20.07 -22.23 20.75
CA ALA B 131 -18.96 -21.27 20.68
C ALA B 131 -19.14 -20.38 19.48
N ILE B 132 -19.42 -21.01 18.35
CA ILE B 132 -19.63 -20.34 17.08
C ILE B 132 -20.82 -19.45 17.20
N GLN B 133 -21.89 -20.01 17.71
CA GLN B 133 -23.14 -19.30 17.76
C GLN B 133 -23.05 -18.14 18.73
N HIS B 134 -22.29 -18.30 19.82
CA HIS B 134 -22.03 -17.18 20.71
C HIS B 134 -21.26 -16.05 20.00
N GLU B 135 -20.28 -16.36 19.18
CA GLU B 135 -19.53 -15.35 18.45
C GLU B 135 -20.39 -14.65 17.41
N VAL B 136 -21.29 -15.39 16.77
CA VAL B 136 -22.11 -14.80 15.72
C VAL B 136 -23.11 -13.86 16.36
N ARG B 137 -23.78 -14.34 17.40
CA ARG B 137 -24.73 -13.50 18.11
C ARG B 137 -24.05 -12.25 18.67
N LYS B 138 -22.87 -12.42 19.24
CA LYS B 138 -22.10 -11.32 19.80
C LYS B 138 -21.80 -10.32 18.71
N PHE B 139 -21.49 -10.82 17.51
CA PHE B 139 -21.25 -9.91 16.40
C PHE B 139 -22.51 -9.14 16.00
N MET B 140 -23.61 -9.84 15.81
CA MET B 140 -24.91 -9.22 15.44
C MET B 140 -25.48 -8.28 16.48
N ALA B 141 -25.19 -8.52 17.74
CA ALA B 141 -25.71 -7.65 18.81
C ALA B 141 -24.95 -6.32 18.92
N ALA B 142 -23.77 -6.23 18.33
CA ALA B 142 -22.98 -5.01 18.35
C ALA B 142 -23.10 -4.27 17.02
N ASN B 143 -23.14 -5.00 15.90
CA ASN B 143 -23.05 -4.38 14.59
C ASN B 143 -24.34 -4.38 13.76
N TRP B 144 -25.24 -5.32 14.05
CA TRP B 144 -26.52 -5.44 13.34
C TRP B 144 -27.70 -5.16 14.31
N ASP B 145 -27.61 -4.03 15.03
CA ASP B 145 -28.24 -3.78 16.32
C ASP B 145 -29.47 -2.87 16.31
N LYS B 146 -29.79 -2.33 15.13
CA LYS B 146 -30.88 -1.39 14.95
C LYS B 146 -31.98 -2.16 14.25
N ASP B 147 -33.15 -1.56 14.01
CA ASP B 147 -34.20 -2.27 13.26
C ASP B 147 -33.83 -2.45 11.78
N GLU B 148 -32.94 -1.58 11.28
CA GLU B 148 -32.45 -1.61 9.91
C GLU B 148 -31.05 -1.06 9.90
N GLY B 149 -30.31 -1.33 8.84
CA GLY B 149 -28.97 -0.83 8.70
C GLY B 149 -28.26 -1.38 7.50
N GLU B 150 -27.25 -0.64 7.06
CA GLU B 150 -26.47 -1.03 5.91
C GLU B 150 -25.11 -1.47 6.40
N ILE B 151 -24.60 -2.50 5.75
CA ILE B 151 -23.32 -3.11 6.08
C ILE B 151 -22.79 -3.74 4.83
N ASN B 152 -21.48 -3.90 4.80
CA ASN B 152 -20.85 -4.80 3.83
C ASN B 152 -20.89 -6.26 4.36
N LEU B 153 -21.55 -7.12 3.62
CA LEU B 153 -21.76 -8.50 4.05
C LEU B 153 -20.49 -9.37 3.97
N LEU B 154 -19.65 -9.16 2.96
CA LEU B 154 -18.37 -9.90 2.87
C LEU B 154 -17.46 -9.57 4.04
N GLU B 155 -17.31 -8.30 4.37
CA GLU B 155 -16.47 -7.88 5.51
C GLU B 155 -17.03 -8.44 6.82
N ASP B 156 -18.36 -8.47 6.96
CA ASP B 156 -18.94 -8.88 8.22
C ASP B 156 -18.90 -10.39 8.40
N CYS B 157 -19.23 -11.12 7.34
CA CYS B 157 -18.99 -12.55 7.34
C CYS B 157 -17.51 -12.88 7.63
N SER B 158 -16.57 -12.15 7.02
CA SER B 158 -15.15 -12.37 7.29
C SER B 158 -14.84 -12.21 8.77
N THR B 159 -15.30 -11.11 9.36
CA THR B 159 -15.07 -10.88 10.78
C THR B 159 -15.73 -11.98 11.60
N MET B 160 -16.95 -12.37 11.25
CA MET B 160 -17.62 -13.43 11.98
C MET B 160 -16.81 -14.72 11.87
N ILE B 161 -16.37 -15.06 10.65
CA ILE B 161 -15.59 -16.30 10.48
C ILE B 161 -14.24 -16.29 11.24
N ILE B 162 -13.51 -15.17 11.18
CA ILE B 162 -12.28 -15.10 11.95
C ILE B 162 -12.61 -15.21 13.44
N ASN B 163 -13.65 -14.53 13.91
CA ASN B 163 -13.95 -14.60 15.34
C ASN B 163 -14.41 -16.00 15.82
N THR B 164 -15.15 -16.74 15.01
CA THR B 164 -15.59 -18.09 15.38
C THR B 164 -14.44 -19.10 15.29
N ALA B 165 -13.71 -19.06 14.19
CA ALA B 165 -12.61 -20.01 14.02
C ALA B 165 -11.65 -19.91 15.22
N CYS B 166 -11.31 -18.69 15.64
CA CYS B 166 -10.45 -18.53 16.83
C CYS B 166 -11.09 -19.08 18.09
N GLN B 167 -12.38 -18.80 18.30
CA GLN B 167 -13.04 -19.28 19.50
C GLN B 167 -13.04 -20.80 19.57
N CYS B 168 -13.13 -21.46 18.41
CA CYS B 168 -13.08 -22.93 18.35
C CYS B 168 -11.70 -23.50 18.49
N LEU B 169 -10.71 -22.93 17.80
CA LEU B 169 -9.41 -23.58 17.65
C LEU B 169 -8.35 -23.11 18.67
N PHE B 170 -8.58 -21.97 19.34
CA PHE B 170 -7.62 -21.37 20.26
C PHE B 170 -8.12 -21.38 21.71
N GLY B 171 -7.28 -21.80 22.64
CA GLY B 171 -7.70 -21.83 24.05
C GLY B 171 -7.93 -20.44 24.59
N GLU B 172 -8.47 -20.36 25.79
CA GLU B 172 -8.74 -19.07 26.43
C GLU B 172 -7.44 -18.33 26.67
N ASP B 173 -6.40 -19.08 27.03
CA ASP B 173 -5.12 -18.49 27.41
C ASP B 173 -4.40 -17.91 26.19
N LEU B 174 -4.57 -18.57 25.04
CA LEU B 174 -3.99 -18.08 23.79
C LEU B 174 -4.70 -16.83 23.35
N ARG B 175 -6.01 -16.84 23.48
CA ARG B 175 -6.81 -15.72 23.03
C ARG B 175 -6.71 -14.55 24.01
N LYS B 176 -6.16 -14.79 25.20
CA LYS B 176 -5.88 -13.69 26.18
C LYS B 176 -4.66 -12.87 25.77
N ARG B 177 -3.89 -13.41 24.82
CA ARG B 177 -2.71 -12.72 24.29
C ARG B 177 -2.97 -12.21 22.88
N LEU B 178 -3.86 -12.92 22.15
CA LEU B 178 -4.13 -12.72 20.74
C LEU B 178 -5.62 -12.79 20.48
N ASP B 179 -6.33 -11.67 20.41
CA ASP B 179 -7.75 -11.81 20.06
C ASP B 179 -7.88 -12.05 18.56
N ALA B 180 -9.10 -12.23 18.09
CA ALA B 180 -9.36 -12.43 16.67
C ALA B 180 -8.86 -11.22 15.89
N ARG B 181 -9.06 -10.02 16.44
CA ARG B 181 -8.55 -8.81 15.78
C ARG B 181 -7.04 -8.93 15.52
N ARG B 182 -6.24 -9.18 16.55
CA ARG B 182 -4.81 -9.24 16.39
C ARG B 182 -4.31 -10.41 15.56
N PHE B 183 -4.95 -11.58 15.66
CA PHE B 183 -4.60 -12.66 14.74
C PHE B 183 -4.92 -12.34 13.27
N ALA B 184 -6.05 -11.66 13.06
CA ALA B 184 -6.46 -11.32 11.72
C ALA B 184 -5.44 -10.40 11.07
N GLN B 185 -4.86 -9.50 11.85
CA GLN B 185 -3.85 -8.56 11.36
C GLN B 185 -2.62 -9.28 10.91
N LEU B 186 -2.16 -10.20 11.74
CA LEU B 186 -0.89 -10.89 11.54
C LEU B 186 -1.05 -11.85 10.39
N LEU B 187 -2.27 -12.31 10.18
CA LEU B 187 -2.56 -13.20 9.05
C LEU B 187 -2.48 -12.33 7.80
N ALA B 188 -3.07 -11.15 7.91
CA ALA B 188 -3.09 -10.23 6.80
C ALA B 188 -1.67 -9.82 6.40
N LYS B 189 -0.78 -9.57 7.38
CA LYS B 189 0.65 -9.29 7.07
C LYS B 189 1.38 -10.51 6.45
N MET B 190 1.02 -11.73 6.83
CA MET B 190 1.60 -12.86 6.17
C MET B 190 1.09 -13.01 4.75
N GLU B 191 -0.22 -12.95 4.53
CA GLU B 191 -0.78 -13.03 3.15
C GLU B 191 -0.31 -11.88 2.26
N SER B 192 0.15 -10.78 2.83
CA SER B 192 0.56 -9.69 1.97
C SER B 192 1.85 -10.03 1.18
N SER B 193 2.57 -11.07 1.59
CA SER B 193 3.76 -11.48 0.90
C SER B 193 3.50 -12.59 -0.14
N LEU B 194 2.26 -13.05 -0.27
CA LEU B 194 1.95 -14.11 -1.25
C LEU B 194 2.10 -13.52 -2.63
N ILE B 195 2.79 -14.21 -3.51
CA ILE B 195 2.93 -13.81 -4.92
C ILE B 195 2.51 -15.01 -5.79
N PRO B 196 1.21 -15.18 -5.97
CA PRO B 196 0.66 -16.28 -6.77
C PRO B 196 1.23 -16.44 -8.20
N ALA B 197 1.75 -15.38 -8.82
CA ALA B 197 2.32 -15.48 -10.17
C ALA B 197 3.59 -16.34 -10.15
N ALA B 198 4.05 -16.70 -8.96
CA ALA B 198 5.27 -17.43 -8.79
C ALA B 198 5.08 -18.88 -9.20
N VAL B 199 3.81 -19.29 -9.35
CA VAL B 199 3.55 -20.59 -9.95
C VAL B 199 4.24 -20.61 -11.30
N PHE B 200 4.20 -19.50 -12.02
CA PHE B 200 4.74 -19.43 -13.37
C PHE B 200 6.05 -18.67 -13.48
N LEU B 201 6.40 -17.88 -12.47
CA LEU B 201 7.75 -17.28 -12.39
C LEU B 201 8.39 -17.59 -11.03
N PRO B 202 9.03 -18.75 -10.89
CA PRO B 202 9.53 -19.10 -9.57
C PRO B 202 10.61 -18.16 -9.06
N ILE B 203 11.31 -17.48 -9.95
CA ILE B 203 12.36 -16.57 -9.52
C ILE B 203 11.78 -15.67 -8.45
N LEU B 204 10.51 -15.32 -8.57
CA LEU B 204 9.86 -14.39 -7.66
C LEU B 204 9.87 -14.87 -6.21
N LEU B 205 10.06 -16.17 -6.00
CA LEU B 205 10.23 -16.70 -4.64
C LEU B 205 11.66 -16.57 -4.10
N LYS B 206 12.61 -16.18 -4.92
CA LYS B 206 13.98 -16.12 -4.49
C LYS B 206 14.48 -14.67 -4.36
N LEU B 207 13.56 -13.73 -4.43
CA LEU B 207 13.95 -12.34 -4.54
C LEU B 207 13.36 -11.49 -3.41
N PRO B 208 14.20 -10.63 -2.84
CA PRO B 208 13.61 -9.58 -2.05
C PRO B 208 12.79 -8.70 -2.99
N LEU B 209 11.50 -8.66 -2.68
CA LEU B 209 10.54 -7.70 -3.18
C LEU B 209 10.12 -6.89 -1.95
N PRO B 210 9.44 -5.75 -2.17
CA PRO B 210 9.27 -4.84 -1.01
C PRO B 210 8.28 -5.36 0.06
N GLN B 211 7.39 -6.26 -0.34
CA GLN B 211 6.45 -6.91 0.58
C GLN B 211 7.07 -8.11 1.27
N SER B 212 8.25 -8.53 0.82
CA SER B 212 8.84 -9.81 1.23
C SER B 212 9.05 -9.99 2.72
N ALA B 213 9.43 -8.93 3.43
CA ALA B 213 9.74 -9.03 4.87
C ALA B 213 8.50 -9.18 5.74
N ARG B 214 7.36 -8.69 5.24
CA ARG B 214 6.17 -8.57 6.08
C ARG B 214 5.71 -9.85 6.77
N CYS B 215 5.58 -10.94 6.03
CA CYS B 215 5.24 -12.22 6.64
C CYS B 215 6.25 -12.65 7.69
N HIS B 216 7.54 -12.32 7.51
CA HIS B 216 8.58 -12.74 8.46
C HIS B 216 8.52 -12.00 9.77
N GLU B 217 8.15 -10.74 9.76
CA GLU B 217 7.89 -10.03 11.00
C GLU B 217 6.68 -10.61 11.72
N ALA B 218 5.58 -10.85 11.02
CA ALA B 218 4.39 -11.39 11.69
C ALA B 218 4.67 -12.76 12.27
N ARG B 219 5.40 -13.58 11.51
CA ARG B 219 5.66 -14.93 11.91
C ARG B 219 6.48 -14.93 13.15
N THR B 220 7.57 -14.19 13.20
CA THR B 220 8.39 -14.27 14.37
C THR B 220 7.61 -13.74 15.55
N GLU B 221 6.67 -12.85 15.36
CA GLU B 221 5.81 -12.36 16.46
C GLU B 221 4.94 -13.48 17.01
N LEU B 222 4.25 -14.16 16.11
CA LEU B 222 3.35 -15.19 16.46
C LEU B 222 4.07 -16.27 17.22
N GLN B 223 5.22 -16.71 16.72
CA GLN B 223 6.03 -17.74 17.39
C GLN B 223 6.50 -17.31 18.76
N LYS B 224 6.84 -16.05 18.93
CA LYS B 224 7.25 -15.57 20.21
C LYS B 224 6.04 -15.74 21.12
N ILE B 225 4.85 -15.41 20.62
CA ILE B 225 3.68 -15.50 21.47
C ILE B 225 3.34 -16.93 21.84
N LEU B 226 3.29 -17.82 20.85
CA LEU B 226 3.08 -19.24 21.09
C LEU B 226 4.09 -19.80 22.12
N SER B 227 5.37 -19.40 22.05
CA SER B 227 6.39 -19.91 22.97
C SER B 227 6.10 -19.46 24.38
N GLU B 228 5.77 -18.19 24.56
CA GLU B 228 5.37 -17.69 25.87
C GLU B 228 4.14 -18.39 26.43
N ILE B 229 3.17 -18.67 25.59
CA ILE B 229 1.97 -19.38 26.01
C ILE B 229 2.30 -20.81 26.47
N ILE B 230 3.14 -21.49 25.70
CA ILE B 230 3.52 -22.86 25.97
C ILE B 230 4.24 -22.96 27.30
N ILE B 231 5.16 -22.03 27.55
CA ILE B 231 5.92 -22.02 28.79
C ILE B 231 4.98 -21.82 29.99
N ALA B 232 3.99 -20.96 29.84
CA ALA B 232 2.96 -20.75 30.87
C ALA B 232 2.06 -21.98 31.05
N ARG B 233 1.89 -22.72 29.97
CA ARG B 233 1.09 -23.94 29.92
C ARG B 233 1.78 -25.10 30.64
N LYS B 234 3.10 -25.17 30.50
CA LYS B 234 3.92 -26.17 31.17
C LYS B 234 4.23 -25.77 32.62
N ALA B 235 4.22 -24.47 32.93
CA ALA B 235 4.42 -24.01 34.32
C ALA B 235 3.20 -24.28 35.20
N ALA B 236 2.02 -24.39 34.59
CA ALA B 236 0.78 -24.75 35.32
C ALA B 236 0.48 -26.26 35.31
N ALA B 237 1.12 -27.02 34.41
CA ALA B 237 0.86 -28.46 34.27
C ALA B 237 1.46 -29.39 35.33
N VAL B 238 2.25 -28.89 36.29
CA VAL B 238 2.80 -29.75 37.38
C VAL B 238 1.77 -29.99 38.49
N SER B 243 -10.12 -30.98 30.36
CA SER B 243 -10.52 -29.86 29.52
C SER B 243 -9.26 -29.19 28.90
N THR B 244 -9.43 -28.03 28.24
CA THR B 244 -8.27 -27.18 27.87
C THR B 244 -7.44 -27.75 26.69
N SER B 245 -7.95 -28.81 26.06
CA SER B 245 -7.38 -29.31 24.79
C SER B 245 -7.75 -28.38 23.60
N ASP B 246 -6.77 -28.01 22.77
CA ASP B 246 -6.99 -27.13 21.59
C ASP B 246 -6.10 -27.50 20.40
N LEU B 247 -6.14 -26.71 19.34
CA LEU B 247 -5.29 -26.97 18.16
C LEU B 247 -3.82 -26.99 18.57
N LEU B 248 -3.39 -26.02 19.33
CA LEU B 248 -1.99 -25.91 19.64
C LEU B 248 -1.60 -27.16 20.40
N SER B 249 -2.32 -27.53 21.46
CA SER B 249 -1.91 -28.69 22.25
C SER B 249 -1.99 -30.00 21.45
N GLY B 250 -2.92 -30.03 20.50
CA GLY B 250 -3.00 -31.12 19.53
C GLY B 250 -1.67 -31.34 18.81
N LEU B 251 -1.17 -30.27 18.20
CA LEU B 251 0.04 -30.33 17.39
C LEU B 251 1.29 -30.52 18.24
N LEU B 252 1.32 -29.90 19.41
CA LEU B 252 2.43 -30.11 20.32
C LEU B 252 2.53 -31.58 20.78
N SER B 253 1.42 -32.31 20.78
CA SER B 253 1.46 -33.71 21.19
C SER B 253 1.72 -34.65 20.03
N ALA B 254 1.80 -34.15 18.81
CA ALA B 254 1.98 -35.03 17.65
C ALA B 254 3.39 -35.64 17.59
N VAL B 255 3.47 -36.87 17.13
CA VAL B 255 4.75 -37.53 17.04
C VAL B 255 4.89 -38.12 15.66
N TYR B 256 5.76 -37.53 14.85
CA TYR B 256 6.12 -38.10 13.55
C TYR B 256 6.38 -39.64 13.58
N ARG B 257 6.23 -40.28 12.43
CA ARG B 257 6.39 -41.74 12.28
C ARG B 257 7.79 -42.21 12.67
N ASP B 258 8.81 -41.34 12.58
CA ASP B 258 10.11 -41.58 13.25
C ASP B 258 9.92 -41.25 14.72
N GLY B 259 10.95 -41.01 15.48
CA GLY B 259 10.67 -40.70 16.89
C GLY B 259 10.06 -39.35 17.31
N THR B 260 10.21 -38.30 16.48
CA THR B 260 10.33 -36.93 16.97
C THR B 260 9.08 -36.08 16.92
N PRO B 261 9.07 -34.97 17.66
CA PRO B 261 7.97 -34.02 17.63
C PRO B 261 8.12 -32.89 16.60
N MET B 262 7.04 -32.13 16.42
CA MET B 262 7.11 -30.87 15.70
C MET B 262 7.89 -29.80 16.46
N SER B 263 8.61 -29.00 15.69
CA SER B 263 9.20 -27.73 16.12
C SER B 263 8.12 -26.64 16.23
N LEU B 264 8.43 -25.57 16.93
CA LEU B 264 7.45 -24.56 17.10
C LEU B 264 7.12 -23.98 15.75
N HIS B 265 8.14 -23.88 14.91
CA HIS B 265 8.00 -23.36 13.56
C HIS B 265 6.96 -24.09 12.69
N GLU B 266 6.96 -25.41 12.71
CA GLU B 266 5.96 -26.24 12.02
C GLU B 266 4.57 -26.12 12.65
N VAL B 267 4.52 -26.27 13.96
CA VAL B 267 3.26 -26.11 14.69
C VAL B 267 2.62 -24.80 14.26
N CYS B 268 3.40 -23.73 14.30
CA CYS B 268 2.91 -22.42 13.89
C CYS B 268 2.42 -22.41 12.44
N GLY B 269 3.22 -22.99 11.57
CA GLY B 269 2.90 -23.06 10.16
C GLY B 269 1.57 -23.70 9.89
N MET B 270 1.26 -24.74 10.68
CA MET B 270 0.04 -25.51 10.48
C MET B 270 -1.11 -24.73 11.05
N ILE B 271 -0.88 -23.97 12.11
CA ILE B 271 -1.96 -23.14 12.67
C ILE B 271 -2.39 -22.06 11.67
N VAL B 272 -1.43 -21.38 11.05
CA VAL B 272 -1.81 -20.27 10.20
C VAL B 272 -2.34 -20.84 8.91
N ALA B 273 -1.77 -21.97 8.45
CA ALA B 273 -2.29 -22.68 7.24
C ALA B 273 -3.76 -23.01 7.42
N ALA B 274 -4.10 -23.42 8.61
CA ALA B 274 -5.44 -23.84 8.92
C ALA B 274 -6.36 -22.62 8.85
N MET B 275 -6.01 -21.55 9.56
CA MET B 275 -6.87 -20.37 9.63
C MET B 275 -6.92 -19.68 8.28
N PHE B 276 -5.80 -19.65 7.57
CA PHE B 276 -5.80 -19.11 6.22
C PHE B 276 -6.78 -19.85 5.31
N ALA B 277 -6.68 -21.17 5.31
CA ALA B 277 -7.57 -22.01 4.49
C ALA B 277 -9.02 -21.71 4.81
N GLY B 278 -9.34 -21.72 6.09
CA GLY B 278 -10.73 -21.56 6.50
C GLY B 278 -11.29 -20.16 6.42
N GLN B 279 -10.43 -19.15 6.53
CA GLN B 279 -10.91 -17.82 6.70
C GLN B 279 -11.57 -17.43 5.44
N HIS B 280 -10.85 -17.55 4.33
CA HIS B 280 -11.35 -17.07 3.05
C HIS B 280 -12.44 -17.94 2.45
N THR B 281 -12.19 -19.21 2.21
CA THR B 281 -13.20 -20.09 1.60
C THR B 281 -14.56 -20.07 2.36
N SER B 282 -14.51 -20.01 3.68
CA SER B 282 -15.75 -20.10 4.47
C SER B 282 -16.54 -18.81 4.43
N SER B 283 -15.79 -17.69 4.44
CA SER B 283 -16.39 -16.36 4.41
C SER B 283 -17.06 -16.13 3.07
N ILE B 284 -16.36 -16.50 2.03
CA ILE B 284 -16.90 -16.44 0.70
C ILE B 284 -18.14 -17.34 0.53
N THR B 285 -18.06 -18.56 1.06
CA THR B 285 -19.19 -19.47 0.95
C THR B 285 -20.42 -18.90 1.67
N THR B 286 -20.19 -18.26 2.82
CA THR B 286 -21.29 -17.74 3.61
C THR B 286 -21.92 -16.57 2.88
N THR B 287 -21.06 -15.75 2.28
CA THR B 287 -21.49 -14.48 1.74
C THR B 287 -22.29 -14.81 0.51
N TRP B 288 -21.71 -15.62 -0.36
CA TRP B 288 -22.49 -16.08 -1.51
C TRP B 288 -23.82 -16.66 -1.05
N SER B 289 -23.79 -17.50 -0.03
CA SER B 289 -25.01 -18.19 0.32
C SER B 289 -26.08 -17.19 0.76
N MET B 290 -25.70 -16.29 1.64
CA MET B 290 -26.60 -15.25 2.07
C MET B 290 -27.04 -14.33 0.89
N LEU B 291 -26.14 -14.07 -0.03
CA LEU B 291 -26.48 -13.20 -1.17
C LEU B 291 -27.51 -13.88 -2.04
N HIS B 292 -27.36 -15.17 -2.31
CA HIS B 292 -28.34 -15.90 -3.16
C HIS B 292 -29.67 -15.99 -2.42
N LEU B 293 -29.61 -16.42 -1.15
CA LEU B 293 -30.81 -16.54 -0.32
C LEU B 293 -31.60 -15.24 -0.13
N MET B 294 -30.96 -14.08 -0.24
CA MET B 294 -31.67 -12.80 0.00
C MET B 294 -32.26 -12.19 -1.26
N HIS B 295 -31.93 -12.76 -2.42
CA HIS B 295 -32.39 -12.26 -3.71
C HIS B 295 -33.83 -12.73 -3.96
N PRO B 296 -34.72 -11.81 -4.40
CA PRO B 296 -36.14 -12.09 -4.65
C PRO B 296 -36.41 -13.32 -5.50
N ALA B 297 -35.59 -13.54 -6.52
CA ALA B 297 -35.69 -14.70 -7.37
C ALA B 297 -35.51 -16.03 -6.64
N ASN B 298 -35.03 -16.02 -5.40
CA ASN B 298 -34.81 -17.26 -4.65
C ASN B 298 -35.68 -17.39 -3.39
N VAL B 299 -36.72 -16.55 -3.27
CA VAL B 299 -37.75 -16.61 -2.20
C VAL B 299 -38.19 -18.04 -1.82
N LYS B 300 -38.56 -18.84 -2.83
CA LYS B 300 -38.82 -20.28 -2.65
C LYS B 300 -37.74 -20.94 -1.74
N HIS B 301 -36.46 -20.69 -2.04
CA HIS B 301 -35.36 -21.30 -1.29
C HIS B 301 -35.18 -20.72 0.11
N LEU B 302 -35.36 -19.41 0.25
CA LEU B 302 -35.35 -18.78 1.57
C LEU B 302 -36.42 -19.35 2.49
N GLU B 303 -37.61 -19.59 1.95
CA GLU B 303 -38.70 -20.19 2.76
C GLU B 303 -38.32 -21.62 3.17
N ALA B 304 -37.76 -22.36 2.23
CA ALA B 304 -37.21 -23.71 2.51
C ALA B 304 -36.21 -23.68 3.68
N LEU B 305 -35.31 -22.70 3.69
CA LEU B 305 -34.31 -22.64 4.74
C LEU B 305 -34.95 -22.30 6.07
N ARG B 306 -36.03 -21.54 6.05
CA ARG B 306 -36.71 -21.15 7.29
C ARG B 306 -37.53 -22.27 7.88
N LYS B 307 -38.24 -23.01 7.04
CA LYS B 307 -38.91 -24.23 7.49
C LYS B 307 -37.90 -25.17 8.17
N GLU B 308 -36.68 -25.26 7.62
CA GLU B 308 -35.62 -26.08 8.22
C GLU B 308 -35.15 -25.48 9.56
N ILE B 309 -34.84 -24.19 9.60
CA ILE B 309 -34.37 -23.53 10.81
C ILE B 309 -35.47 -23.44 11.87
N GLU B 310 -36.73 -23.20 11.43
CA GLU B 310 -37.89 -22.97 12.33
C GLU B 310 -38.07 -24.13 13.30
N GLU B 311 -37.59 -25.32 12.92
CA GLU B 311 -37.74 -26.51 13.76
C GLU B 311 -36.66 -26.71 14.83
N PHE B 312 -35.76 -25.77 15.00
CA PHE B 312 -34.68 -25.96 15.94
C PHE B 312 -34.86 -25.09 17.13
N PRO B 313 -34.25 -25.45 18.25
CA PRO B 313 -34.23 -24.54 19.39
C PRO B 313 -33.45 -23.27 19.09
N ALA B 314 -33.53 -22.31 20.01
CA ALA B 314 -32.70 -21.12 19.93
C ALA B 314 -31.23 -21.50 20.04
N GLN B 315 -30.91 -22.37 20.98
CA GLN B 315 -29.52 -22.81 21.20
C GLN B 315 -29.17 -24.08 20.39
N LEU B 316 -28.47 -23.92 19.27
CA LEU B 316 -28.14 -25.06 18.40
C LEU B 316 -27.08 -26.00 18.99
N ASN B 317 -26.94 -27.18 18.42
CA ASN B 317 -25.91 -28.12 18.87
C ASN B 317 -25.25 -28.85 17.71
N TYR B 318 -24.21 -29.60 18.04
CA TYR B 318 -23.44 -30.31 17.02
C TYR B 318 -24.29 -31.10 16.01
N ASN B 319 -25.20 -31.95 16.51
CA ASN B 319 -26.08 -32.76 15.64
C ASN B 319 -27.02 -31.91 14.74
N ASN B 320 -27.57 -30.83 15.30
CA ASN B 320 -28.48 -29.92 14.54
C ASN B 320 -27.92 -29.44 13.21
N VAL B 321 -26.70 -28.92 13.21
CA VAL B 321 -26.15 -28.29 11.99
C VAL B 321 -25.42 -29.32 11.13
N MET B 322 -24.78 -30.28 11.77
CA MET B 322 -24.10 -31.34 11.04
C MET B 322 -25.07 -32.25 10.29
N ASP B 323 -25.87 -32.98 11.04
CA ASP B 323 -26.67 -34.06 10.49
C ASP B 323 -28.11 -33.67 10.14
N GLU B 324 -28.59 -32.51 10.59
CA GLU B 324 -30.04 -32.22 10.52
C GLU B 324 -30.37 -31.00 9.67
N MET B 325 -29.40 -30.55 8.86
CA MET B 325 -29.58 -29.34 8.02
C MET B 325 -29.15 -29.55 6.60
N PRO B 326 -29.79 -30.48 5.89
CA PRO B 326 -29.40 -30.82 4.54
C PRO B 326 -29.69 -29.74 3.50
N PHE B 327 -30.63 -28.85 3.79
CA PHE B 327 -30.89 -27.77 2.86
C PHE B 327 -29.88 -26.63 3.01
N ALA B 328 -29.53 -26.26 4.24
CA ALA B 328 -28.49 -25.25 4.41
C ALA B 328 -27.22 -25.79 3.76
N GLU B 329 -26.96 -27.08 3.92
CA GLU B 329 -25.77 -27.67 3.34
C GLU B 329 -25.84 -27.66 1.83
N ARG B 330 -27.04 -27.81 1.31
CA ARG B 330 -27.19 -27.75 -0.14
C ARG B 330 -26.93 -26.36 -0.68
N CYS B 331 -27.34 -25.35 0.07
CA CYS B 331 -27.13 -23.96 -0.31
C CYS B 331 -25.65 -23.59 -0.30
N ALA B 332 -24.90 -24.10 0.68
CA ALA B 332 -23.49 -23.82 0.79
C ALA B 332 -22.80 -24.51 -0.35
N ARG B 333 -23.05 -25.80 -0.52
CA ARG B 333 -22.50 -26.53 -1.71
C ARG B 333 -22.82 -25.96 -3.09
N GLU B 334 -24.05 -25.55 -3.31
CA GLU B 334 -24.41 -24.98 -4.61
C GLU B 334 -23.74 -23.62 -4.81
N SER B 335 -23.42 -22.92 -3.74
CA SER B 335 -22.69 -21.66 -3.86
C SER B 335 -21.25 -21.87 -4.33
N ILE B 336 -20.60 -22.86 -3.75
CA ILE B 336 -19.26 -23.24 -4.10
C ILE B 336 -19.28 -23.88 -5.48
N ARG B 337 -20.37 -24.59 -5.77
CA ARG B 337 -20.58 -25.12 -7.09
C ARG B 337 -20.60 -23.98 -8.12
N ARG B 338 -21.40 -22.95 -7.89
CA ARG B 338 -21.52 -21.87 -8.90
C ARG B 338 -20.29 -21.00 -8.97
N ASP B 339 -19.68 -20.72 -7.83
CA ASP B 339 -18.61 -19.76 -7.80
C ASP B 339 -17.57 -20.29 -6.86
N PRO B 340 -16.83 -21.30 -7.31
CA PRO B 340 -15.91 -21.99 -6.45
C PRO B 340 -14.80 -21.06 -6.04
N PRO B 341 -14.41 -21.03 -4.76
CA PRO B 341 -13.39 -20.11 -4.26
C PRO B 341 -12.00 -20.36 -4.80
N LEU B 342 -11.69 -21.63 -5.10
CA LEU B 342 -10.46 -22.01 -5.73
C LEU B 342 -10.82 -22.42 -7.15
N LEU B 343 -10.38 -21.61 -8.10
CA LEU B 343 -10.73 -21.75 -9.53
C LEU B 343 -9.97 -22.83 -10.21
N MET B 344 -8.71 -23.01 -9.78
CA MET B 344 -7.74 -23.79 -10.53
C MET B 344 -6.76 -24.47 -9.60
N LEU B 345 -6.95 -25.76 -9.50
CA LEU B 345 -6.10 -26.66 -8.74
C LEU B 345 -5.06 -27.23 -9.68
N MET B 346 -3.84 -27.40 -9.18
CA MET B 346 -2.69 -27.72 -10.03
C MET B 346 -1.77 -28.77 -9.46
N ARG B 347 -1.06 -29.47 -10.34
CA ARG B 347 0.03 -30.36 -9.96
C ARG B 347 1.10 -30.28 -11.03
N LYS B 348 2.37 -30.43 -10.63
CA LYS B 348 3.44 -30.67 -11.60
C LYS B 348 3.41 -32.17 -11.96
N VAL B 349 3.51 -32.46 -13.25
CA VAL B 349 3.55 -33.82 -13.74
C VAL B 349 5.00 -34.28 -13.66
N MET B 350 5.22 -35.32 -12.86
CA MET B 350 6.55 -35.81 -12.58
C MET B 350 6.92 -36.97 -13.49
N ALA B 351 5.90 -37.65 -14.02
CA ALA B 351 6.05 -38.77 -14.97
C ALA B 351 4.91 -38.71 -15.97
N ASP B 352 5.14 -39.16 -17.19
CA ASP B 352 4.07 -39.11 -18.19
C ASP B 352 2.82 -39.73 -17.56
N VAL B 353 1.66 -39.10 -17.70
CA VAL B 353 0.38 -39.70 -17.28
C VAL B 353 -0.58 -39.69 -18.46
N LYS B 354 -1.36 -40.75 -18.59
CA LYS B 354 -2.38 -40.81 -19.62
C LYS B 354 -3.60 -40.15 -19.01
N VAL B 355 -4.30 -39.33 -19.80
CA VAL B 355 -5.50 -38.63 -19.33
C VAL B 355 -6.57 -38.78 -20.41
N GLY B 356 -7.42 -39.79 -20.24
CA GLY B 356 -8.34 -40.26 -21.29
C GLY B 356 -7.54 -40.95 -22.38
N SER B 357 -7.75 -40.50 -23.62
CA SER B 357 -6.79 -40.65 -24.72
C SER B 357 -5.97 -39.40 -24.54
N TYR B 358 -4.70 -39.40 -24.96
CA TYR B 358 -3.77 -38.30 -24.67
C TYR B 358 -2.77 -38.68 -23.56
N VAL B 359 -1.53 -38.27 -23.76
CA VAL B 359 -0.46 -38.38 -22.79
C VAL B 359 -0.07 -36.98 -22.35
N VAL B 360 -0.12 -36.68 -21.06
CA VAL B 360 0.39 -35.41 -20.58
C VAL B 360 1.86 -35.59 -20.22
N PRO B 361 2.75 -34.87 -20.92
CA PRO B 361 4.16 -35.17 -20.79
C PRO B 361 4.74 -34.68 -19.49
N LYS B 362 5.83 -35.30 -19.08
CA LYS B 362 6.58 -34.93 -17.88
C LYS B 362 6.97 -33.47 -17.94
N GLY B 363 6.69 -32.73 -16.87
CA GLY B 363 7.10 -31.33 -16.76
C GLY B 363 6.01 -30.32 -17.05
N ASP B 364 4.94 -30.73 -17.72
CA ASP B 364 3.73 -29.90 -17.78
C ASP B 364 3.19 -29.57 -16.35
N ILE B 365 2.50 -28.44 -16.25
CA ILE B 365 1.64 -28.21 -15.11
C ILE B 365 0.30 -28.82 -15.50
N ILE B 366 -0.24 -29.68 -14.66
CA ILE B 366 -1.54 -30.23 -14.94
C ILE B 366 -2.47 -29.62 -13.94
N ALA B 367 -3.63 -29.19 -14.45
CA ALA B 367 -4.60 -28.41 -13.69
C ALA B 367 -5.97 -28.99 -13.94
N CYS B 368 -6.81 -28.94 -12.93
CA CYS B 368 -8.19 -29.31 -13.04
C CYS B 368 -8.92 -28.15 -12.41
N SER B 369 -9.85 -27.56 -13.15
CA SER B 369 -10.44 -26.29 -12.74
C SER B 369 -11.89 -26.48 -12.32
N PRO B 370 -12.19 -26.22 -11.03
CA PRO B 370 -13.54 -26.22 -10.53
C PRO B 370 -14.42 -25.21 -11.20
N LEU B 371 -13.91 -24.04 -11.52
CA LEU B 371 -14.67 -23.09 -12.31
C LEU B 371 -15.24 -23.75 -13.57
N LEU B 372 -14.35 -24.35 -14.34
CA LEU B 372 -14.70 -24.91 -15.63
C LEU B 372 -15.66 -26.09 -15.52
N SER B 373 -15.35 -27.02 -14.63
CA SER B 373 -16.10 -28.26 -14.48
C SER B 373 -17.52 -27.99 -14.01
N HIS B 374 -17.65 -27.05 -13.07
CA HIS B 374 -18.95 -26.68 -12.53
C HIS B 374 -19.76 -25.91 -13.55
N HIS B 375 -19.19 -25.72 -14.74
CA HIS B 375 -19.88 -25.03 -15.84
C HIS B 375 -19.93 -25.84 -17.12
N ASP B 376 -19.57 -27.12 -17.07
CA ASP B 376 -19.87 -28.03 -18.15
C ASP B 376 -21.37 -28.30 -18.11
N GLU B 377 -22.07 -28.09 -19.23
CA GLU B 377 -23.54 -28.23 -19.28
C GLU B 377 -24.06 -29.68 -19.05
N GLU B 378 -23.28 -30.66 -19.45
CA GLU B 378 -23.66 -32.05 -19.21
C GLU B 378 -23.78 -32.33 -17.70
N ALA B 379 -22.80 -31.86 -16.92
CA ALA B 379 -22.82 -32.06 -15.47
C ALA B 379 -23.76 -31.12 -14.74
N PHE B 380 -23.82 -29.86 -15.21
CA PHE B 380 -24.57 -28.78 -14.54
C PHE B 380 -25.34 -27.87 -15.50
N PRO B 381 -26.47 -28.36 -16.04
CA PRO B 381 -27.36 -27.52 -16.84
C PRO B 381 -27.60 -26.15 -16.20
N GLU B 382 -27.73 -25.13 -17.02
CA GLU B 382 -27.95 -23.74 -16.56
C GLU B 382 -26.97 -23.40 -15.46
N PRO B 383 -25.67 -23.57 -15.75
CA PRO B 383 -24.69 -23.46 -14.70
C PRO B 383 -24.74 -22.13 -13.94
N ARG B 384 -25.09 -21.02 -14.61
CA ARG B 384 -25.12 -19.73 -13.94
C ARG B 384 -26.35 -19.56 -13.08
N ARG B 385 -27.30 -20.48 -13.13
CA ARG B 385 -28.39 -20.45 -12.16
C ARG B 385 -28.03 -21.12 -10.82
N TRP B 386 -28.22 -20.40 -9.72
CA TRP B 386 -28.08 -20.95 -8.39
C TRP B 386 -29.35 -21.68 -8.06
N ASP B 387 -29.21 -23.00 -7.83
CA ASP B 387 -30.31 -23.92 -7.55
C ASP B 387 -29.83 -24.93 -6.52
N PRO B 388 -30.10 -24.67 -5.24
CA PRO B 388 -29.63 -25.58 -4.19
C PRO B 388 -30.22 -27.00 -4.28
N GLU B 389 -31.31 -27.15 -5.04
CA GLU B 389 -32.04 -28.39 -5.20
C GLU B 389 -31.34 -29.34 -6.16
N ARG B 390 -30.47 -28.79 -7.03
CA ARG B 390 -29.82 -29.55 -8.13
C ARG B 390 -28.80 -30.57 -7.64
N ASP B 391 -28.39 -31.44 -8.57
CA ASP B 391 -27.35 -32.43 -8.32
C ASP B 391 -26.48 -32.62 -9.54
N GLU B 392 -25.27 -33.11 -9.34
CA GLU B 392 -24.39 -33.39 -10.45
C GLU B 392 -25.08 -34.46 -11.30
N LYS B 393 -25.01 -34.27 -12.62
CA LYS B 393 -25.58 -35.22 -13.56
C LYS B 393 -24.50 -36.10 -14.18
N VAL B 394 -23.25 -35.71 -14.01
CA VAL B 394 -22.13 -36.60 -14.17
C VAL B 394 -21.63 -36.90 -12.77
N GLU B 395 -21.44 -38.17 -12.43
CA GLU B 395 -20.81 -38.52 -11.14
C GLU B 395 -19.46 -37.80 -11.04
N GLY B 396 -19.13 -37.30 -9.85
CA GLY B 396 -17.82 -36.69 -9.56
C GLY B 396 -17.48 -35.36 -10.20
N ALA B 397 -18.48 -34.68 -10.75
CA ALA B 397 -18.24 -33.41 -11.44
C ALA B 397 -17.95 -32.26 -10.47
N PHE B 398 -18.58 -32.29 -9.31
CA PHE B 398 -18.40 -31.22 -8.34
C PHE B 398 -17.08 -31.49 -7.67
N ILE B 399 -16.16 -30.54 -7.77
CA ILE B 399 -14.89 -30.62 -7.07
C ILE B 399 -14.55 -29.34 -6.33
N GLY B 400 -15.58 -28.68 -5.77
CA GLY B 400 -15.36 -27.47 -4.98
C GLY B 400 -14.52 -27.69 -3.75
N PHE B 401 -14.57 -28.90 -3.18
CA PHE B 401 -13.68 -29.36 -2.09
C PHE B 401 -12.55 -30.30 -2.50
N GLY B 402 -12.28 -30.41 -3.80
CA GLY B 402 -11.23 -31.29 -4.29
C GLY B 402 -11.62 -32.74 -4.32
N ALA B 403 -10.63 -33.61 -4.37
CA ALA B 403 -10.88 -35.04 -4.41
C ALA B 403 -9.57 -35.84 -4.30
N GLY B 404 -9.72 -37.12 -3.95
CA GLY B 404 -8.62 -38.06 -4.03
C GLY B 404 -7.58 -37.86 -2.95
N VAL B 405 -6.31 -37.90 -3.33
CA VAL B 405 -5.24 -37.90 -2.34
C VAL B 405 -5.21 -36.56 -1.61
N HIS B 406 -5.66 -35.50 -2.28
CA HIS B 406 -5.63 -34.19 -1.66
C HIS B 406 -6.98 -33.58 -1.38
N LYS B 407 -8.01 -34.40 -1.28
CA LYS B 407 -9.35 -33.87 -0.93
C LYS B 407 -9.31 -33.01 0.35
N CYS B 408 -10.20 -32.04 0.42
CA CYS B 408 -10.21 -31.15 1.58
C CYS B 408 -10.51 -31.87 2.89
N ILE B 409 -9.69 -31.52 3.87
CA ILE B 409 -9.72 -32.08 5.19
C ILE B 409 -10.39 -31.13 6.18
N GLY B 410 -10.77 -29.94 5.72
CA GLY B 410 -11.39 -28.95 6.59
C GLY B 410 -12.82 -28.63 6.23
N GLN B 411 -13.29 -29.33 5.22
CA GLN B 411 -14.62 -29.22 4.69
C GLN B 411 -15.72 -29.28 5.74
N LYS B 412 -15.56 -30.21 6.67
CA LYS B 412 -16.52 -30.40 7.76
C LYS B 412 -16.58 -29.14 8.61
N PHE B 413 -15.43 -28.72 9.08
CA PHE B 413 -15.30 -27.52 9.89
C PHE B 413 -15.76 -26.27 9.14
N GLY B 414 -15.40 -26.15 7.87
CA GLY B 414 -15.85 -25.02 7.06
C GLY B 414 -17.35 -24.93 6.98
N LEU B 415 -17.98 -26.03 6.58
CA LEU B 415 -19.43 -26.07 6.48
C LEU B 415 -20.11 -25.94 7.82
N LEU B 416 -19.50 -26.46 8.89
CA LEU B 416 -20.06 -26.20 10.22
C LEU B 416 -20.16 -24.69 10.53
N GLN B 417 -19.16 -23.90 10.13
CA GLN B 417 -19.23 -22.47 10.38
C GLN B 417 -20.26 -21.77 9.48
N VAL B 418 -20.21 -22.07 8.20
CA VAL B 418 -21.12 -21.48 7.24
C VAL B 418 -22.55 -21.65 7.71
N LYS B 419 -22.91 -22.91 7.94
CA LYS B 419 -24.27 -23.27 8.30
C LYS B 419 -24.72 -22.66 9.65
N THR B 420 -23.86 -22.65 10.66
CA THR B 420 -24.25 -21.99 11.89
C THR B 420 -24.54 -20.52 11.60
N ILE B 421 -23.76 -19.93 10.69
CA ILE B 421 -24.03 -18.52 10.40
C ILE B 421 -25.37 -18.37 9.66
N LEU B 422 -25.60 -19.20 8.64
CA LEU B 422 -26.83 -19.08 7.89
C LEU B 422 -28.09 -19.24 8.78
N ALA B 423 -28.09 -20.27 9.63
CA ALA B 423 -29.21 -20.51 10.54
C ALA B 423 -29.38 -19.37 11.52
N THR B 424 -28.31 -18.98 12.22
CA THR B 424 -28.43 -17.92 13.20
C THR B 424 -28.83 -16.61 12.48
N ALA B 425 -28.25 -16.35 11.32
CA ALA B 425 -28.53 -15.10 10.59
C ALA B 425 -29.98 -14.97 10.12
N PHE B 426 -30.48 -15.98 9.41
CA PHE B 426 -31.81 -15.87 8.84
C PHE B 426 -32.96 -16.12 9.85
N ARG B 427 -32.64 -16.67 11.02
CA ARG B 427 -33.61 -16.85 12.11
C ARG B 427 -34.07 -15.51 12.67
N SER B 428 -33.12 -14.58 12.83
CA SER B 428 -33.34 -13.25 13.40
C SER B 428 -33.43 -12.10 12.40
N TYR B 429 -32.95 -12.27 11.17
CA TYR B 429 -32.91 -11.15 10.22
C TYR B 429 -33.43 -11.51 8.85
N ASP B 430 -33.94 -10.51 8.14
CA ASP B 430 -33.97 -10.54 6.66
C ASP B 430 -32.86 -9.63 6.11
N PHE B 431 -32.73 -9.59 4.78
CA PHE B 431 -31.68 -8.81 4.09
C PHE B 431 -32.18 -8.37 2.74
N GLN B 432 -31.78 -7.17 2.31
CA GLN B 432 -32.16 -6.59 1.01
C GLN B 432 -30.90 -6.33 0.23
N LEU B 433 -30.79 -6.90 -0.94
CA LEU B 433 -29.60 -6.72 -1.78
C LEU B 433 -29.70 -5.31 -2.37
N LEU B 434 -28.73 -4.45 -2.10
CA LEU B 434 -28.83 -3.04 -2.54
C LEU B 434 -28.42 -2.85 -4.04
N ARG B 435 -29.05 -3.64 -4.91
CA ARG B 435 -28.54 -3.95 -6.24
C ARG B 435 -29.48 -4.92 -6.98
N ASP B 436 -29.54 -4.83 -8.30
CA ASP B 436 -30.39 -5.76 -9.07
C ASP B 436 -30.00 -7.23 -8.98
N GLU B 437 -28.70 -7.48 -9.08
CA GLU B 437 -28.19 -8.81 -9.30
C GLU B 437 -27.22 -9.22 -8.20
N VAL B 438 -27.25 -10.50 -7.91
CA VAL B 438 -26.20 -11.16 -7.20
C VAL B 438 -24.89 -10.60 -7.78
N PRO B 439 -23.95 -10.25 -6.90
CA PRO B 439 -22.69 -9.69 -7.33
C PRO B 439 -21.93 -10.53 -8.34
N ASP B 440 -21.05 -9.87 -9.07
CA ASP B 440 -20.17 -10.53 -10.02
C ASP B 440 -19.04 -11.07 -9.22
N PRO B 441 -18.55 -12.27 -9.55
CA PRO B 441 -17.34 -12.73 -8.88
C PRO B 441 -16.16 -11.88 -9.31
N ASP B 442 -15.22 -11.66 -8.40
CA ASP B 442 -14.00 -10.92 -8.70
C ASP B 442 -12.86 -11.89 -8.76
N TYR B 443 -12.38 -12.17 -9.97
CA TYR B 443 -11.33 -13.17 -10.20
C TYR B 443 -9.89 -12.70 -9.93
N HIS B 444 -9.70 -11.44 -9.53
N HIS B 444 -9.74 -11.42 -9.55
CA HIS B 444 -8.35 -10.92 -9.39
CA HIS B 444 -8.45 -10.78 -9.26
C HIS B 444 -7.64 -11.31 -8.06
C HIS B 444 -7.67 -11.44 -8.11
N THR B 445 -8.39 -11.82 -7.06
CA THR B 445 -7.78 -12.35 -5.83
C THR B 445 -7.47 -13.84 -5.97
N MET B 446 -6.64 -14.34 -5.07
CA MET B 446 -6.13 -15.71 -5.13
C MET B 446 -7.16 -16.76 -4.66
N VAL B 447 -8.10 -16.33 -3.83
CA VAL B 447 -9.21 -17.13 -3.36
C VAL B 447 -10.40 -16.28 -3.69
N VAL B 448 -11.14 -16.68 -4.72
CA VAL B 448 -12.11 -15.82 -5.38
C VAL B 448 -13.40 -15.73 -4.60
N GLY B 449 -13.93 -14.53 -4.49
CA GLY B 449 -15.21 -14.29 -3.80
C GLY B 449 -15.98 -13.28 -4.61
N PRO B 450 -17.15 -12.84 -4.13
CA PRO B 450 -17.86 -11.78 -4.81
C PRO B 450 -17.16 -10.43 -4.62
N THR B 451 -17.41 -9.53 -5.56
CA THR B 451 -16.77 -8.23 -5.60
C THR B 451 -17.16 -7.47 -4.34
N ALA B 452 -16.15 -7.07 -3.58
CA ALA B 452 -16.39 -6.54 -2.24
C ALA B 452 -17.32 -5.33 -2.26
N SER B 453 -17.11 -4.45 -3.21
CA SER B 453 -17.92 -3.24 -3.30
C SER B 453 -19.35 -3.51 -3.69
N GLN B 454 -19.66 -4.69 -4.25
CA GLN B 454 -21.05 -4.94 -4.64
C GLN B 454 -21.84 -5.55 -3.49
N CYS B 455 -21.17 -5.81 -2.36
CA CYS B 455 -21.74 -6.57 -1.24
C CYS B 455 -22.42 -5.72 -0.12
N ARG B 456 -22.76 -4.47 -0.41
CA ARG B 456 -23.52 -3.66 0.56
C ARG B 456 -24.92 -4.19 0.58
N VAL B 457 -25.43 -4.37 1.79
CA VAL B 457 -26.68 -5.07 2.01
C VAL B 457 -27.38 -4.39 3.19
N LYS B 458 -28.71 -4.46 3.20
CA LYS B 458 -29.48 -3.84 4.31
C LYS B 458 -30.03 -4.95 5.17
N TYR B 459 -29.67 -4.99 6.45
CA TYR B 459 -30.25 -5.96 7.37
C TYR B 459 -31.54 -5.41 7.95
N ILE B 460 -32.57 -6.25 7.99
CA ILE B 460 -33.86 -5.94 8.63
C ILE B 460 -34.12 -6.93 9.76
N ARG B 461 -34.23 -6.43 10.97
CA ARG B 461 -34.51 -7.27 12.14
C ARG B 461 -35.96 -7.72 12.10
N ARG B 462 -36.18 -9.02 12.27
CA ARG B 462 -37.53 -9.57 12.12
C ARG B 462 -38.38 -9.37 13.36
N LYS B 463 -39.68 -9.20 13.09
CA LYS B 463 -40.79 -9.11 14.08
C LYS B 463 -40.34 -8.87 15.53
N THR C 16 -24.40 -15.73 -30.49
CA THR C 16 -25.11 -14.43 -30.27
C THR C 16 -24.13 -13.28 -29.96
N ASP C 17 -22.83 -13.56 -29.94
CA ASP C 17 -21.77 -12.54 -29.78
C ASP C 17 -21.55 -11.87 -31.13
N PRO C 18 -21.26 -10.57 -31.17
CA PRO C 18 -20.91 -9.99 -32.48
C PRO C 18 -19.62 -10.55 -33.03
N PRO C 19 -19.40 -10.39 -34.34
CA PRO C 19 -18.16 -10.85 -34.95
C PRO C 19 -17.01 -9.96 -34.60
N VAL C 20 -15.94 -10.56 -34.08
CA VAL C 20 -14.72 -9.84 -33.76
C VAL C 20 -13.95 -9.69 -35.09
N TYR C 21 -13.10 -8.68 -35.20
CA TYR C 21 -12.22 -8.53 -36.33
C TYR C 21 -10.92 -9.18 -35.92
N PRO C 22 -10.26 -9.89 -36.86
CA PRO C 22 -8.97 -10.50 -36.50
C PRO C 22 -7.90 -9.50 -36.00
N VAL C 23 -7.34 -9.82 -34.84
CA VAL C 23 -6.17 -9.13 -34.30
C VAL C 23 -4.95 -9.72 -35.00
N THR C 24 -4.12 -8.88 -35.63
CA THR C 24 -2.80 -9.31 -36.14
C THR C 24 -1.67 -8.40 -35.64
N VAL C 25 -1.90 -7.69 -34.55
CA VAL C 25 -0.86 -7.05 -33.76
C VAL C 25 -1.14 -7.43 -32.31
N PRO C 26 -0.21 -8.15 -31.66
CA PRO C 26 -0.28 -8.44 -30.21
C PRO C 26 -0.42 -7.21 -29.33
N ILE C 27 -1.18 -7.33 -28.24
CA ILE C 27 -1.35 -6.28 -27.21
C ILE C 27 -2.05 -5.01 -27.68
N LEU C 28 -1.51 -4.34 -28.71
CA LEU C 28 -2.06 -3.07 -29.24
C LEU C 28 -3.44 -3.24 -29.90
N GLY C 29 -3.66 -4.38 -30.53
CA GLY C 29 -4.96 -4.69 -31.10
C GLY C 29 -5.19 -4.08 -32.47
N HIS C 30 -6.11 -3.13 -32.52
CA HIS C 30 -6.44 -2.47 -33.76
C HIS C 30 -6.08 -0.98 -33.72
N ILE C 31 -5.59 -0.50 -32.60
CA ILE C 31 -5.44 0.94 -32.35
C ILE C 31 -4.63 1.63 -33.45
N ILE C 32 -3.55 1.01 -33.93
CA ILE C 32 -2.72 1.63 -34.98
C ILE C 32 -3.50 1.81 -36.30
N GLN C 33 -4.03 0.69 -36.81
CA GLN C 33 -4.84 0.73 -38.03
C GLN C 33 -6.10 1.59 -37.86
N PHE C 34 -6.55 1.81 -36.64
CA PHE C 34 -7.68 2.73 -36.38
C PHE C 34 -7.29 4.19 -36.52
N GLY C 35 -6.11 4.56 -36.01
CA GLY C 35 -5.62 5.95 -36.08
C GLY C 35 -5.04 6.33 -37.44
N LYS C 36 -4.50 5.37 -38.17
CA LYS C 36 -4.20 5.57 -39.59
C LYS C 36 -5.48 6.06 -40.28
N SER C 37 -6.48 5.19 -40.42
CA SER C 37 -7.72 5.61 -41.07
C SER C 37 -9.04 5.22 -40.33
N PRO C 38 -9.50 6.06 -39.40
CA PRO C 38 -10.69 5.70 -38.67
C PRO C 38 -11.85 5.26 -39.55
N LEU C 39 -12.13 6.02 -40.61
CA LEU C 39 -13.24 5.71 -41.53
C LEU C 39 -12.89 4.53 -42.43
N GLY C 40 -11.71 4.62 -43.05
CA GLY C 40 -11.17 3.51 -43.85
C GLY C 40 -11.29 2.18 -43.11
N PHE C 41 -10.68 2.10 -41.93
CA PHE C 41 -10.63 0.84 -41.17
C PHE C 41 -12.03 0.33 -40.80
N MET C 42 -12.86 1.21 -40.25
CA MET C 42 -14.18 0.79 -39.77
C MET C 42 -15.04 0.27 -40.92
N GLN C 43 -14.96 0.92 -42.08
CA GLN C 43 -15.70 0.45 -43.25
C GLN C 43 -15.22 -0.90 -43.75
N GLU C 44 -13.92 -1.14 -43.65
CA GLU C 44 -13.38 -2.45 -43.97
C GLU C 44 -13.92 -3.52 -43.02
N CYS C 45 -13.99 -3.21 -41.72
CA CYS C 45 -14.52 -4.17 -40.73
C CYS C 45 -15.96 -4.60 -41.05
N LYS C 46 -16.82 -3.60 -41.13
CA LYS C 46 -18.19 -3.73 -41.60
C LYS C 46 -18.30 -4.55 -42.90
N ARG C 47 -17.39 -4.30 -43.82
CA ARG C 47 -17.29 -5.07 -45.05
C ARG C 47 -16.93 -6.53 -44.79
N GLN C 48 -15.67 -6.80 -44.47
CA GLN C 48 -15.22 -8.19 -44.43
C GLN C 48 -16.11 -9.05 -43.56
N LEU C 49 -16.65 -8.48 -42.49
CA LEU C 49 -17.46 -9.23 -41.56
C LEU C 49 -18.93 -9.33 -41.96
N LYS C 50 -19.29 -8.63 -43.03
CA LYS C 50 -20.67 -8.60 -43.52
C LYS C 50 -21.61 -8.32 -42.35
N SER C 51 -21.37 -7.20 -41.66
CA SER C 51 -22.16 -6.82 -40.50
C SER C 51 -21.92 -5.37 -40.14
N GLY C 52 -22.99 -4.65 -39.84
CA GLY C 52 -22.86 -3.29 -39.33
C GLY C 52 -22.41 -3.29 -37.88
N ILE C 53 -22.84 -4.29 -37.12
CA ILE C 53 -22.49 -4.43 -35.72
C ILE C 53 -21.37 -5.46 -35.50
N PHE C 54 -20.21 -5.00 -35.06
CA PHE C 54 -19.00 -5.80 -34.94
C PHE C 54 -18.10 -5.25 -33.84
N THR C 55 -17.16 -6.07 -33.37
CA THR C 55 -16.31 -5.73 -32.23
C THR C 55 -14.87 -5.62 -32.63
N ILE C 56 -14.17 -4.63 -32.10
CA ILE C 56 -12.73 -4.50 -32.34
C ILE C 56 -12.02 -4.52 -31.02
N ASN C 57 -10.70 -4.67 -31.08
CA ASN C 57 -9.83 -4.68 -29.91
C ASN C 57 -8.95 -3.44 -29.88
N ILE C 58 -9.05 -2.65 -28.81
CA ILE C 58 -8.14 -1.50 -28.65
C ILE C 58 -7.34 -1.62 -27.35
N VAL C 59 -6.07 -1.98 -27.52
CA VAL C 59 -5.13 -2.23 -26.41
C VAL C 59 -5.78 -3.12 -25.35
N GLY C 60 -6.48 -4.15 -25.81
CA GLY C 60 -7.04 -5.15 -24.93
C GLY C 60 -8.51 -4.99 -24.60
N LYS C 61 -9.09 -3.82 -24.84
CA LYS C 61 -10.46 -3.58 -24.45
C LYS C 61 -11.33 -3.94 -25.62
N ARG C 62 -12.43 -4.61 -25.34
CA ARG C 62 -13.43 -4.95 -26.34
C ARG C 62 -14.31 -3.73 -26.63
N VAL C 63 -14.26 -3.26 -27.89
CA VAL C 63 -15.11 -2.16 -28.37
C VAL C 63 -16.10 -2.71 -29.40
N THR C 64 -17.35 -2.84 -29.01
CA THR C 64 -18.41 -3.23 -29.94
C THR C 64 -19.01 -1.97 -30.60
N ILE C 65 -18.90 -1.88 -31.93
CA ILE C 65 -19.41 -0.74 -32.67
C ILE C 65 -20.81 -1.00 -33.26
N VAL C 66 -21.74 -0.05 -33.13
CA VAL C 66 -23.08 -0.19 -33.68
C VAL C 66 -23.10 0.59 -34.97
N GLY C 67 -22.59 -0.05 -36.02
CA GLY C 67 -22.42 0.59 -37.32
C GLY C 67 -23.55 0.37 -38.30
N ASP C 68 -24.64 -0.26 -37.83
CA ASP C 68 -25.92 -0.32 -38.54
C ASP C 68 -26.85 0.78 -38.03
N PRO C 69 -27.21 1.70 -38.92
CA PRO C 69 -28.12 2.78 -38.56
C PRO C 69 -29.51 2.33 -38.11
N HIS C 70 -30.00 1.20 -38.60
CA HIS C 70 -31.29 0.72 -38.17
C HIS C 70 -31.31 0.35 -36.68
N GLU C 71 -30.14 0.17 -36.06
CA GLU C 71 -30.07 -0.27 -34.66
C GLU C 71 -29.59 0.83 -33.71
N HIS C 72 -29.42 2.03 -34.24
CA HIS C 72 -28.96 3.14 -33.43
C HIS C 72 -29.66 3.25 -32.11
N SER C 73 -30.98 3.08 -32.09
CA SER C 73 -31.74 3.32 -30.87
C SER C 73 -31.28 2.41 -29.73
N ARG C 74 -30.65 1.30 -30.08
CA ARG C 74 -30.17 0.34 -29.09
C ARG C 74 -28.93 0.83 -28.36
N PHE C 75 -28.34 1.91 -28.89
CA PHE C 75 -27.26 2.61 -28.20
C PHE C 75 -27.72 3.89 -27.50
N PHE C 76 -28.75 4.55 -28.00
CA PHE C 76 -29.14 5.87 -27.51
C PHE C 76 -30.28 5.85 -26.49
N LEU C 77 -31.25 4.96 -26.68
CA LEU C 77 -32.41 4.95 -25.78
C LEU C 77 -32.18 4.33 -24.37
N PRO C 78 -31.27 3.32 -24.23
CA PRO C 78 -31.18 2.70 -22.91
C PRO C 78 -30.67 3.65 -21.85
N ARG C 79 -30.98 3.41 -20.60
CA ARG C 79 -30.64 4.37 -19.59
C ARG C 79 -29.24 4.18 -18.99
N ASN C 80 -28.77 5.25 -18.35
CA ASN C 80 -27.45 5.31 -17.75
C ASN C 80 -27.01 4.01 -17.08
N GLU C 81 -27.94 3.42 -16.33
CA GLU C 81 -27.66 2.25 -15.49
C GLU C 81 -27.35 0.97 -16.29
N VAL C 82 -27.72 0.96 -17.57
CA VAL C 82 -27.48 -0.17 -18.49
C VAL C 82 -26.29 0.19 -19.38
N LEU C 83 -26.37 1.39 -19.99
CA LEU C 83 -25.28 1.99 -20.80
C LEU C 83 -24.80 3.26 -20.11
N SER C 84 -23.59 3.20 -19.56
CA SER C 84 -23.07 4.28 -18.72
C SER C 84 -22.01 5.05 -19.43
N PRO C 85 -22.09 6.40 -19.37
CA PRO C 85 -21.02 7.19 -19.94
C PRO C 85 -19.96 7.57 -18.91
N ARG C 86 -20.12 7.17 -17.65
CA ARG C 86 -19.21 7.61 -16.58
C ARG C 86 -17.79 7.20 -16.84
N GLU C 87 -17.57 5.90 -16.92
CA GLU C 87 -16.20 5.35 -16.97
C GLU C 87 -15.51 5.73 -18.27
N VAL C 88 -16.25 5.74 -19.38
CA VAL C 88 -15.66 6.04 -20.69
C VAL C 88 -15.33 7.52 -20.85
N TYR C 89 -16.10 8.40 -20.21
CA TYR C 89 -15.85 9.84 -20.24
C TYR C 89 -15.13 10.37 -18.96
N SER C 90 -14.46 9.48 -18.23
CA SER C 90 -13.58 9.85 -17.10
C SER C 90 -12.46 10.82 -17.41
N PHE C 91 -11.91 10.73 -18.62
CA PHE C 91 -10.76 11.54 -18.97
C PHE C 91 -11.07 13.05 -18.94
N MET C 92 -12.35 13.38 -18.93
CA MET C 92 -12.81 14.77 -18.98
C MET C 92 -12.80 15.47 -17.65
N VAL C 93 -12.43 14.82 -16.56
CA VAL C 93 -12.39 15.50 -15.26
C VAL C 93 -11.55 16.80 -15.21
N PRO C 94 -10.46 16.90 -15.98
CA PRO C 94 -9.86 18.22 -16.19
C PRO C 94 -10.87 19.32 -16.44
N VAL C 95 -11.69 19.18 -17.46
CA VAL C 95 -12.69 20.19 -17.81
C VAL C 95 -13.75 20.37 -16.72
N PHE C 96 -14.58 19.35 -16.51
CA PHE C 96 -15.63 19.44 -15.50
C PHE C 96 -15.17 19.67 -14.08
N GLY C 97 -14.04 19.09 -13.69
CA GLY C 97 -13.66 19.01 -12.28
C GLY C 97 -14.14 17.72 -11.66
N GLU C 98 -13.76 17.49 -10.40
CA GLU C 98 -13.70 16.12 -9.86
C GLU C 98 -14.99 15.33 -9.56
N GLY C 99 -16.01 15.96 -9.01
CA GLY C 99 -17.26 15.21 -8.80
C GLY C 99 -18.39 15.79 -9.61
N VAL C 100 -18.10 16.14 -10.86
CA VAL C 100 -18.97 16.98 -11.69
C VAL C 100 -19.30 16.30 -13.03
N ALA C 101 -20.47 16.62 -13.57
CA ALA C 101 -20.98 15.99 -14.77
C ALA C 101 -20.85 14.45 -14.68
N TYR C 102 -20.10 13.85 -15.60
CA TYR C 102 -20.01 12.40 -15.74
C TYR C 102 -19.34 11.72 -14.56
N ALA C 103 -18.53 12.46 -13.81
CA ALA C 103 -17.87 11.90 -12.63
C ALA C 103 -18.82 11.72 -11.44
N ALA C 104 -20.04 12.26 -11.51
CA ALA C 104 -20.99 12.13 -10.39
C ALA C 104 -21.96 10.96 -10.59
N PRO C 105 -22.67 10.60 -9.52
CA PRO C 105 -23.71 9.59 -9.58
C PRO C 105 -24.82 10.01 -10.54
N TYR C 106 -25.44 9.03 -11.17
CA TYR C 106 -26.36 9.28 -12.24
C TYR C 106 -27.42 10.33 -11.93
N PRO C 107 -28.08 10.24 -10.75
CA PRO C 107 -29.10 11.25 -10.49
C PRO C 107 -28.54 12.64 -10.41
N ARG C 108 -27.35 12.79 -9.82
CA ARG C 108 -26.68 14.10 -9.66
C ARG C 108 -26.20 14.63 -11.00
N MET C 109 -25.47 13.82 -11.75
CA MET C 109 -25.10 14.16 -13.11
C MET C 109 -26.27 14.72 -13.89
N ARG C 110 -27.41 14.02 -13.85
CA ARG C 110 -28.57 14.42 -14.62
C ARG C 110 -29.11 15.81 -14.22
N GLU C 111 -29.24 16.05 -12.92
CA GLU C 111 -29.66 17.37 -12.40
C GLU C 111 -28.76 18.50 -12.95
N GLN C 112 -27.46 18.22 -12.97
CA GLN C 112 -26.44 19.17 -13.38
C GLN C 112 -26.54 19.55 -14.84
N LEU C 113 -26.72 18.56 -15.70
CA LEU C 113 -26.87 18.81 -17.12
C LEU C 113 -28.25 19.41 -17.44
N ASN C 114 -29.29 19.03 -16.69
CA ASN C 114 -30.59 19.71 -16.79
C ASN C 114 -30.47 21.22 -16.50
N PHE C 115 -29.68 21.59 -15.50
CA PHE C 115 -29.53 22.97 -15.12
C PHE C 115 -28.85 23.75 -16.22
N LEU C 116 -27.84 23.13 -16.85
CA LEU C 116 -27.18 23.72 -18.01
C LEU C 116 -28.12 23.77 -19.19
N ALA C 117 -28.75 22.64 -19.50
CA ALA C 117 -29.72 22.51 -20.61
C ALA C 117 -30.78 23.62 -20.62
N GLU C 118 -31.33 23.92 -19.46
CA GLU C 118 -32.40 24.92 -19.38
C GLU C 118 -31.85 26.34 -19.56
N GLU C 119 -30.53 26.46 -19.49
CA GLU C 119 -29.87 27.74 -19.59
C GLU C 119 -29.46 27.99 -21.05
N LEU C 120 -29.66 26.99 -21.91
CA LEU C 120 -29.32 27.09 -23.33
C LEU C 120 -30.53 26.93 -24.24
N THR C 121 -31.73 26.85 -23.68
CA THR C 121 -32.94 26.75 -24.47
C THR C 121 -33.22 28.07 -25.20
N ILE C 122 -34.03 27.99 -26.27
CA ILE C 122 -34.33 29.13 -27.16
C ILE C 122 -35.02 30.30 -26.48
N ALA C 123 -35.77 30.02 -25.41
CA ALA C 123 -36.33 31.07 -24.56
C ALA C 123 -35.27 32.09 -24.11
N LYS C 124 -34.00 31.68 -24.05
CA LYS C 124 -32.94 32.55 -23.54
C LYS C 124 -32.28 33.44 -24.59
N PHE C 125 -32.60 33.24 -25.87
CA PHE C 125 -31.86 33.88 -26.99
C PHE C 125 -32.41 35.23 -27.53
N GLN C 126 -33.38 35.86 -26.88
CA GLN C 126 -33.98 37.10 -27.44
C GLN C 126 -32.91 38.08 -27.96
N ASN C 127 -31.89 38.32 -27.13
CA ASN C 127 -30.83 39.29 -27.43
C ASN C 127 -29.50 38.68 -27.93
N PHE C 128 -29.44 37.37 -28.15
CA PHE C 128 -28.17 36.76 -28.56
C PHE C 128 -27.76 37.18 -29.97
N VAL C 129 -28.71 37.33 -30.88
CA VAL C 129 -28.33 37.55 -32.27
C VAL C 129 -27.62 38.91 -32.50
N PRO C 130 -28.14 40.01 -31.92
CA PRO C 130 -27.36 41.25 -31.96
C PRO C 130 -26.05 41.15 -31.15
N ALA C 131 -26.02 40.39 -30.07
CA ALA C 131 -24.76 40.14 -29.39
C ALA C 131 -23.80 39.37 -30.30
N ILE C 132 -24.27 38.30 -30.94
CA ILE C 132 -23.40 37.53 -31.84
C ILE C 132 -22.88 38.39 -32.99
N GLN C 133 -23.76 39.18 -33.60
CA GLN C 133 -23.41 39.90 -34.79
C GLN C 133 -22.45 41.06 -34.50
N HIS C 134 -22.71 41.76 -33.41
CA HIS C 134 -21.79 42.73 -32.84
C HIS C 134 -20.36 42.24 -32.81
N GLU C 135 -20.11 41.10 -32.19
CA GLU C 135 -18.76 40.56 -32.11
C GLU C 135 -18.23 40.11 -33.47
N VAL C 136 -19.04 39.44 -34.28
CA VAL C 136 -18.59 39.03 -35.62
C VAL C 136 -18.13 40.21 -36.46
N ARG C 137 -18.85 41.34 -36.39
CA ARG C 137 -18.49 42.53 -37.17
C ARG C 137 -17.23 43.17 -36.63
N LYS C 138 -17.19 43.31 -35.32
CA LYS C 138 -16.03 43.79 -34.62
C LYS C 138 -14.81 43.04 -35.14
N PHE C 139 -14.89 41.70 -35.11
CA PHE C 139 -13.77 40.86 -35.52
C PHE C 139 -13.38 41.08 -36.96
N MET C 140 -14.39 41.26 -37.82
CA MET C 140 -14.17 41.55 -39.25
C MET C 140 -13.57 42.94 -39.50
N ALA C 141 -13.99 43.95 -38.73
CA ALA C 141 -13.41 45.30 -38.83
C ALA C 141 -11.92 45.31 -38.46
N ALA C 142 -11.52 44.49 -37.47
CA ALA C 142 -10.11 44.42 -37.04
C ALA C 142 -9.23 43.62 -38.01
N ASN C 143 -9.80 42.54 -38.54
CA ASN C 143 -8.99 41.54 -39.21
C ASN C 143 -9.26 41.32 -40.67
N TRP C 144 -10.49 41.58 -41.11
CA TRP C 144 -10.83 41.44 -42.53
C TRP C 144 -11.07 42.84 -43.15
N ASP C 145 -10.13 43.75 -42.91
CA ASP C 145 -10.29 45.21 -43.15
C ASP C 145 -9.84 45.72 -44.52
N LYS C 146 -9.25 44.85 -45.35
CA LYS C 146 -8.72 45.24 -46.67
C LYS C 146 -9.66 44.88 -47.82
N ASP C 147 -9.24 45.15 -49.04
CA ASP C 147 -9.94 44.69 -50.26
C ASP C 147 -10.02 43.17 -50.37
N GLU C 148 -8.96 42.56 -49.88
CA GLU C 148 -8.58 41.21 -50.21
C GLU C 148 -7.63 40.92 -49.07
N GLY C 149 -7.41 39.66 -48.72
CA GLY C 149 -6.46 39.37 -47.65
C GLY C 149 -6.45 37.90 -47.35
N GLU C 150 -5.40 37.44 -46.69
CA GLU C 150 -5.25 36.01 -46.42
C GLU C 150 -5.28 35.69 -44.93
N ILE C 151 -6.10 34.71 -44.56
CA ILE C 151 -6.39 34.43 -43.15
C ILE C 151 -6.54 32.93 -42.98
N ASN C 152 -6.36 32.42 -41.76
CA ASN C 152 -6.62 31.01 -41.53
C ASN C 152 -8.06 30.91 -41.09
N LEU C 153 -8.92 30.44 -41.99
CA LEU C 153 -10.34 30.45 -41.69
C LEU C 153 -10.70 29.69 -40.41
N LEU C 154 -10.11 28.51 -40.20
CA LEU C 154 -10.44 27.71 -39.00
C LEU C 154 -10.09 28.50 -37.75
N GLU C 155 -8.91 29.13 -37.74
CA GLU C 155 -8.46 29.91 -36.57
C GLU C 155 -9.39 31.07 -36.34
N ASP C 156 -9.79 31.74 -37.43
CA ASP C 156 -10.62 32.93 -37.30
C ASP C 156 -12.05 32.59 -36.88
N CYS C 157 -12.61 31.50 -37.35
CA CYS C 157 -13.89 31.08 -36.80
C CYS C 157 -13.79 30.76 -35.32
N SER C 158 -12.75 30.02 -34.93
CA SER C 158 -12.52 29.71 -33.52
C SER C 158 -12.50 30.96 -32.65
N THR C 159 -11.85 32.04 -33.12
CA THR C 159 -11.84 33.29 -32.35
C THR C 159 -13.24 33.89 -32.32
N MET C 160 -13.94 33.83 -33.44
CA MET C 160 -15.27 34.41 -33.49
C MET C 160 -16.24 33.67 -32.53
N ILE C 161 -16.22 32.35 -32.57
CA ILE C 161 -17.06 31.54 -31.72
C ILE C 161 -16.87 31.80 -30.23
N ILE C 162 -15.64 31.80 -29.75
CA ILE C 162 -15.39 32.06 -28.33
C ILE C 162 -15.82 33.47 -27.95
N ASN C 163 -15.56 34.42 -28.83
CA ASN C 163 -15.98 35.82 -28.63
C ASN C 163 -17.49 35.93 -28.58
N THR C 164 -18.20 35.24 -29.47
CA THR C 164 -19.65 35.32 -29.50
C THR C 164 -20.22 34.55 -28.32
N ALA C 165 -19.67 33.38 -28.04
CA ALA C 165 -20.18 32.59 -26.91
C ALA C 165 -20.08 33.39 -25.60
N CYS C 166 -18.95 34.06 -25.40
CA CYS C 166 -18.77 34.87 -24.20
C CYS C 166 -19.74 36.00 -24.15
N GLN C 167 -20.00 36.61 -25.31
CA GLN C 167 -20.87 37.77 -25.33
C GLN C 167 -22.30 37.42 -24.92
N CYS C 168 -22.76 36.25 -25.39
CA CYS C 168 -24.09 35.79 -25.05
C CYS C 168 -24.25 35.30 -23.62
N LEU C 169 -23.26 34.59 -23.10
CA LEU C 169 -23.45 33.79 -21.91
C LEU C 169 -22.94 34.51 -20.69
N PHE C 170 -22.01 35.44 -20.88
CA PHE C 170 -21.41 36.13 -19.76
C PHE C 170 -21.99 37.53 -19.61
N GLY C 171 -22.25 37.94 -18.37
CA GLY C 171 -22.75 39.27 -18.09
C GLY C 171 -21.70 40.31 -18.39
N GLU C 172 -22.08 41.58 -18.35
CA GLU C 172 -21.11 42.63 -18.66
C GLU C 172 -19.98 42.68 -17.60
N ASP C 173 -20.38 42.59 -16.33
CA ASP C 173 -19.47 42.71 -15.20
C ASP C 173 -18.42 41.61 -15.20
N LEU C 174 -18.83 40.41 -15.60
CA LEU C 174 -17.94 39.26 -15.73
C LEU C 174 -16.93 39.50 -16.86
N ARG C 175 -17.41 39.98 -18.00
CA ARG C 175 -16.55 40.26 -19.13
C ARG C 175 -15.62 41.47 -18.89
N LYS C 176 -15.97 42.31 -17.92
CA LYS C 176 -15.06 43.40 -17.57
C LYS C 176 -13.85 42.89 -16.81
N ARG C 177 -13.89 41.65 -16.34
CA ARG C 177 -12.75 41.06 -15.64
C ARG C 177 -12.11 39.97 -16.46
N LEU C 178 -12.87 39.43 -17.38
CA LEU C 178 -12.47 38.25 -18.08
C LEU C 178 -13.05 38.38 -19.49
N ASP C 179 -12.31 39.04 -20.39
CA ASP C 179 -12.79 39.11 -21.75
C ASP C 179 -12.58 37.80 -22.45
N ALA C 180 -13.07 37.70 -23.67
CA ALA C 180 -13.04 36.49 -24.44
C ALA C 180 -11.61 35.96 -24.68
N ARG C 181 -10.66 36.88 -24.90
CA ARG C 181 -9.25 36.51 -25.09
C ARG C 181 -8.63 35.81 -23.85
N ARG C 182 -8.89 36.38 -22.67
CA ARG C 182 -8.39 35.81 -21.41
C ARG C 182 -9.08 34.49 -21.10
N PHE C 183 -10.41 34.44 -21.27
CA PHE C 183 -11.12 33.20 -21.12
C PHE C 183 -10.60 32.12 -22.07
N ALA C 184 -10.25 32.47 -23.30
CA ALA C 184 -9.72 31.50 -24.24
C ALA C 184 -8.40 30.95 -23.74
N GLN C 185 -7.54 31.83 -23.23
CA GLN C 185 -6.23 31.45 -22.71
C GLN C 185 -6.36 30.36 -21.64
N LEU C 186 -7.25 30.59 -20.69
CA LEU C 186 -7.48 29.68 -19.58
C LEU C 186 -8.07 28.34 -20.08
N LEU C 187 -9.05 28.45 -20.98
CA LEU C 187 -9.68 27.26 -21.54
C LEU C 187 -8.60 26.40 -22.23
N ALA C 188 -7.66 27.04 -22.92
CA ALA C 188 -6.66 26.36 -23.71
C ALA C 188 -5.70 25.56 -22.78
N LYS C 189 -5.38 26.15 -21.63
CA LYS C 189 -4.54 25.52 -20.64
C LYS C 189 -5.26 24.36 -19.96
N MET C 190 -6.54 24.52 -19.68
CA MET C 190 -7.33 23.44 -19.13
C MET C 190 -7.46 22.29 -20.13
N GLU C 191 -7.88 22.56 -21.37
CA GLU C 191 -8.13 21.48 -22.31
C GLU C 191 -6.87 20.76 -22.79
N SER C 192 -5.70 21.35 -22.56
CA SER C 192 -4.42 20.74 -22.93
C SER C 192 -3.99 19.58 -22.03
N SER C 193 -4.61 19.44 -20.86
CA SER C 193 -4.34 18.29 -20.02
C SER C 193 -5.30 17.10 -20.29
N LEU C 194 -6.18 17.22 -21.29
CA LEU C 194 -7.10 16.14 -21.63
C LEU C 194 -6.32 15.03 -22.31
N ILE C 195 -6.49 13.79 -21.83
CA ILE C 195 -5.87 12.63 -22.48
C ILE C 195 -7.00 11.73 -22.98
N PRO C 196 -7.41 11.90 -24.24
CA PRO C 196 -8.48 11.05 -24.75
C PRO C 196 -8.09 9.58 -24.77
N ALA C 197 -6.82 9.27 -24.99
CA ALA C 197 -6.39 7.87 -25.00
C ALA C 197 -6.70 7.17 -23.67
N ALA C 198 -6.81 7.90 -22.55
CA ALA C 198 -7.24 7.29 -21.25
C ALA C 198 -8.59 6.53 -21.27
N VAL C 199 -9.37 6.69 -22.33
CA VAL C 199 -10.57 5.87 -22.48
C VAL C 199 -10.20 4.40 -22.47
N PHE C 200 -9.09 4.07 -23.13
CA PHE C 200 -8.62 2.70 -23.34
C PHE C 200 -7.39 2.32 -22.47
N LEU C 201 -6.62 3.32 -22.04
CA LEU C 201 -5.56 3.13 -21.08
C LEU C 201 -5.68 4.05 -19.85
N PRO C 202 -6.59 3.74 -18.91
CA PRO C 202 -6.79 4.59 -17.71
C PRO C 202 -5.55 4.79 -16.84
N ILE C 203 -4.51 3.98 -17.02
CA ILE C 203 -3.24 4.21 -16.31
C ILE C 203 -2.77 5.65 -16.51
N LEU C 204 -3.13 6.23 -17.67
CA LEU C 204 -2.61 7.53 -18.06
C LEU C 204 -3.14 8.67 -17.22
N LEU C 205 -4.32 8.51 -16.65
CA LEU C 205 -4.82 9.51 -15.75
C LEU C 205 -3.89 9.65 -14.54
N LYS C 206 -3.25 8.56 -14.14
CA LYS C 206 -2.42 8.56 -12.93
C LYS C 206 -0.96 8.95 -13.19
N LEU C 207 -0.61 9.38 -14.39
CA LEU C 207 0.76 9.78 -14.66
C LEU C 207 0.99 11.22 -14.19
N PRO C 208 2.11 11.49 -13.48
CA PRO C 208 2.46 12.87 -13.18
C PRO C 208 2.86 13.72 -14.39
N LEU C 209 1.94 14.10 -15.26
CA LEU C 209 2.30 14.89 -16.43
C LEU C 209 2.26 16.42 -16.17
N PRO C 210 3.19 17.18 -16.75
CA PRO C 210 3.29 18.64 -16.54
C PRO C 210 2.06 19.46 -16.95
N GLN C 211 1.38 19.02 -18.01
CA GLN C 211 0.13 19.64 -18.50
C GLN C 211 -1.01 19.66 -17.45
N SER C 212 -1.06 18.65 -16.59
CA SER C 212 -2.05 18.58 -15.53
C SER C 212 -1.82 19.70 -14.53
N ALA C 213 -0.56 20.07 -14.31
CA ALA C 213 -0.21 21.15 -13.40
C ALA C 213 -0.78 22.47 -13.92
N ARG C 214 -0.77 22.59 -15.24
CA ARG C 214 -1.17 23.82 -15.89
C ARG C 214 -2.68 24.03 -15.83
N CYS C 215 -3.39 22.94 -16.05
CA CYS C 215 -4.82 22.90 -15.93
C CYS C 215 -5.29 23.33 -14.54
N HIS C 216 -4.63 22.83 -13.52
CA HIS C 216 -4.92 23.22 -12.13
C HIS C 216 -4.81 24.76 -11.93
N GLU C 217 -3.74 25.35 -12.45
CA GLU C 217 -3.50 26.79 -12.33
C GLU C 217 -4.59 27.58 -13.06
N ALA C 218 -4.92 27.14 -14.26
CA ALA C 218 -5.99 27.73 -15.04
C ALA C 218 -7.28 27.60 -14.28
N ARG C 219 -7.51 26.42 -13.74
CA ARG C 219 -8.73 26.18 -13.02
C ARG C 219 -8.81 27.04 -11.75
N THR C 220 -7.73 27.13 -10.96
CA THR C 220 -7.89 27.88 -9.69
C THR C 220 -8.05 29.38 -9.97
N GLU C 221 -7.45 29.86 -11.05
CA GLU C 221 -7.65 31.23 -11.54
C GLU C 221 -9.11 31.58 -11.95
N LEU C 222 -9.75 30.76 -12.77
CA LEU C 222 -11.14 30.97 -13.17
C LEU C 222 -12.03 31.01 -11.92
N GLN C 223 -11.80 30.08 -10.99
CA GLN C 223 -12.64 30.03 -9.79
C GLN C 223 -12.48 31.27 -8.94
N LYS C 224 -11.29 31.87 -8.96
CA LYS C 224 -10.98 33.04 -8.12
C LYS C 224 -11.78 34.21 -8.63
N ILE C 225 -11.77 34.34 -9.95
CA ILE C 225 -12.48 35.41 -10.62
C ILE C 225 -13.99 35.29 -10.40
N LEU C 226 -14.55 34.15 -10.74
CA LEU C 226 -15.97 33.88 -10.53
C LEU C 226 -16.39 34.15 -9.12
N SER C 227 -15.56 33.72 -8.18
CA SER C 227 -15.78 34.01 -6.75
C SER C 227 -15.90 35.52 -6.49
N GLU C 228 -15.01 36.31 -7.06
CA GLU C 228 -15.05 37.75 -6.93
C GLU C 228 -16.28 38.37 -7.60
N ILE C 229 -16.63 37.87 -8.78
CA ILE C 229 -17.79 38.38 -9.50
C ILE C 229 -19.05 38.20 -8.67
N ILE C 230 -19.21 37.01 -8.12
CA ILE C 230 -20.36 36.63 -7.32
C ILE C 230 -20.47 37.42 -6.03
N ILE C 231 -19.35 37.68 -5.35
CA ILE C 231 -19.38 38.48 -4.12
C ILE C 231 -19.77 39.91 -4.48
N ALA C 232 -19.31 40.41 -5.61
CA ALA C 232 -19.61 41.78 -5.97
C ALA C 232 -21.10 41.90 -6.33
N ARG C 233 -21.63 40.89 -7.01
CA ARG C 233 -23.05 40.83 -7.39
C ARG C 233 -23.96 40.85 -6.17
N LYS C 234 -23.65 39.98 -5.22
CA LYS C 234 -24.36 39.93 -3.96
C LYS C 234 -24.09 41.13 -3.08
N ALA C 235 -22.93 41.77 -3.25
CA ALA C 235 -22.62 42.97 -2.50
C ALA C 235 -23.49 44.16 -2.92
N ALA C 236 -23.85 44.24 -4.19
CA ALA C 236 -24.85 45.22 -4.62
C ALA C 236 -26.25 44.60 -4.41
N THR C 244 -29.31 42.15 -16.98
CA THR C 244 -29.82 41.18 -15.99
C THR C 244 -29.20 39.72 -16.20
N SER C 245 -30.03 38.68 -16.26
CA SER C 245 -29.58 37.28 -16.28
C SER C 245 -28.47 36.87 -17.25
N ASP C 246 -27.64 35.92 -16.79
CA ASP C 246 -26.61 35.28 -17.62
C ASP C 246 -26.41 33.81 -17.21
N LEU C 247 -25.61 33.09 -17.98
CA LEU C 247 -25.30 31.70 -17.66
C LEU C 247 -25.01 31.55 -16.17
N LEU C 248 -24.05 32.32 -15.65
CA LEU C 248 -23.66 32.24 -14.24
C LEU C 248 -24.80 32.48 -13.27
N SER C 249 -25.59 33.55 -13.39
CA SER C 249 -26.70 33.75 -12.42
C SER C 249 -27.73 32.65 -12.47
N GLY C 250 -27.95 32.10 -13.68
CA GLY C 250 -28.85 30.98 -13.88
C GLY C 250 -28.48 29.79 -13.02
N LEU C 251 -27.22 29.39 -13.16
CA LEU C 251 -26.66 28.29 -12.41
C LEU C 251 -26.61 28.61 -10.94
N LEU C 252 -26.32 29.85 -10.59
CA LEU C 252 -26.24 30.21 -9.18
C LEU C 252 -27.58 30.08 -8.50
N SER C 253 -28.66 30.06 -9.28
CA SER C 253 -29.97 30.00 -8.65
C SER C 253 -30.67 28.65 -8.76
N ALA C 254 -29.98 27.64 -9.31
CA ALA C 254 -30.48 26.27 -9.34
C ALA C 254 -30.43 25.61 -7.95
N VAL C 255 -31.38 24.71 -7.69
CA VAL C 255 -31.40 24.00 -6.42
C VAL C 255 -31.58 22.54 -6.73
N TYR C 256 -30.79 21.65 -6.13
CA TYR C 256 -30.95 20.22 -6.38
C TYR C 256 -32.24 19.71 -5.73
N ARG C 257 -32.66 18.51 -6.10
CA ARG C 257 -33.82 17.91 -5.47
C ARG C 257 -33.72 17.94 -3.96
N ASP C 258 -32.52 17.80 -3.41
CA ASP C 258 -32.30 17.98 -1.96
C ASP C 258 -32.38 19.45 -1.65
N GLY C 259 -31.99 19.88 -0.47
CA GLY C 259 -32.12 21.32 -0.21
C GLY C 259 -31.26 22.29 -1.04
N THR C 260 -30.22 21.78 -1.68
CA THR C 260 -28.98 22.51 -1.82
C THR C 260 -28.68 23.17 -3.16
N PRO C 261 -27.98 24.29 -3.12
CA PRO C 261 -27.46 24.89 -4.32
C PRO C 261 -26.18 24.20 -4.88
N MET C 262 -25.76 24.60 -6.07
CA MET C 262 -24.49 24.17 -6.61
C MET C 262 -23.39 24.87 -5.88
N SER C 263 -22.28 24.17 -5.64
CA SER C 263 -21.11 24.79 -5.08
C SER C 263 -20.47 25.57 -6.18
N LEU C 264 -19.64 26.53 -5.82
CA LEU C 264 -18.90 27.33 -6.79
C LEU C 264 -18.19 26.45 -7.78
N HIS C 265 -17.56 25.40 -7.27
CA HIS C 265 -16.78 24.49 -8.11
C HIS C 265 -17.60 23.62 -9.08
N GLU C 266 -18.84 23.34 -8.72
CA GLU C 266 -19.75 22.69 -9.65
C GLU C 266 -20.14 23.67 -10.74
N VAL C 267 -20.48 24.91 -10.35
CA VAL C 267 -20.82 25.97 -11.30
C VAL C 267 -19.72 26.25 -12.33
N CYS C 268 -18.53 26.47 -11.84
CA CYS C 268 -17.40 26.71 -12.70
C CYS C 268 -17.19 25.57 -13.71
N GLY C 269 -17.31 24.33 -13.23
CA GLY C 269 -17.23 23.16 -14.09
C GLY C 269 -18.23 23.09 -15.22
N MET C 270 -19.48 23.45 -14.91
CA MET C 270 -20.52 23.44 -15.89
C MET C 270 -20.27 24.52 -16.92
N ILE C 271 -19.73 25.64 -16.49
CA ILE C 271 -19.40 26.74 -17.40
C ILE C 271 -18.28 26.33 -18.38
N VAL C 272 -17.15 25.87 -17.87
CA VAL C 272 -16.08 25.49 -18.78
C VAL C 272 -16.57 24.35 -19.63
N ALA C 273 -17.36 23.43 -19.08
CA ALA C 273 -17.88 22.32 -19.89
C ALA C 273 -18.76 22.84 -21.02
N ALA C 274 -19.64 23.81 -20.70
CA ALA C 274 -20.47 24.47 -21.72
C ALA C 274 -19.61 25.11 -22.78
N MET C 275 -18.61 25.87 -22.36
CA MET C 275 -17.86 26.68 -23.30
C MET C 275 -16.94 25.83 -24.13
N PHE C 276 -16.45 24.73 -23.55
CA PHE C 276 -15.59 23.82 -24.26
C PHE C 276 -16.38 23.05 -25.32
N ALA C 277 -17.61 22.70 -24.99
CA ALA C 277 -18.45 21.95 -25.90
C ALA C 277 -18.75 22.79 -27.12
N GLY C 278 -19.06 24.06 -26.90
CA GLY C 278 -19.50 24.90 -27.99
C GLY C 278 -18.38 25.41 -28.83
N GLN C 279 -17.20 25.55 -28.23
CA GLN C 279 -16.05 26.17 -28.92
C GLN C 279 -15.68 25.43 -30.20
N HIS C 280 -15.27 24.17 -30.07
CA HIS C 280 -14.68 23.50 -31.21
C HIS C 280 -15.74 22.90 -32.14
N THR C 281 -16.83 22.39 -31.59
CA THR C 281 -17.86 21.88 -32.43
C THR C 281 -18.37 23.01 -33.32
N SER C 282 -18.58 24.20 -32.75
CA SER C 282 -19.25 25.25 -33.54
C SER C 282 -18.33 25.87 -34.58
N SER C 283 -17.13 26.21 -34.17
CA SER C 283 -16.04 26.61 -35.09
C SER C 283 -15.88 25.71 -36.31
N ILE C 284 -15.72 24.41 -36.03
CA ILE C 284 -15.50 23.40 -37.06
C ILE C 284 -16.70 23.34 -38.04
N THR C 285 -17.91 23.28 -37.49
CA THR C 285 -19.10 23.32 -38.31
C THR C 285 -19.08 24.56 -39.20
N THR C 286 -18.90 25.73 -38.58
CA THR C 286 -18.80 27.00 -39.36
C THR C 286 -17.70 26.89 -40.43
N THR C 287 -16.47 26.61 -40.04
CA THR C 287 -15.36 26.55 -41.00
C THR C 287 -15.69 25.62 -42.17
N TRP C 288 -16.03 24.37 -41.88
CA TRP C 288 -16.44 23.43 -42.94
C TRP C 288 -17.49 24.07 -43.81
N SER C 289 -18.50 24.67 -43.18
CA SER C 289 -19.61 25.23 -43.93
C SER C 289 -19.14 26.28 -44.92
N MET C 290 -18.31 27.19 -44.46
CA MET C 290 -17.79 28.24 -45.33
C MET C 290 -16.89 27.66 -46.43
N LEU C 291 -16.11 26.62 -46.08
CA LEU C 291 -15.16 26.04 -47.00
C LEU C 291 -15.90 25.39 -48.19
N HIS C 292 -16.90 24.58 -47.88
CA HIS C 292 -17.84 24.06 -48.88
C HIS C 292 -18.52 25.19 -49.67
N LEU C 293 -19.19 26.12 -48.98
CA LEU C 293 -19.93 27.17 -49.68
C LEU C 293 -19.03 27.93 -50.67
N MET C 294 -17.77 28.14 -50.33
CA MET C 294 -16.90 28.88 -51.22
C MET C 294 -16.27 28.06 -52.35
N HIS C 295 -16.35 26.74 -52.29
CA HIS C 295 -15.81 25.92 -53.38
C HIS C 295 -16.64 26.09 -54.68
N PRO C 296 -15.96 26.16 -55.85
CA PRO C 296 -16.64 26.32 -57.15
C PRO C 296 -17.70 25.25 -57.51
N ALA C 297 -17.44 23.99 -57.17
CA ALA C 297 -18.45 22.93 -57.21
C ALA C 297 -19.81 23.27 -56.53
N ASN C 298 -19.83 24.21 -55.60
CA ASN C 298 -21.05 24.52 -54.82
C ASN C 298 -21.69 25.88 -55.12
N VAL C 299 -21.34 26.51 -56.23
CA VAL C 299 -21.90 27.81 -56.59
C VAL C 299 -23.42 27.88 -56.43
N LYS C 300 -24.12 26.82 -56.87
CA LYS C 300 -25.57 26.72 -56.71
C LYS C 300 -25.98 26.99 -55.29
N HIS C 301 -25.37 26.25 -54.36
CA HIS C 301 -25.64 26.40 -52.93
C HIS C 301 -25.22 27.76 -52.36
N LEU C 302 -24.10 28.33 -52.81
CA LEU C 302 -23.74 29.68 -52.35
C LEU C 302 -24.81 30.69 -52.81
N GLU C 303 -25.25 30.53 -54.06
CA GLU C 303 -26.35 31.31 -54.61
C GLU C 303 -27.61 31.13 -53.77
N ALA C 304 -27.93 29.89 -53.41
CA ALA C 304 -29.08 29.63 -52.56
C ALA C 304 -29.00 30.38 -51.22
N LEU C 305 -27.81 30.49 -50.68
CA LEU C 305 -27.61 31.18 -49.42
C LEU C 305 -27.77 32.67 -49.62
N ARG C 306 -27.18 33.20 -50.69
CA ARG C 306 -27.29 34.64 -50.93
C ARG C 306 -28.75 35.04 -51.18
N LYS C 307 -29.55 34.09 -51.69
CA LYS C 307 -31.00 34.27 -51.86
C LYS C 307 -31.70 34.35 -50.50
N GLU C 308 -31.38 33.40 -49.62
CA GLU C 308 -31.94 33.42 -48.26
C GLU C 308 -31.66 34.72 -47.49
N ILE C 309 -30.55 35.37 -47.81
CA ILE C 309 -30.06 36.52 -47.05
C ILE C 309 -30.21 37.88 -47.75
N GLU C 310 -30.48 37.89 -49.06
CA GLU C 310 -30.68 39.13 -49.84
C GLU C 310 -31.56 40.15 -49.12
N GLU C 311 -32.64 39.68 -48.48
CA GLU C 311 -33.64 40.61 -47.92
C GLU C 311 -33.47 40.95 -46.43
N PHE C 312 -32.58 40.25 -45.75
CA PHE C 312 -32.38 40.49 -44.34
C PHE C 312 -31.84 41.90 -44.12
N PRO C 313 -32.15 42.50 -42.96
CA PRO C 313 -31.53 43.77 -42.61
C PRO C 313 -30.08 43.65 -42.19
N ALA C 314 -29.36 44.78 -42.20
CA ALA C 314 -28.00 44.78 -41.72
C ALA C 314 -28.05 44.05 -40.38
N GLN C 315 -28.79 44.63 -39.44
N GLN C 315 -28.74 44.63 -39.41
CA GLN C 315 -28.94 44.14 -38.08
CA GLN C 315 -28.78 44.08 -38.06
C GLN C 315 -29.98 43.02 -37.99
C GLN C 315 -29.91 43.04 -37.92
N LEU C 316 -29.52 41.77 -37.89
CA LEU C 316 -30.44 40.62 -37.82
C LEU C 316 -31.12 40.49 -36.45
N ASN C 317 -32.18 39.69 -36.37
CA ASN C 317 -32.90 39.44 -35.10
C ASN C 317 -33.11 37.95 -34.82
N TYR C 318 -33.73 37.64 -33.69
CA TYR C 318 -33.98 36.25 -33.34
C TYR C 318 -34.54 35.47 -34.54
N ASN C 319 -35.63 36.00 -35.12
CA ASN C 319 -36.42 35.31 -36.12
C ASN C 319 -35.67 35.00 -37.40
N ASN C 320 -35.00 36.02 -37.93
CA ASN C 320 -34.19 35.88 -39.11
C ASN C 320 -33.31 34.65 -39.07
N VAL C 321 -32.60 34.45 -37.96
CA VAL C 321 -31.66 33.32 -37.84
C VAL C 321 -32.33 32.00 -37.38
N MET C 322 -33.11 32.04 -36.29
CA MET C 322 -33.70 30.82 -35.74
C MET C 322 -34.75 30.22 -36.65
N ASP C 323 -35.48 31.07 -37.35
CA ASP C 323 -36.71 30.63 -37.99
C ASP C 323 -36.81 30.87 -39.51
N GLU C 324 -35.89 31.62 -40.09
CA GLU C 324 -35.97 32.03 -41.50
C GLU C 324 -34.68 31.72 -42.26
N MET C 325 -33.89 30.79 -41.74
CA MET C 325 -32.65 30.39 -42.38
C MET C 325 -32.60 28.88 -42.45
N PRO C 326 -33.60 28.27 -43.09
CA PRO C 326 -33.56 26.83 -43.22
C PRO C 326 -32.47 26.32 -44.14
N PHE C 327 -32.04 27.10 -45.12
CA PHE C 327 -30.97 26.60 -45.99
C PHE C 327 -29.56 26.70 -45.36
N ALA C 328 -29.26 27.78 -44.67
CA ALA C 328 -28.07 27.85 -43.87
C ALA C 328 -28.05 26.65 -42.95
N GLU C 329 -29.15 26.41 -42.25
CA GLU C 329 -29.25 25.28 -41.34
C GLU C 329 -28.95 23.98 -42.05
N ARG C 330 -29.37 23.85 -43.30
CA ARG C 330 -29.05 22.66 -44.04
C ARG C 330 -27.57 22.59 -44.35
N CYS C 331 -26.93 23.74 -44.52
CA CYS C 331 -25.49 23.75 -44.81
C CYS C 331 -24.69 23.29 -43.60
N ALA C 332 -25.11 23.79 -42.43
CA ALA C 332 -24.45 23.46 -41.19
C ALA C 332 -24.65 21.99 -40.89
N ARG C 333 -25.89 21.52 -40.92
CA ARG C 333 -26.21 20.13 -40.62
C ARG C 333 -25.55 19.16 -41.56
N GLU C 334 -25.52 19.46 -42.84
CA GLU C 334 -24.88 18.58 -43.79
C GLU C 334 -23.36 18.57 -43.64
N SER C 335 -22.76 19.67 -43.20
CA SER C 335 -21.32 19.67 -42.88
C SER C 335 -21.01 18.74 -41.68
N ILE C 336 -21.81 18.81 -40.63
CA ILE C 336 -21.71 17.87 -39.51
C ILE C 336 -21.97 16.45 -40.00
N ARG C 337 -22.87 16.31 -40.95
CA ARG C 337 -23.14 15.03 -41.57
C ARG C 337 -21.89 14.42 -42.23
N ARG C 338 -21.32 15.15 -43.19
CA ARG C 338 -20.13 14.70 -43.90
C ARG C 338 -18.93 14.46 -42.95
N ASP C 339 -18.64 15.44 -42.09
CA ASP C 339 -17.40 15.46 -41.29
C ASP C 339 -17.69 15.74 -39.81
N PRO C 340 -18.38 14.80 -39.17
CA PRO C 340 -18.78 14.91 -37.80
C PRO C 340 -17.60 15.19 -36.84
N PRO C 341 -17.76 16.15 -35.94
CA PRO C 341 -16.65 16.54 -35.12
C PRO C 341 -16.42 15.59 -33.98
N LEU C 342 -17.45 14.85 -33.61
CA LEU C 342 -17.29 13.80 -32.64
C LEU C 342 -17.51 12.49 -33.39
N LEU C 343 -16.40 11.82 -33.67
CA LEU C 343 -16.39 10.59 -34.44
C LEU C 343 -17.03 9.40 -33.75
N MET C 344 -16.97 9.36 -32.42
CA MET C 344 -17.28 8.13 -31.68
C MET C 344 -17.91 8.31 -30.30
N LEU C 345 -19.20 8.01 -30.19
CA LEU C 345 -19.87 8.07 -28.91
C LEU C 345 -19.80 6.71 -28.18
N MET C 346 -19.60 6.77 -26.86
CA MET C 346 -19.28 5.57 -26.08
C MET C 346 -20.11 5.40 -24.80
N ARG C 347 -20.28 4.16 -24.39
CA ARG C 347 -20.79 3.84 -23.06
C ARG C 347 -20.13 2.54 -22.57
N LYS C 348 -20.15 2.33 -21.27
CA LYS C 348 -19.77 1.02 -20.73
C LYS C 348 -21.06 0.20 -20.61
N VAL C 349 -21.00 -1.03 -21.09
CA VAL C 349 -22.12 -1.93 -21.01
C VAL C 349 -22.11 -2.47 -19.60
N MET C 350 -23.10 -2.09 -18.80
CA MET C 350 -23.23 -2.56 -17.41
C MET C 350 -24.06 -3.87 -17.29
N ALA C 351 -24.69 -4.28 -18.38
CA ALA C 351 -25.59 -5.42 -18.41
C ALA C 351 -25.68 -5.88 -19.85
N ASP C 352 -25.75 -7.17 -20.08
CA ASP C 352 -25.91 -7.68 -21.45
C ASP C 352 -26.98 -6.84 -22.13
N VAL C 353 -26.78 -6.51 -23.40
CA VAL C 353 -27.80 -5.76 -24.15
C VAL C 353 -27.97 -6.32 -25.57
N LYS C 354 -29.21 -6.50 -26.01
CA LYS C 354 -29.51 -6.97 -27.36
C LYS C 354 -29.29 -5.77 -28.28
N VAL C 355 -28.73 -6.04 -29.45
CA VAL C 355 -28.43 -5.01 -30.43
C VAL C 355 -28.52 -5.70 -31.78
N GLY C 356 -29.61 -5.45 -32.52
CA GLY C 356 -30.00 -6.32 -33.63
C GLY C 356 -30.26 -7.73 -33.14
N SER C 357 -30.02 -8.73 -33.96
CA SER C 357 -29.83 -10.07 -33.41
C SER C 357 -28.34 -10.02 -33.11
N TYR C 358 -27.91 -10.61 -32.00
CA TYR C 358 -26.59 -10.36 -31.34
C TYR C 358 -26.84 -9.84 -29.94
N VAL C 359 -25.85 -10.01 -29.09
CA VAL C 359 -25.92 -9.64 -27.69
C VAL C 359 -24.54 -9.10 -27.27
N VAL C 360 -24.50 -7.83 -26.86
CA VAL C 360 -23.26 -7.18 -26.47
C VAL C 360 -23.05 -7.33 -24.97
N PRO C 361 -22.02 -8.09 -24.55
CA PRO C 361 -21.81 -8.51 -23.16
C PRO C 361 -21.42 -7.40 -22.19
N LYS C 362 -21.79 -7.56 -20.93
CA LYS C 362 -21.39 -6.62 -19.89
C LYS C 362 -19.85 -6.50 -19.88
N GLY C 363 -19.34 -5.32 -19.54
CA GLY C 363 -17.90 -5.05 -19.65
C GLY C 363 -17.39 -4.55 -21.00
N ASP C 364 -18.23 -4.55 -22.03
CA ASP C 364 -17.83 -4.01 -23.31
C ASP C 364 -17.89 -2.47 -23.33
N ILE C 365 -17.02 -1.88 -24.12
CA ILE C 365 -17.27 -0.53 -24.60
C ILE C 365 -18.19 -0.63 -25.82
N ILE C 366 -19.41 -0.14 -25.68
CA ILE C 366 -20.30 -0.10 -26.82
C ILE C 366 -20.12 1.27 -27.37
N ALA C 367 -20.09 1.36 -28.69
CA ALA C 367 -19.88 2.64 -29.38
C ALA C 367 -20.81 2.76 -30.58
N CYS C 368 -21.23 3.98 -30.84
CA CYS C 368 -21.98 4.31 -32.03
C CYS C 368 -21.25 5.51 -32.63
N SER C 369 -20.96 5.45 -33.93
CA SER C 369 -20.05 6.38 -34.58
C SER C 369 -20.73 7.26 -35.64
N PRO C 370 -20.84 8.56 -35.38
CA PRO C 370 -21.24 9.47 -36.45
C PRO C 370 -20.40 9.32 -37.72
N LEU C 371 -19.08 9.23 -37.60
CA LEU C 371 -18.24 9.04 -38.78
C LEU C 371 -18.65 7.83 -39.62
N LEU C 372 -18.92 6.70 -38.98
CA LEU C 372 -19.27 5.50 -39.74
C LEU C 372 -20.71 5.53 -40.22
N SER C 373 -21.64 5.91 -39.35
CA SER C 373 -23.03 5.91 -39.71
C SER C 373 -23.30 6.86 -40.88
N HIS C 374 -22.66 8.04 -40.87
CA HIS C 374 -22.93 9.08 -41.86
C HIS C 374 -22.36 8.67 -43.23
N HIS C 375 -21.68 7.52 -43.27
CA HIS C 375 -21.12 6.97 -44.51
C HIS C 375 -21.67 5.61 -44.93
N ASP C 376 -22.75 5.16 -44.29
CA ASP C 376 -23.58 4.09 -44.79
C ASP C 376 -24.12 4.54 -46.11
N GLU C 377 -23.99 3.73 -47.16
CA GLU C 377 -24.40 4.18 -48.50
C GLU C 377 -25.90 4.07 -48.72
N GLU C 378 -26.57 3.26 -47.91
CA GLU C 378 -28.03 3.16 -47.94
C GLU C 378 -28.66 4.45 -47.40
N ALA C 379 -28.12 4.96 -46.29
CA ALA C 379 -28.61 6.17 -45.63
C ALA C 379 -28.15 7.46 -46.32
N PHE C 380 -26.92 7.46 -46.80
CA PHE C 380 -26.36 8.64 -47.41
C PHE C 380 -25.60 8.25 -48.68
N PRO C 381 -26.34 8.06 -49.79
CA PRO C 381 -25.70 7.83 -51.06
C PRO C 381 -24.65 8.89 -51.33
N GLU C 382 -23.52 8.48 -51.92
CA GLU C 382 -22.40 9.35 -52.19
C GLU C 382 -22.07 10.20 -50.95
N PRO C 383 -21.62 9.55 -49.87
CA PRO C 383 -21.47 10.26 -48.61
C PRO C 383 -20.34 11.29 -48.58
N ARG C 384 -19.32 11.15 -49.42
CA ARG C 384 -18.27 12.16 -49.46
C ARG C 384 -18.70 13.37 -50.25
N ARG C 385 -19.87 13.32 -50.85
CA ARG C 385 -20.38 14.54 -51.44
C ARG C 385 -21.16 15.43 -50.46
N TRP C 386 -20.78 16.69 -50.46
CA TRP C 386 -21.47 17.66 -49.65
C TRP C 386 -22.68 18.15 -50.46
N ASP C 387 -23.86 17.82 -49.97
CA ASP C 387 -25.10 18.28 -50.55
C ASP C 387 -26.12 18.64 -49.45
N PRO C 388 -26.29 19.94 -49.20
CA PRO C 388 -27.20 20.33 -48.12
C PRO C 388 -28.65 19.97 -48.43
N GLU C 389 -28.93 19.64 -49.71
CA GLU C 389 -30.27 19.30 -50.10
C GLU C 389 -30.60 17.84 -49.86
N ARG C 390 -29.64 17.07 -49.37
CA ARG C 390 -29.92 15.68 -49.02
C ARG C 390 -30.69 15.53 -47.71
N ASP C 391 -31.25 14.33 -47.55
CA ASP C 391 -31.96 13.90 -46.37
C ASP C 391 -31.54 12.46 -46.09
N GLU C 392 -31.44 12.09 -44.81
CA GLU C 392 -31.14 10.71 -44.43
C GLU C 392 -32.17 9.76 -45.07
N LYS C 393 -31.68 8.67 -45.67
CA LYS C 393 -32.58 7.65 -46.28
C LYS C 393 -32.91 6.52 -45.29
N VAL C 394 -32.27 6.53 -44.11
CA VAL C 394 -32.66 5.66 -42.98
C VAL C 394 -32.98 6.56 -41.81
N GLU C 395 -34.03 6.27 -41.07
CA GLU C 395 -34.49 7.18 -40.01
C GLU C 395 -33.52 7.20 -38.83
N GLY C 396 -33.14 8.38 -38.38
CA GLY C 396 -32.12 8.53 -37.35
C GLY C 396 -30.73 8.07 -37.78
N ALA C 397 -30.48 7.95 -39.08
CA ALA C 397 -29.14 7.71 -39.59
C ALA C 397 -28.24 8.88 -39.16
N PHE C 398 -28.77 10.10 -39.19
CA PHE C 398 -28.00 11.27 -38.78
C PHE C 398 -27.94 11.33 -37.26
N ILE C 399 -26.73 11.24 -36.71
CA ILE C 399 -26.51 11.32 -35.25
C ILE C 399 -25.39 12.31 -34.87
N GLY C 400 -25.28 13.39 -35.65
CA GLY C 400 -24.22 14.36 -35.47
C GLY C 400 -24.31 15.11 -34.17
N PHE C 401 -25.52 15.21 -33.62
CA PHE C 401 -25.74 15.72 -32.28
C PHE C 401 -26.19 14.58 -31.35
N GLY C 402 -25.84 13.35 -31.65
CA GLY C 402 -26.29 12.25 -30.79
C GLY C 402 -27.80 12.13 -30.84
N ALA C 403 -28.39 11.63 -29.75
CA ALA C 403 -29.82 11.25 -29.70
C ALA C 403 -30.14 10.65 -28.35
N GLY C 404 -31.44 10.56 -28.02
CA GLY C 404 -31.90 9.80 -26.88
C GLY C 404 -31.52 10.44 -25.55
N VAL C 405 -31.03 9.63 -24.61
CA VAL C 405 -30.91 10.13 -23.24
C VAL C 405 -29.80 11.19 -23.15
N HIS C 406 -28.72 11.05 -23.93
CA HIS C 406 -27.63 12.05 -23.92
C HIS C 406 -27.61 12.96 -25.13
N LYS C 407 -28.72 13.05 -25.87
CA LYS C 407 -28.83 13.96 -27.05
C LYS C 407 -28.32 15.39 -26.76
N CYS C 408 -27.53 15.98 -27.67
CA CYS C 408 -26.95 17.32 -27.41
C CYS C 408 -27.96 18.35 -26.93
N ILE C 409 -27.60 19.08 -25.87
CA ILE C 409 -28.42 20.19 -25.34
C ILE C 409 -28.00 21.61 -25.73
N GLY C 410 -26.91 21.74 -26.50
CA GLY C 410 -26.42 23.06 -26.92
C GLY C 410 -26.55 23.28 -28.41
N GLN C 411 -27.20 22.33 -29.02
CA GLN C 411 -27.43 22.24 -30.45
C GLN C 411 -28.02 23.50 -31.06
N LYS C 412 -29.10 23.95 -30.45
CA LYS C 412 -29.84 25.06 -30.96
C LYS C 412 -28.95 26.32 -30.90
N PHE C 413 -28.25 26.48 -29.78
CA PHE C 413 -27.33 27.60 -29.61
C PHE C 413 -26.13 27.53 -30.52
N GLY C 414 -25.62 26.32 -30.74
CA GLY C 414 -24.51 26.13 -31.64
C GLY C 414 -24.88 26.59 -33.04
N LEU C 415 -26.02 26.10 -33.54
CA LEU C 415 -26.42 26.44 -34.93
C LEU C 415 -26.73 27.93 -35.05
N LEU C 416 -27.29 28.50 -33.99
CA LEU C 416 -27.48 29.94 -33.92
C LEU C 416 -26.21 30.70 -34.20
N GLN C 417 -25.10 30.25 -33.64
CA GLN C 417 -23.85 30.98 -33.86
C GLN C 417 -23.37 30.75 -35.27
N VAL C 418 -23.40 29.49 -35.66
CA VAL C 418 -23.00 29.12 -37.01
C VAL C 418 -23.70 29.98 -38.07
N LYS C 419 -25.02 30.06 -38.02
CA LYS C 419 -25.79 30.73 -39.06
C LYS C 419 -25.62 32.23 -39.02
N THR C 420 -25.53 32.80 -37.82
CA THR C 420 -25.31 34.23 -37.70
C THR C 420 -23.99 34.61 -38.33
N ILE C 421 -22.96 33.79 -38.16
CA ILE C 421 -21.67 34.01 -38.81
C ILE C 421 -21.77 33.77 -40.33
N LEU C 422 -22.41 32.68 -40.76
CA LEU C 422 -22.61 32.47 -42.21
C LEU C 422 -23.39 33.67 -42.83
N ALA C 423 -24.47 34.09 -42.17
CA ALA C 423 -25.25 35.23 -42.70
C ALA C 423 -24.36 36.46 -42.80
N THR C 424 -23.77 36.82 -41.68
CA THR C 424 -22.94 38.00 -41.60
C THR C 424 -21.73 37.90 -42.56
N ALA C 425 -21.10 36.74 -42.66
CA ALA C 425 -19.91 36.64 -43.48
C ALA C 425 -20.18 36.79 -44.97
N PHE C 426 -21.15 36.06 -45.47
CA PHE C 426 -21.38 36.04 -46.92
C PHE C 426 -22.19 37.21 -47.44
N ARG C 427 -22.74 38.02 -46.54
CA ARG C 427 -23.34 39.28 -46.93
C ARG C 427 -22.27 40.22 -47.37
N SER C 428 -21.20 40.33 -46.61
CA SER C 428 -20.20 41.37 -46.84
C SER C 428 -18.94 40.92 -47.57
N TYR C 429 -18.75 39.62 -47.78
CA TYR C 429 -17.52 39.08 -48.39
C TYR C 429 -17.72 37.85 -49.29
N ASP C 430 -16.79 37.67 -50.21
CA ASP C 430 -16.60 36.40 -50.90
C ASP C 430 -15.32 35.72 -50.36
N PHE C 431 -15.11 34.46 -50.69
CA PHE C 431 -13.89 33.78 -50.31
C PHE C 431 -13.36 32.91 -51.42
N GLN C 432 -12.07 32.66 -51.36
CA GLN C 432 -11.41 31.86 -52.35
C GLN C 432 -10.56 30.85 -51.58
N LEU C 433 -10.81 29.58 -51.84
CA LEU C 433 -10.03 28.51 -51.26
C LEU C 433 -8.68 28.58 -51.96
N LEU C 434 -7.59 28.26 -51.27
CA LEU C 434 -6.27 28.37 -51.87
C LEU C 434 -5.67 27.01 -52.16
N ARG C 435 -6.54 26.03 -52.40
CA ARG C 435 -6.14 24.72 -52.90
C ARG C 435 -7.26 24.17 -53.78
N ASP C 436 -7.00 23.12 -54.53
CA ASP C 436 -8.02 22.56 -55.42
C ASP C 436 -9.25 22.00 -54.71
N GLU C 437 -9.04 21.19 -53.66
CA GLU C 437 -10.14 20.52 -53.00
C GLU C 437 -10.35 21.03 -51.58
N VAL C 438 -11.59 21.00 -51.16
CA VAL C 438 -11.96 21.16 -49.77
C VAL C 438 -10.94 20.40 -48.90
N PRO C 439 -10.49 20.99 -47.79
CA PRO C 439 -9.50 20.37 -46.89
C PRO C 439 -9.81 18.95 -46.45
N ASP C 440 -8.78 18.17 -46.15
CA ASP C 440 -8.92 16.85 -45.53
C ASP C 440 -9.26 16.99 -44.03
N PRO C 441 -10.16 16.13 -43.51
CA PRO C 441 -10.29 16.12 -42.06
C PRO C 441 -9.00 15.73 -41.36
N ASP C 442 -8.79 16.22 -40.15
CA ASP C 442 -7.66 15.81 -39.33
C ASP C 442 -8.19 15.00 -38.16
N TYR C 443 -8.05 13.68 -38.25
CA TYR C 443 -8.73 12.76 -37.34
C TYR C 443 -7.95 12.57 -36.02
N HIS C 444 -6.79 13.24 -35.93
CA HIS C 444 -5.89 13.08 -34.81
C HIS C 444 -6.25 13.92 -33.60
N THR C 445 -7.33 14.71 -33.64
CA THR C 445 -7.70 15.57 -32.49
C THR C 445 -8.91 14.99 -31.75
N MET C 446 -9.06 15.35 -30.49
CA MET C 446 -10.24 14.94 -29.72
C MET C 446 -11.53 15.30 -30.47
N VAL C 447 -11.72 16.59 -30.81
CA VAL C 447 -12.84 17.00 -31.65
C VAL C 447 -12.31 17.22 -33.08
N VAL C 448 -12.94 16.56 -34.06
CA VAL C 448 -12.42 16.54 -35.44
C VAL C 448 -12.96 17.68 -36.28
N GLY C 449 -12.01 18.44 -36.85
CA GLY C 449 -12.28 19.51 -37.82
C GLY C 449 -11.44 19.36 -39.08
N PRO C 450 -11.53 20.33 -40.01
CA PRO C 450 -10.62 20.28 -41.15
C PRO C 450 -9.19 20.57 -40.73
N THR C 451 -8.24 20.09 -41.51
CA THR C 451 -6.82 20.24 -41.17
C THR C 451 -6.49 21.73 -41.15
N ALA C 452 -5.96 22.19 -40.02
CA ALA C 452 -5.66 23.60 -39.81
C ALA C 452 -4.80 24.20 -40.90
N SER C 453 -3.73 23.49 -41.28
CA SER C 453 -2.75 24.04 -42.23
C SER C 453 -3.31 24.14 -43.63
N GLN C 454 -4.38 23.40 -43.91
CA GLN C 454 -5.09 23.52 -45.20
C GLN C 454 -6.21 24.60 -45.26
N CYS C 455 -6.45 25.33 -44.17
CA CYS C 455 -7.59 26.27 -44.08
C CYS C 455 -7.25 27.74 -44.31
N ARG C 456 -6.15 27.98 -45.01
CA ARG C 456 -5.84 29.32 -45.45
C ARG C 456 -6.78 29.61 -46.62
N VAL C 457 -7.28 30.83 -46.61
CA VAL C 457 -8.38 31.26 -47.46
C VAL C 457 -8.11 32.74 -47.79
N LYS C 458 -8.55 33.19 -48.95
CA LYS C 458 -8.48 34.62 -49.31
C LYS C 458 -9.86 35.27 -49.20
N TYR C 459 -10.02 36.28 -48.35
CA TYR C 459 -11.30 37.03 -48.27
C TYR C 459 -11.30 38.12 -49.32
N ILE C 460 -12.46 38.34 -49.94
CA ILE C 460 -12.64 39.41 -50.89
C ILE C 460 -13.82 40.24 -50.43
N ARG C 461 -13.57 41.53 -50.17
CA ARG C 461 -14.57 42.48 -49.71
C ARG C 461 -15.54 42.72 -50.86
N ARG C 462 -16.84 42.52 -50.63
CA ARG C 462 -17.87 42.81 -51.66
C ARG C 462 -18.17 44.28 -51.57
N LYS C 463 -17.78 45.02 -52.61
CA LYS C 463 -17.86 46.50 -52.60
C LYS C 463 -19.02 46.98 -53.47
N THR D 16 26.75 17.09 26.90
CA THR D 16 26.58 15.63 27.13
C THR D 16 26.58 14.88 25.78
N ASP D 17 26.11 15.51 24.70
CA ASP D 17 26.28 14.90 23.36
C ASP D 17 27.75 14.87 23.00
N PRO D 18 28.27 13.68 22.62
CA PRO D 18 29.63 13.59 22.10
C PRO D 18 29.81 14.44 20.86
N PRO D 19 31.05 14.85 20.61
CA PRO D 19 31.34 15.73 19.49
C PRO D 19 31.13 15.06 18.15
N VAL D 20 30.26 15.64 17.31
CA VAL D 20 30.14 15.26 15.90
C VAL D 20 31.36 15.82 15.12
N TYR D 21 31.95 15.02 14.25
CA TYR D 21 33.02 15.47 13.37
C TYR D 21 32.41 16.21 12.20
N PRO D 22 32.90 17.43 11.90
CA PRO D 22 32.32 18.27 10.84
C PRO D 22 32.11 17.52 9.55
N VAL D 23 30.87 17.54 9.08
CA VAL D 23 30.53 17.01 7.76
C VAL D 23 31.08 17.95 6.70
N THR D 24 31.72 17.42 5.69
CA THR D 24 32.24 18.24 4.58
C THR D 24 31.59 17.84 3.25
N VAL D 25 30.91 16.68 3.22
CA VAL D 25 30.42 16.06 1.99
C VAL D 25 28.94 15.74 2.20
N PRO D 26 28.05 16.54 1.59
CA PRO D 26 26.61 16.52 1.84
C PRO D 26 25.97 15.22 2.32
N ILE D 27 25.28 14.42 1.49
CA ILE D 27 24.39 13.44 2.15
C ILE D 27 25.19 12.26 2.68
N LEU D 28 26.28 11.95 1.95
CA LEU D 28 27.06 10.74 2.21
C LEU D 28 27.67 10.71 3.63
N GLY D 29 27.95 11.91 4.15
CA GLY D 29 28.64 12.05 5.41
C GLY D 29 30.09 11.65 5.19
N HIS D 30 30.65 10.95 6.16
CA HIS D 30 32.05 10.54 6.13
C HIS D 30 32.25 9.15 5.54
N ILE D 31 31.21 8.58 4.94
CA ILE D 31 31.28 7.22 4.41
C ILE D 31 32.46 7.05 3.48
N ILE D 32 32.85 8.10 2.76
CA ILE D 32 33.94 7.95 1.79
C ILE D 32 35.30 7.91 2.45
N GLN D 33 35.62 8.97 3.21
CA GLN D 33 36.92 9.09 3.85
C GLN D 33 37.11 8.03 4.93
N PHE D 34 36.01 7.44 5.40
CA PHE D 34 36.08 6.25 6.27
C PHE D 34 36.63 5.07 5.48
N GLY D 35 35.84 4.60 4.51
CA GLY D 35 36.19 3.44 3.70
C GLY D 35 37.53 3.56 2.99
N LYS D 36 37.91 4.78 2.60
CA LYS D 36 39.20 4.97 1.96
C LYS D 36 40.30 4.61 2.98
N SER D 37 40.19 5.09 4.23
CA SER D 37 41.18 4.72 5.28
C SER D 37 40.60 4.70 6.71
N PRO D 38 40.03 3.56 7.12
CA PRO D 38 39.34 3.53 8.38
C PRO D 38 40.21 3.88 9.53
N LEU D 39 41.42 3.34 9.60
CA LEU D 39 42.28 3.65 10.76
C LEU D 39 42.67 5.13 10.83
N GLY D 40 43.20 5.66 9.72
CA GLY D 40 43.62 7.06 9.66
C GLY D 40 42.48 7.99 10.01
N PHE D 41 41.32 7.76 9.38
CA PHE D 41 40.17 8.60 9.57
C PHE D 41 39.69 8.59 11.01
N MET D 42 39.68 7.43 11.65
CA MET D 42 39.26 7.41 13.04
C MET D 42 40.31 8.09 13.88
N GLN D 43 41.57 7.65 13.80
CA GLN D 43 42.62 8.34 14.54
C GLN D 43 42.49 9.86 14.36
N GLU D 44 42.42 10.31 13.12
CA GLU D 44 42.24 11.75 12.87
C GLU D 44 41.09 12.30 13.70
N CYS D 45 39.94 11.63 13.72
CA CYS D 45 38.81 12.09 14.57
C CYS D 45 39.21 12.21 16.05
N LYS D 46 39.65 11.10 16.64
CA LYS D 46 40.09 11.08 18.03
C LYS D 46 40.95 12.32 18.37
N ARG D 47 41.94 12.60 17.54
CA ARG D 47 42.79 13.77 17.75
C ARG D 47 42.01 15.05 17.57
N GLN D 48 41.64 15.34 16.33
CA GLN D 48 41.02 16.60 15.95
C GLN D 48 39.93 17.05 16.93
N LEU D 49 39.25 16.10 17.60
CA LEU D 49 38.18 16.44 18.55
C LEU D 49 38.68 16.31 19.98
N LYS D 50 39.99 16.12 20.10
CA LYS D 50 40.65 15.95 21.39
C LYS D 50 39.72 15.13 22.31
N SER D 51 39.34 13.93 21.85
CA SER D 51 38.37 13.09 22.59
C SER D 51 38.26 11.67 22.02
N GLY D 52 38.19 10.68 22.90
CA GLY D 52 38.18 9.29 22.47
C GLY D 52 36.79 8.80 22.10
N ILE D 53 35.76 9.60 22.36
CA ILE D 53 34.41 9.19 22.13
C ILE D 53 33.84 10.21 21.21
N PHE D 54 33.33 9.79 20.06
CA PHE D 54 32.85 10.75 19.08
C PHE D 54 31.76 10.19 18.17
N THR D 55 31.13 11.08 17.41
CA THR D 55 30.05 10.70 16.53
C THR D 55 30.40 11.04 15.08
N ILE D 56 30.20 10.09 14.17
CA ILE D 56 30.41 10.36 12.76
C ILE D 56 29.10 10.15 12.06
N ASN D 57 29.05 10.58 10.82
CA ASN D 57 27.85 10.50 10.00
C ASN D 57 28.12 9.47 8.91
N ILE D 58 27.24 8.49 8.76
CA ILE D 58 27.39 7.57 7.65
C ILE D 58 26.07 7.39 6.98
N VAL D 59 26.04 7.93 5.75
CA VAL D 59 24.85 8.19 4.94
C VAL D 59 23.58 8.69 5.65
N GLY D 60 23.73 9.42 6.74
CA GLY D 60 22.58 10.07 7.38
C GLY D 60 22.37 9.53 8.77
N LYS D 61 23.10 8.48 9.08
CA LYS D 61 22.95 7.76 10.33
C LYS D 61 24.07 8.17 11.27
N ARG D 62 23.72 8.41 12.51
CA ARG D 62 24.71 8.81 13.50
C ARG D 62 25.38 7.56 14.05
N VAL D 63 26.69 7.49 13.90
CA VAL D 63 27.45 6.37 14.41
C VAL D 63 28.36 6.94 15.47
N THR D 64 28.07 6.64 16.74
CA THR D 64 28.91 7.10 17.86
C THR D 64 29.90 6.01 18.23
N ILE D 65 31.18 6.33 18.13
CA ILE D 65 32.25 5.36 18.34
C ILE D 65 32.85 5.46 19.74
N VAL D 66 32.75 4.38 20.50
CA VAL D 66 33.37 4.31 21.80
C VAL D 66 34.83 3.97 21.60
N GLY D 67 35.63 4.95 21.18
CA GLY D 67 37.04 4.75 20.90
C GLY D 67 38.02 4.94 22.06
N ASP D 68 37.52 4.98 23.29
CA ASP D 68 38.40 5.01 24.47
C ASP D 68 38.36 3.67 25.21
N PRO D 69 39.51 2.98 25.27
CA PRO D 69 39.51 1.66 25.88
C PRO D 69 38.98 1.67 27.32
N HIS D 70 39.32 2.69 28.11
CA HIS D 70 38.78 2.79 29.47
C HIS D 70 37.22 2.74 29.47
N GLU D 71 36.57 2.99 28.33
CA GLU D 71 35.11 2.91 28.25
C GLU D 71 34.52 1.68 27.58
N HIS D 72 35.34 0.67 27.26
CA HIS D 72 34.83 -0.55 26.55
C HIS D 72 33.61 -1.22 27.21
N SER D 73 33.58 -1.24 28.54
CA SER D 73 32.47 -1.86 29.28
C SER D 73 31.11 -1.17 29.05
N ARG D 74 31.13 0.10 28.67
CA ARG D 74 29.87 0.81 28.38
C ARG D 74 29.19 0.31 27.13
N PHE D 75 29.97 -0.35 26.27
CA PHE D 75 29.44 -0.98 25.04
C PHE D 75 29.22 -2.46 25.24
N PHE D 76 30.18 -3.18 25.82
CA PHE D 76 30.08 -4.64 25.84
C PHE D 76 29.12 -5.21 26.86
N LEU D 77 28.86 -4.48 27.95
CA LEU D 77 28.07 -5.03 29.07
C LEU D 77 26.54 -4.76 29.08
N PRO D 78 26.07 -3.58 28.61
CA PRO D 78 24.63 -3.36 28.62
C PRO D 78 23.84 -4.41 27.86
N ARG D 79 22.62 -4.68 28.27
CA ARG D 79 21.91 -5.83 27.71
C ARG D 79 21.23 -5.52 26.37
N ASN D 80 20.80 -6.60 25.72
CA ASN D 80 20.27 -6.54 24.38
C ASN D 80 19.17 -5.49 24.30
N GLU D 81 18.37 -5.43 25.36
CA GLU D 81 17.20 -4.58 25.40
C GLU D 81 17.60 -3.10 25.32
N VAL D 82 18.84 -2.80 25.70
CA VAL D 82 19.36 -1.44 25.72
C VAL D 82 20.28 -1.20 24.54
N LEU D 83 21.21 -2.13 24.31
CA LEU D 83 22.10 -2.07 23.15
C LEU D 83 21.85 -3.31 22.28
N SER D 84 21.08 -3.14 21.21
CA SER D 84 20.60 -4.29 20.45
C SER D 84 21.52 -4.58 19.31
N PRO D 85 21.80 -5.86 19.05
CA PRO D 85 22.41 -6.26 17.79
C PRO D 85 21.44 -6.56 16.64
N ARG D 86 20.17 -6.84 16.93
CA ARG D 86 19.21 -7.27 15.90
C ARG D 86 19.23 -6.39 14.68
N GLU D 87 19.06 -5.08 14.91
CA GLU D 87 18.80 -4.15 13.80
C GLU D 87 20.02 -3.92 12.95
N VAL D 88 21.16 -3.69 13.59
CA VAL D 88 22.43 -3.55 12.90
C VAL D 88 22.97 -4.81 12.19
N TYR D 89 22.65 -6.01 12.64
CA TYR D 89 23.18 -7.22 12.01
C TYR D 89 22.15 -7.97 11.16
N SER D 90 21.16 -7.26 10.62
CA SER D 90 20.03 -7.92 9.92
C SER D 90 20.34 -8.30 8.47
N PHE D 91 21.31 -7.62 7.88
CA PHE D 91 21.87 -8.03 6.61
C PHE D 91 22.44 -9.45 6.59
N MET D 92 22.52 -10.10 7.75
CA MET D 92 23.03 -11.47 7.81
C MET D 92 21.98 -12.53 7.74
N VAL D 93 20.73 -12.15 7.61
CA VAL D 93 19.68 -13.13 7.37
C VAL D 93 19.89 -14.17 6.22
N PRO D 94 20.76 -13.89 5.21
CA PRO D 94 21.21 -14.89 4.21
C PRO D 94 21.99 -16.00 4.83
N VAL D 95 22.98 -15.67 5.61
CA VAL D 95 23.73 -16.68 6.33
C VAL D 95 22.77 -17.44 7.26
N PHE D 96 22.23 -16.75 8.24
CA PHE D 96 21.36 -17.39 9.21
C PHE D 96 20.07 -18.04 8.66
N GLY D 97 19.26 -17.30 7.90
CA GLY D 97 17.86 -17.68 7.65
C GLY D 97 16.94 -16.71 8.37
N GLU D 98 15.69 -16.60 7.95
CA GLU D 98 14.81 -15.49 8.38
C GLU D 98 14.47 -15.30 9.86
N GLY D 99 14.26 -16.35 10.65
CA GLY D 99 13.91 -16.09 12.09
C GLY D 99 14.93 -16.67 13.06
N VAL D 100 16.20 -16.33 12.81
CA VAL D 100 17.33 -17.10 13.34
C VAL D 100 18.52 -16.27 13.73
N ALA D 101 19.15 -16.64 14.83
CA ALA D 101 20.24 -15.89 15.40
C ALA D 101 19.71 -14.51 15.71
N TYR D 102 20.28 -13.44 15.16
CA TYR D 102 19.91 -12.07 15.60
C TYR D 102 18.51 -11.64 15.17
N ALA D 103 17.84 -12.39 14.30
CA ALA D 103 16.52 -12.00 13.79
C ALA D 103 15.41 -12.48 14.69
N ALA D 104 15.74 -13.39 15.61
CA ALA D 104 14.73 -13.96 16.48
C ALA D 104 14.64 -13.12 17.75
N PRO D 105 13.51 -13.22 18.47
CA PRO D 105 13.42 -12.51 19.75
C PRO D 105 14.65 -12.79 20.65
N TYR D 106 14.96 -11.91 21.58
CA TYR D 106 16.21 -12.07 22.39
C TYR D 106 16.29 -13.37 23.19
N PRO D 107 15.20 -13.74 23.86
CA PRO D 107 15.21 -15.03 24.54
C PRO D 107 15.57 -16.19 23.62
N ARG D 108 15.02 -16.19 22.40
CA ARG D 108 15.17 -17.29 21.45
C ARG D 108 16.52 -17.23 20.78
N MET D 109 16.96 -16.01 20.48
CA MET D 109 18.33 -15.80 20.03
C MET D 109 19.31 -16.40 21.02
N ARG D 110 19.08 -16.19 22.31
CA ARG D 110 20.06 -16.61 23.31
C ARG D 110 20.16 -18.14 23.36
N GLU D 111 19.00 -18.80 23.36
CA GLU D 111 18.96 -20.26 23.35
C GLU D 111 19.78 -20.84 22.20
N GLN D 112 19.59 -20.30 21.01
CA GLN D 112 20.21 -20.83 19.83
C GLN D 112 21.73 -20.64 19.94
N LEU D 113 22.18 -19.42 20.19
CA LEU D 113 23.59 -19.23 20.33
C LEU D 113 24.15 -20.11 21.48
N ASN D 114 23.46 -20.20 22.63
CA ASN D 114 23.92 -21.15 23.70
C ASN D 114 24.07 -22.61 23.20
N PHE D 115 23.12 -23.09 22.38
CA PHE D 115 23.23 -24.45 21.88
C PHE D 115 24.49 -24.68 21.07
N LEU D 116 24.85 -23.69 20.28
CA LEU D 116 26.05 -23.73 19.47
C LEU D 116 27.23 -23.59 20.37
N ALA D 117 27.13 -22.68 21.33
CA ALA D 117 28.25 -22.39 22.21
C ALA D 117 28.68 -23.67 22.91
N GLU D 118 27.72 -24.43 23.43
CA GLU D 118 28.06 -25.69 24.11
C GLU D 118 28.56 -26.75 23.12
N GLU D 119 28.21 -26.59 21.85
CA GLU D 119 28.72 -27.47 20.84
C GLU D 119 30.19 -27.18 20.45
N LEU D 120 30.76 -26.11 20.99
CA LEU D 120 32.12 -25.68 20.64
C LEU D 120 33.00 -25.52 21.86
N THR D 121 32.64 -26.13 22.99
CA THR D 121 33.42 -25.98 24.21
C THR D 121 34.65 -26.89 24.16
N ILE D 122 35.64 -26.61 25.00
CA ILE D 122 36.89 -27.39 24.99
C ILE D 122 36.59 -28.87 25.28
N ALA D 123 35.55 -29.09 26.08
CA ALA D 123 35.07 -30.42 26.41
C ALA D 123 34.66 -31.26 25.20
N LYS D 124 34.54 -30.65 24.02
CA LYS D 124 34.21 -31.40 22.78
C LYS D 124 35.48 -31.65 21.91
N PHE D 125 36.64 -31.16 22.34
CA PHE D 125 37.86 -31.22 21.55
C PHE D 125 38.65 -32.52 21.70
N GLN D 126 38.18 -33.48 22.52
CA GLN D 126 39.00 -34.69 22.78
C GLN D 126 39.61 -35.24 21.47
N ASN D 127 38.85 -35.28 20.38
CA ASN D 127 39.35 -35.81 19.07
C ASN D 127 39.77 -34.76 17.96
N PHE D 128 39.77 -33.47 18.27
CA PHE D 128 39.90 -32.44 17.26
C PHE D 128 41.35 -32.29 16.76
N VAL D 129 42.36 -32.37 17.61
CA VAL D 129 43.71 -32.10 17.08
C VAL D 129 44.09 -33.06 15.93
N PRO D 130 43.85 -34.39 16.09
CA PRO D 130 44.20 -35.25 14.97
C PRO D 130 43.37 -34.97 13.73
N ALA D 131 42.06 -34.77 13.91
CA ALA D 131 41.18 -34.37 12.79
C ALA D 131 41.88 -33.24 12.03
N ILE D 132 42.24 -32.18 12.75
CA ILE D 132 42.88 -31.02 12.11
C ILE D 132 44.20 -31.42 11.39
N GLN D 133 45.15 -31.95 12.16
CA GLN D 133 46.43 -32.39 11.62
C GLN D 133 46.34 -33.28 10.37
N HIS D 134 45.41 -34.23 10.37
CA HIS D 134 45.21 -35.07 9.19
C HIS D 134 44.97 -34.13 8.00
N GLU D 135 43.93 -33.32 8.11
CA GLU D 135 43.55 -32.42 7.02
C GLU D 135 44.65 -31.42 6.55
N VAL D 136 45.46 -30.91 7.49
CA VAL D 136 46.57 -30.05 7.09
C VAL D 136 47.59 -30.82 6.25
N ARG D 137 47.99 -31.98 6.75
CA ARG D 137 49.04 -32.75 6.08
C ARG D 137 48.53 -33.15 4.71
N LYS D 138 47.28 -33.56 4.67
CA LYS D 138 46.69 -33.93 3.39
C LYS D 138 46.64 -32.74 2.40
N PHE D 139 46.50 -31.52 2.90
CA PHE D 139 46.55 -30.36 2.01
C PHE D 139 47.98 -30.12 1.58
N MET D 140 48.89 -30.35 2.52
CA MET D 140 50.31 -30.10 2.32
C MET D 140 50.91 -31.01 1.25
N ALA D 141 50.56 -32.28 1.39
CA ALA D 141 51.11 -33.33 0.57
C ALA D 141 50.29 -33.47 -0.71
N ALA D 142 49.69 -32.37 -1.15
CA ALA D 142 48.96 -32.31 -2.43
C ALA D 142 49.13 -30.95 -3.09
N ASN D 143 49.47 -29.92 -2.31
CA ASN D 143 49.70 -28.60 -2.86
C ASN D 143 51.08 -28.01 -2.50
N TRP D 144 51.69 -28.49 -1.42
CA TRP D 144 52.98 -27.98 -0.99
C TRP D 144 54.09 -29.06 -1.13
N ASP D 145 54.04 -29.86 -2.23
CA ASP D 145 54.69 -31.20 -2.28
C ASP D 145 56.04 -31.25 -3.00
N LYS D 146 56.43 -30.14 -3.60
CA LYS D 146 57.79 -29.99 -4.13
C LYS D 146 58.81 -29.68 -3.01
N ASP D 147 60.06 -29.40 -3.38
CA ASP D 147 61.06 -28.96 -2.43
C ASP D 147 61.00 -27.42 -2.17
N GLU D 148 60.40 -26.68 -3.09
CA GLU D 148 60.05 -25.28 -2.86
C GLU D 148 59.06 -24.81 -3.94
N GLY D 149 58.00 -24.16 -3.54
CA GLY D 149 57.01 -23.70 -4.52
C GLY D 149 56.35 -22.37 -4.18
N GLU D 150 55.64 -21.81 -5.15
CA GLU D 150 54.94 -20.54 -4.91
C GLU D 150 53.38 -20.72 -4.78
N ILE D 151 52.86 -20.27 -3.64
CA ILE D 151 51.41 -20.34 -3.37
C ILE D 151 50.89 -19.00 -2.87
N ASN D 152 49.55 -18.89 -2.82
CA ASN D 152 48.91 -17.72 -2.20
C ASN D 152 48.54 -18.16 -0.81
N LEU D 153 49.10 -17.51 0.19
CA LEU D 153 49.03 -18.06 1.53
C LEU D 153 47.64 -17.87 2.15
N LEU D 154 47.01 -16.74 1.87
CA LEU D 154 45.67 -16.48 2.43
C LEU D 154 44.72 -17.53 1.90
N GLU D 155 44.69 -17.71 0.58
CA GLU D 155 43.86 -18.71 -0.06
C GLU D 155 44.09 -20.12 0.46
N ASP D 156 45.35 -20.52 0.60
CA ASP D 156 45.66 -21.85 1.11
C ASP D 156 45.20 -22.03 2.56
N CYS D 157 45.53 -21.07 3.43
CA CYS D 157 45.06 -21.16 4.83
C CYS D 157 43.54 -21.21 4.87
N SER D 158 42.94 -20.39 4.04
CA SER D 158 41.51 -20.31 3.95
C SER D 158 40.94 -21.65 3.57
N THR D 159 41.57 -22.35 2.62
CA THR D 159 41.16 -23.73 2.28
C THR D 159 41.46 -24.68 3.40
N MET D 160 42.64 -24.65 4.00
CA MET D 160 42.91 -25.56 5.13
C MET D 160 41.89 -25.41 6.25
N ILE D 161 41.53 -24.18 6.60
CA ILE D 161 40.60 -23.95 7.74
C ILE D 161 39.20 -24.48 7.49
N ILE D 162 38.68 -24.28 6.28
CA ILE D 162 37.35 -24.83 6.01
C ILE D 162 37.43 -26.34 6.11
N ASN D 163 38.46 -26.96 5.56
CA ASN D 163 38.60 -28.43 5.62
C ASN D 163 38.74 -28.97 7.05
N THR D 164 39.61 -28.32 7.84
CA THR D 164 39.83 -28.74 9.20
C THR D 164 38.56 -28.48 10.04
N ALA D 165 37.80 -27.43 9.72
CA ALA D 165 36.54 -27.18 10.49
C ALA D 165 35.51 -28.29 10.24
N CYS D 166 35.26 -28.59 8.96
CA CYS D 166 34.39 -29.69 8.59
C CYS D 166 34.85 -30.99 9.22
N GLN D 167 36.15 -31.28 9.18
CA GLN D 167 36.59 -32.59 9.66
C GLN D 167 36.27 -32.70 11.14
N CYS D 168 36.46 -31.63 11.90
CA CYS D 168 36.14 -31.65 13.33
C CYS D 168 34.65 -31.72 13.69
N LEU D 169 33.80 -31.04 12.92
CA LEU D 169 32.40 -30.77 13.34
C LEU D 169 31.40 -31.60 12.54
N PHE D 170 31.77 -32.08 11.37
CA PHE D 170 30.91 -33.01 10.64
C PHE D 170 31.33 -34.48 10.82
N GLY D 171 30.38 -35.32 11.17
CA GLY D 171 30.60 -36.75 11.15
C GLY D 171 30.89 -37.28 9.75
N GLU D 172 31.18 -38.57 9.71
CA GLU D 172 31.69 -39.20 8.52
C GLU D 172 30.55 -39.39 7.53
N ASP D 173 29.38 -39.69 8.07
CA ASP D 173 28.21 -39.94 7.24
C ASP D 173 27.92 -38.64 6.51
N LEU D 174 27.95 -37.52 7.26
CA LEU D 174 27.72 -36.20 6.69
C LEU D 174 28.74 -35.93 5.57
N ARG D 175 30.02 -36.08 5.88
CA ARG D 175 31.09 -35.71 4.91
C ARG D 175 31.14 -36.61 3.64
N LYS D 176 30.45 -37.75 3.66
CA LYS D 176 30.36 -38.63 2.49
C LYS D 176 29.40 -38.09 1.47
N ARG D 177 28.46 -37.26 1.91
CA ARG D 177 27.52 -36.58 1.00
C ARG D 177 28.00 -35.18 0.74
N LEU D 178 28.52 -34.52 1.78
CA LEU D 178 28.82 -33.10 1.72
C LEU D 178 30.25 -32.81 2.16
N ASP D 179 31.22 -33.01 1.28
CA ASP D 179 32.63 -32.80 1.71
C ASP D 179 32.98 -31.30 1.85
N ALA D 180 34.14 -31.00 2.42
CA ALA D 180 34.54 -29.61 2.62
C ALA D 180 34.53 -28.79 1.32
N ARG D 181 34.96 -29.37 0.21
CA ARG D 181 34.94 -28.60 -1.04
C ARG D 181 33.50 -28.15 -1.43
N ARG D 182 32.53 -29.04 -1.25
CA ARG D 182 31.14 -28.76 -1.60
C ARG D 182 30.48 -27.85 -0.56
N PHE D 183 30.86 -27.99 0.71
CA PHE D 183 30.30 -27.06 1.70
C PHE D 183 30.81 -25.65 1.44
N ALA D 184 32.11 -25.55 1.19
CA ALA D 184 32.71 -24.25 0.87
C ALA D 184 31.92 -23.61 -0.26
N GLN D 185 31.64 -24.38 -1.31
CA GLN D 185 31.09 -23.85 -2.55
C GLN D 185 29.73 -23.29 -2.27
N LEU D 186 28.94 -24.05 -1.51
CA LEU D 186 27.62 -23.62 -1.06
C LEU D 186 27.74 -22.39 -0.20
N LEU D 187 28.70 -22.41 0.72
CA LEU D 187 28.90 -21.30 1.65
C LEU D 187 29.24 -20.02 0.86
N ALA D 188 30.09 -20.17 -0.16
CA ALA D 188 30.46 -19.02 -0.98
C ALA D 188 29.19 -18.43 -1.63
N LYS D 189 28.34 -19.29 -2.19
CA LYS D 189 27.11 -18.83 -2.82
C LYS D 189 26.21 -18.03 -1.86
N MET D 190 26.06 -18.51 -0.62
CA MET D 190 25.33 -17.76 0.43
C MET D 190 26.06 -16.47 0.85
N GLU D 191 27.32 -16.59 1.27
CA GLU D 191 28.21 -15.42 1.56
C GLU D 191 28.09 -14.21 0.62
N SER D 192 28.02 -14.46 -0.69
CA SER D 192 28.03 -13.37 -1.71
C SER D 192 26.71 -12.62 -1.78
N SER D 193 25.68 -13.16 -1.15
CA SER D 193 24.43 -12.49 -1.06
C SER D 193 24.56 -11.33 -0.02
N LEU D 194 25.53 -11.43 0.89
CA LEU D 194 25.64 -10.45 1.94
C LEU D 194 25.92 -9.07 1.33
N ILE D 195 25.06 -8.10 1.71
CA ILE D 195 25.33 -6.68 1.52
C ILE D 195 25.60 -5.98 2.87
N PRO D 196 26.86 -5.92 3.31
CA PRO D 196 27.23 -5.16 4.54
C PRO D 196 26.86 -3.66 4.57
N ALA D 197 26.71 -3.03 3.41
CA ALA D 197 26.27 -1.62 3.42
C ALA D 197 24.85 -1.48 3.94
N ALA D 198 24.10 -2.59 3.94
CA ALA D 198 22.74 -2.58 4.46
C ALA D 198 22.64 -2.14 5.93
N VAL D 199 23.74 -2.12 6.66
CA VAL D 199 23.71 -1.69 8.06
C VAL D 199 23.29 -0.23 8.11
N PHE D 200 23.75 0.49 7.09
CA PHE D 200 23.50 1.92 6.90
C PHE D 200 22.39 2.24 5.85
N LEU D 201 22.12 1.32 4.93
CA LEU D 201 21.12 1.53 3.89
C LEU D 201 20.26 0.28 3.76
N PRO D 202 19.35 0.07 4.72
CA PRO D 202 18.49 -1.11 4.77
C PRO D 202 17.57 -1.24 3.58
N ILE D 203 17.29 -0.14 2.91
CA ILE D 203 16.62 -0.19 1.61
C ILE D 203 17.27 -1.28 0.73
N LEU D 204 18.59 -1.41 0.79
CA LEU D 204 19.29 -2.36 -0.07
C LEU D 204 18.77 -3.79 0.07
N LEU D 205 18.40 -4.18 1.29
CA LEU D 205 17.84 -5.50 1.57
C LEU D 205 16.52 -5.76 0.85
N LYS D 206 15.98 -4.76 0.13
CA LYS D 206 14.72 -4.92 -0.64
C LYS D 206 14.95 -5.02 -2.15
N LEU D 207 16.19 -4.87 -2.62
CA LEU D 207 16.48 -4.89 -4.04
C LEU D 207 16.42 -6.32 -4.59
N PRO D 208 15.80 -6.54 -5.76
CA PRO D 208 15.78 -7.89 -6.33
C PRO D 208 17.13 -8.39 -6.87
N LEU D 209 18.21 -8.21 -6.13
CA LEU D 209 19.52 -8.55 -6.69
C LEU D 209 19.58 -10.02 -7.02
N PRO D 210 20.32 -10.37 -8.06
CA PRO D 210 20.37 -11.76 -8.51
C PRO D 210 21.23 -12.67 -7.64
N GLN D 211 22.09 -12.09 -6.80
N GLN D 211 22.10 -12.07 -6.81
CA GLN D 211 22.92 -12.85 -5.89
CA GLN D 211 22.91 -12.79 -5.81
C GLN D 211 22.09 -13.39 -4.68
C GLN D 211 22.06 -13.45 -4.72
N SER D 212 20.84 -12.94 -4.56
CA SER D 212 19.89 -13.46 -3.58
C SER D 212 19.22 -14.74 -4.04
N ALA D 213 19.09 -14.92 -5.36
CA ALA D 213 18.53 -16.18 -5.88
C ALA D 213 19.55 -17.28 -5.65
N ARG D 214 20.82 -16.95 -5.89
CA ARG D 214 21.91 -17.90 -5.73
C ARG D 214 22.04 -18.33 -4.28
N CYS D 215 21.78 -17.42 -3.34
CA CYS D 215 21.92 -17.75 -1.93
C CYS D 215 20.79 -18.68 -1.51
N HIS D 216 19.59 -18.33 -1.94
CA HIS D 216 18.42 -19.14 -1.73
C HIS D 216 18.60 -20.57 -2.26
N GLU D 217 19.16 -20.69 -3.45
CA GLU D 217 19.31 -21.98 -4.10
C GLU D 217 20.28 -22.86 -3.37
N ALA D 218 21.32 -22.27 -2.80
CA ALA D 218 22.31 -23.02 -2.02
C ALA D 218 21.79 -23.42 -0.65
N ARG D 219 20.94 -22.59 -0.05
N ARG D 219 20.94 -22.59 -0.07
CA ARG D 219 20.40 -22.90 1.26
CA ARG D 219 20.39 -22.88 1.24
C ARG D 219 19.42 -24.08 1.15
C ARG D 219 19.44 -24.08 1.14
N THR D 220 18.54 -24.04 0.14
CA THR D 220 17.56 -25.11 -0.04
C THR D 220 18.28 -26.44 -0.41
N GLU D 221 19.42 -26.34 -1.08
CA GLU D 221 20.32 -27.49 -1.34
C GLU D 221 21.03 -28.01 -0.09
N LEU D 222 21.48 -27.11 0.78
CA LEU D 222 22.08 -27.55 2.05
C LEU D 222 21.07 -28.27 2.90
N GLN D 223 19.84 -27.78 2.95
CA GLN D 223 18.80 -28.38 3.78
C GLN D 223 18.34 -29.72 3.21
N LYS D 224 18.26 -29.82 1.88
CA LYS D 224 17.82 -31.07 1.25
C LYS D 224 18.77 -32.20 1.67
N ILE D 225 20.08 -31.94 1.52
CA ILE D 225 21.13 -32.90 1.87
C ILE D 225 21.15 -33.28 3.37
N LEU D 226 21.21 -32.30 4.27
CA LEU D 226 21.05 -32.57 5.70
C LEU D 226 19.78 -33.38 6.02
N SER D 227 18.71 -33.19 5.30
CA SER D 227 17.50 -33.88 5.64
C SER D 227 17.65 -35.33 5.26
N GLU D 228 18.18 -35.59 4.05
CA GLU D 228 18.52 -36.94 3.60
C GLU D 228 19.46 -37.64 4.56
N ILE D 229 20.36 -36.87 5.18
CA ILE D 229 21.29 -37.40 6.18
C ILE D 229 20.57 -37.77 7.47
N ILE D 230 19.65 -36.93 7.91
CA ILE D 230 18.99 -37.19 9.18
C ILE D 230 18.13 -38.45 9.04
N ILE D 231 17.51 -38.64 7.88
CA ILE D 231 16.71 -39.86 7.63
C ILE D 231 17.64 -41.10 7.71
N ALA D 232 18.77 -41.06 6.99
CA ALA D 232 19.66 -42.22 6.96
C ALA D 232 20.19 -42.48 8.38
N ARG D 233 20.36 -41.43 9.16
CA ARG D 233 20.72 -41.56 10.58
C ARG D 233 19.63 -42.22 11.41
N LYS D 234 18.37 -41.88 11.16
CA LYS D 234 17.29 -42.47 11.96
C LYS D 234 16.96 -43.93 11.58
N ALA D 235 17.11 -44.25 10.29
CA ALA D 235 17.05 -45.64 9.78
C ALA D 235 18.11 -46.50 10.47
N ALA D 236 19.35 -46.01 10.46
CA ALA D 236 20.48 -46.63 11.19
C ALA D 236 20.20 -46.89 12.70
N ALA D 237 19.60 -45.89 13.37
CA ALA D 237 19.47 -45.90 14.84
C ALA D 237 18.46 -46.93 15.35
N VAL D 238 17.58 -47.41 14.46
CA VAL D 238 16.57 -48.41 14.79
C VAL D 238 17.22 -49.79 14.79
N ASN D 239 18.12 -50.05 13.83
CA ASN D 239 19.02 -51.23 13.85
C ASN D 239 20.27 -50.95 14.69
N LYS D 240 20.16 -50.10 15.73
CA LYS D 240 21.27 -49.84 16.68
C LYS D 240 22.54 -49.30 16.00
N SER D 242 23.70 -46.55 16.38
CA SER D 242 23.52 -46.08 17.78
C SER D 242 24.85 -45.58 18.42
N SER D 243 25.44 -44.50 17.88
CA SER D 243 26.81 -44.05 18.28
C SER D 243 27.47 -42.90 17.43
N THR D 244 28.41 -42.16 18.07
CA THR D 244 29.21 -41.04 17.48
C THR D 244 28.47 -39.70 17.23
N SER D 245 28.86 -38.67 17.99
CA SER D 245 28.22 -37.35 17.95
C SER D 245 28.96 -36.33 17.09
N ASP D 246 28.23 -35.31 16.62
CA ASP D 246 28.80 -34.20 15.86
C ASP D 246 28.01 -32.90 16.15
N LEU D 247 28.49 -31.76 15.63
CA LEU D 247 27.69 -30.50 15.61
C LEU D 247 26.20 -30.75 15.30
N LEU D 248 25.92 -31.48 14.20
CA LEU D 248 24.54 -31.71 13.76
C LEU D 248 23.73 -32.46 14.84
N SER D 249 24.03 -33.73 15.08
CA SER D 249 23.32 -34.47 16.17
C SER D 249 23.13 -33.64 17.43
N GLY D 250 24.19 -32.93 17.80
CA GLY D 250 24.20 -32.08 18.98
C GLY D 250 23.08 -31.07 18.90
N LEU D 251 22.99 -30.36 17.79
CA LEU D 251 21.96 -29.35 17.67
C LEU D 251 20.66 -30.08 17.52
N LEU D 252 20.68 -31.16 16.77
CA LEU D 252 19.47 -31.94 16.54
C LEU D 252 18.83 -32.39 17.85
N SER D 253 19.56 -32.43 18.95
CA SER D 253 18.95 -32.88 20.20
C SER D 253 18.78 -31.75 21.21
N ALA D 254 19.00 -30.51 20.79
CA ALA D 254 18.67 -29.38 21.65
C ALA D 254 17.14 -29.28 21.80
N VAL D 255 16.68 -28.97 23.02
CA VAL D 255 15.28 -28.69 23.32
C VAL D 255 15.21 -27.26 23.83
N TYR D 256 14.28 -26.47 23.29
CA TYR D 256 14.12 -25.09 23.75
C TYR D 256 13.47 -25.14 25.14
N ARG D 257 13.56 -24.06 25.89
CA ARG D 257 12.80 -23.91 27.15
C ARG D 257 11.33 -24.29 26.96
N ASP D 258 10.73 -23.96 25.84
CA ASP D 258 9.38 -24.45 25.64
C ASP D 258 9.56 -25.91 25.38
N GLY D 259 8.54 -26.59 24.93
CA GLY D 259 8.74 -28.04 24.79
C GLY D 259 9.80 -28.45 23.78
N THR D 260 10.10 -27.59 22.81
CA THR D 260 10.24 -28.00 21.41
C THR D 260 11.63 -28.10 20.79
N PRO D 261 11.80 -29.03 19.85
CA PRO D 261 13.09 -29.09 19.22
C PRO D 261 13.25 -28.04 18.13
N MET D 262 14.51 -27.73 17.81
CA MET D 262 14.87 -26.87 16.71
C MET D 262 14.35 -27.41 15.42
N SER D 263 13.96 -26.54 14.50
CA SER D 263 13.60 -26.99 13.15
C SER D 263 14.84 -27.16 12.26
N LEU D 264 14.69 -27.87 11.15
CA LEU D 264 15.80 -28.08 10.21
C LEU D 264 16.46 -26.74 9.85
N HIS D 265 15.65 -25.76 9.49
CA HIS D 265 16.18 -24.51 9.03
C HIS D 265 16.87 -23.75 10.13
N GLU D 266 16.51 -23.95 11.40
CA GLU D 266 17.31 -23.29 12.45
C GLU D 266 18.60 -24.02 12.69
N VAL D 267 18.54 -25.35 12.64
CA VAL D 267 19.74 -26.18 12.82
C VAL D 267 20.74 -25.77 11.72
N CYS D 268 20.24 -25.81 10.51
CA CYS D 268 21.04 -25.47 9.38
C CYS D 268 21.56 -24.03 9.48
N GLY D 269 20.70 -23.11 9.89
CA GLY D 269 21.13 -21.73 10.06
C GLY D 269 22.30 -21.58 11.01
N MET D 270 22.28 -22.31 12.11
CA MET D 270 23.39 -22.22 13.07
C MET D 270 24.64 -22.88 12.53
N ILE D 271 24.46 -23.92 11.71
CA ILE D 271 25.60 -24.58 11.11
C ILE D 271 26.30 -23.60 10.19
N VAL D 272 25.54 -22.96 9.27
CA VAL D 272 26.25 -22.08 8.33
C VAL D 272 26.81 -20.86 9.09
N ALA D 273 26.20 -20.50 10.21
CA ALA D 273 26.68 -19.33 10.96
C ALA D 273 28.03 -19.70 11.61
N ALA D 274 28.05 -20.88 12.22
CA ALA D 274 29.27 -21.40 12.82
C ALA D 274 30.39 -21.46 11.78
N MET D 275 30.15 -22.04 10.62
CA MET D 275 31.24 -22.24 9.64
C MET D 275 31.71 -20.92 8.97
N PHE D 276 30.77 -20.02 8.70
CA PHE D 276 31.12 -18.71 8.18
C PHE D 276 31.94 -17.90 9.19
N ALA D 277 31.55 -18.01 10.48
CA ALA D 277 32.24 -17.32 11.59
C ALA D 277 33.69 -17.76 11.63
N GLY D 278 33.86 -19.06 11.58
CA GLY D 278 35.18 -19.63 11.66
C GLY D 278 36.04 -19.44 10.43
N GLN D 279 35.45 -19.66 9.26
CA GLN D 279 36.23 -19.72 7.99
C GLN D 279 37.13 -18.49 7.87
N HIS D 280 36.55 -17.32 7.92
CA HIS D 280 37.33 -16.10 7.69
C HIS D 280 38.20 -15.62 8.84
N THR D 281 37.65 -15.46 10.03
CA THR D 281 38.49 -14.96 11.12
C THR D 281 39.70 -15.85 11.36
N SER D 282 39.51 -17.16 11.39
CA SER D 282 40.61 -18.05 11.72
C SER D 282 41.69 -18.08 10.59
N SER D 283 41.27 -18.24 9.33
CA SER D 283 42.20 -18.16 8.21
C SER D 283 43.09 -16.97 8.23
N ILE D 284 42.47 -15.82 8.44
CA ILE D 284 43.15 -14.54 8.40
C ILE D 284 44.11 -14.51 9.56
N THR D 285 43.68 -15.08 10.67
CA THR D 285 44.50 -15.09 11.87
C THR D 285 45.69 -15.99 11.61
N THR D 286 45.46 -17.16 11.04
CA THR D 286 46.56 -17.96 10.57
C THR D 286 47.45 -17.19 9.57
N THR D 287 46.85 -16.61 8.54
CA THR D 287 47.64 -15.98 7.46
C THR D 287 48.57 -14.93 8.04
N TRP D 288 48.02 -14.10 8.91
CA TRP D 288 48.78 -13.00 9.46
C TRP D 288 49.88 -13.60 10.33
N SER D 289 49.49 -14.61 11.12
CA SER D 289 50.45 -15.18 12.02
C SER D 289 51.66 -15.54 11.22
N MET D 290 51.47 -16.36 10.19
CA MET D 290 52.59 -16.91 9.44
C MET D 290 53.39 -15.84 8.67
N LEU D 291 52.69 -14.85 8.12
CA LEU D 291 53.34 -13.77 7.38
C LEU D 291 54.29 -13.08 8.32
N HIS D 292 53.82 -12.85 9.56
CA HIS D 292 54.64 -12.15 10.58
C HIS D 292 55.85 -13.00 10.97
N LEU D 293 55.60 -14.29 11.22
CA LEU D 293 56.66 -15.19 11.68
C LEU D 293 57.69 -15.38 10.58
N MET D 294 57.26 -15.37 9.32
CA MET D 294 58.22 -15.59 8.26
C MET D 294 59.04 -14.30 8.02
N HIS D 295 58.59 -13.15 8.49
CA HIS D 295 59.34 -11.92 8.18
C HIS D 295 60.73 -11.93 8.84
N PRO D 296 61.76 -11.47 8.12
CA PRO D 296 63.10 -11.62 8.71
C PRO D 296 63.28 -10.84 10.04
N ALA D 297 62.61 -9.68 10.13
CA ALA D 297 62.50 -8.90 11.39
C ALA D 297 62.04 -9.68 12.61
N ASN D 298 61.38 -10.82 12.43
CA ASN D 298 60.90 -11.59 13.56
C ASN D 298 61.58 -12.95 13.73
N VAL D 299 62.82 -13.09 13.21
CA VAL D 299 63.59 -14.32 13.44
C VAL D 299 63.55 -14.77 14.93
N LYS D 300 63.84 -13.84 15.84
CA LYS D 300 63.79 -14.18 17.26
C LYS D 300 62.47 -14.88 17.58
N HIS D 301 61.36 -14.37 17.05
CA HIS D 301 60.03 -14.98 17.35
C HIS D 301 59.83 -16.35 16.67
N LEU D 302 60.33 -16.49 15.45
CA LEU D 302 60.17 -17.75 14.73
C LEU D 302 60.87 -18.78 15.54
N GLU D 303 62.14 -18.49 15.80
CA GLU D 303 63.00 -19.27 16.73
C GLU D 303 62.32 -19.68 18.02
N ALA D 304 61.53 -18.78 18.58
CA ALA D 304 60.79 -19.06 19.80
C ALA D 304 59.66 -20.02 19.52
N LEU D 305 59.00 -19.87 18.36
CA LEU D 305 57.93 -20.81 18.06
C LEU D 305 58.53 -22.19 17.81
N ARG D 306 59.69 -22.22 17.17
CA ARG D 306 60.37 -23.51 16.91
C ARG D 306 60.87 -24.19 18.20
N LYS D 307 61.38 -23.39 19.16
CA LYS D 307 61.77 -23.92 20.49
C LYS D 307 60.56 -24.50 21.21
N GLU D 308 59.43 -23.79 21.13
CA GLU D 308 58.13 -24.30 21.62
C GLU D 308 57.68 -25.64 21.04
N ILE D 309 57.79 -25.81 19.70
CA ILE D 309 57.40 -27.08 19.03
C ILE D 309 58.46 -28.19 19.20
N GLU D 310 59.73 -27.78 19.36
CA GLU D 310 60.92 -28.64 19.17
C GLU D 310 60.73 -30.08 19.63
N GLU D 311 60.09 -30.28 20.79
CA GLU D 311 60.04 -31.61 21.41
C GLU D 311 58.74 -32.38 21.16
N PHE D 312 57.97 -31.99 20.13
CA PHE D 312 56.62 -32.56 19.88
C PHE D 312 56.62 -33.76 18.94
N PRO D 313 55.79 -34.76 19.25
CA PRO D 313 55.64 -35.89 18.35
C PRO D 313 55.06 -35.45 17.03
N ALA D 314 55.13 -36.31 16.03
CA ALA D 314 54.60 -35.98 14.70
C ALA D 314 53.08 -35.83 14.78
N GLN D 315 52.46 -36.70 15.59
CA GLN D 315 51.02 -36.66 15.86
C GLN D 315 50.80 -35.95 17.18
N LEU D 316 50.57 -34.64 17.10
CA LEU D 316 50.13 -33.83 18.24
C LEU D 316 48.87 -34.40 18.93
N ASN D 317 48.68 -33.96 20.18
CA ASN D 317 47.54 -34.32 21.06
C ASN D 317 46.89 -33.05 21.70
N TYR D 318 45.71 -33.21 22.29
CA TYR D 318 45.02 -32.12 22.98
C TYR D 318 45.97 -31.22 23.79
N ASN D 319 46.71 -31.84 24.72
CA ASN D 319 47.60 -31.15 25.68
C ASN D 319 48.77 -30.39 25.05
N ASN D 320 49.26 -30.90 23.94
CA ASN D 320 50.32 -30.21 23.25
C ASN D 320 49.81 -28.82 22.89
N VAL D 321 48.65 -28.81 22.26
CA VAL D 321 48.15 -27.57 21.66
C VAL D 321 47.43 -26.70 22.67
N MET D 322 46.59 -27.27 23.53
CA MET D 322 45.90 -26.41 24.52
C MET D 322 46.93 -25.91 25.53
N ASP D 323 47.40 -26.84 26.35
CA ASP D 323 48.22 -26.49 27.51
C ASP D 323 49.73 -26.15 27.29
N GLU D 324 50.33 -26.59 26.17
CA GLU D 324 51.77 -26.34 26.00
C GLU D 324 52.11 -25.50 24.78
N MET D 325 51.23 -24.58 24.36
CA MET D 325 51.56 -23.68 23.22
C MET D 325 51.35 -22.20 23.48
N PRO D 326 51.62 -21.78 24.72
CA PRO D 326 51.36 -20.34 25.01
C PRO D 326 52.08 -19.31 24.09
N PHE D 327 53.16 -19.68 23.41
CA PHE D 327 53.81 -18.68 22.51
C PHE D 327 53.15 -18.61 21.11
N ALA D 328 52.64 -19.74 20.62
CA ALA D 328 51.88 -19.71 19.40
C ALA D 328 50.60 -18.94 19.69
N GLU D 329 50.03 -19.10 20.88
CA GLU D 329 48.75 -18.43 21.21
C GLU D 329 48.97 -16.95 21.21
N ARG D 330 50.07 -16.53 21.83
CA ARG D 330 50.38 -15.10 21.89
C ARG D 330 50.53 -14.55 20.48
N CYS D 331 50.91 -15.43 19.56
CA CYS D 331 51.20 -15.02 18.20
C CYS D 331 49.89 -14.75 17.50
N ALA D 332 48.96 -15.67 17.70
CA ALA D 332 47.60 -15.50 17.19
C ALA D 332 46.98 -14.23 17.80
N ARG D 333 46.90 -14.16 19.12
CA ARG D 333 46.31 -12.98 19.73
C ARG D 333 46.92 -11.71 19.17
N GLU D 334 48.23 -11.71 18.98
CA GLU D 334 48.88 -10.46 18.59
C GLU D 334 48.55 -10.07 17.15
N SER D 335 48.48 -11.10 16.30
CA SER D 335 48.10 -10.92 14.91
C SER D 335 46.73 -10.26 14.87
N ILE D 336 45.82 -10.79 15.68
CA ILE D 336 44.44 -10.27 15.77
C ILE D 336 44.50 -8.90 16.39
N ARG D 337 45.43 -8.76 17.34
CA ARG D 337 45.58 -7.48 18.03
C ARG D 337 45.93 -6.41 16.99
N ARG D 338 46.99 -6.63 16.21
CA ARG D 338 47.47 -5.65 15.24
C ARG D 338 46.49 -5.45 14.04
N ASP D 339 45.85 -6.52 13.61
CA ASP D 339 45.01 -6.43 12.41
C ASP D 339 43.69 -7.23 12.61
N PRO D 340 42.85 -6.70 13.50
CA PRO D 340 41.60 -7.37 13.87
C PRO D 340 40.75 -7.71 12.63
N PRO D 341 40.27 -8.94 12.53
CA PRO D 341 39.47 -9.29 11.37
C PRO D 341 38.11 -8.62 11.40
N LEU D 342 37.55 -8.41 12.58
CA LEU D 342 36.37 -7.60 12.68
C LEU D 342 36.71 -6.20 13.19
N LEU D 343 36.55 -5.22 12.28
CA LEU D 343 36.92 -3.79 12.47
C LEU D 343 35.97 -2.99 13.34
N MET D 344 34.69 -3.37 13.39
CA MET D 344 33.67 -2.57 14.11
C MET D 344 32.48 -3.37 14.63
N LEU D 345 32.38 -3.46 15.93
CA LEU D 345 31.30 -4.17 16.51
C LEU D 345 30.20 -3.13 16.68
N MET D 346 28.95 -3.50 16.42
CA MET D 346 27.88 -2.50 16.41
C MET D 346 26.55 -2.90 17.08
N ARG D 347 25.88 -1.90 17.64
CA ARG D 347 24.59 -2.08 18.28
C ARG D 347 23.77 -0.84 17.98
N LYS D 348 22.45 -1.02 17.87
CA LYS D 348 21.53 0.13 17.78
C LYS D 348 21.15 0.51 19.20
N VAL D 349 21.32 1.79 19.53
CA VAL D 349 21.01 2.29 20.87
C VAL D 349 19.49 2.44 21.02
N MET D 350 18.94 1.74 22.02
CA MET D 350 17.49 1.69 22.24
C MET D 350 17.03 2.61 23.38
N ALA D 351 17.96 3.00 24.26
CA ALA D 351 17.71 3.94 25.34
C ALA D 351 18.92 4.86 25.50
N ASP D 352 18.72 6.12 25.88
CA ASP D 352 19.88 6.92 26.20
C ASP D 352 20.76 6.03 27.10
N VAL D 353 22.06 6.05 26.79
CA VAL D 353 23.06 5.35 27.60
C VAL D 353 24.27 6.26 27.91
N LYS D 354 24.75 6.19 29.14
CA LYS D 354 25.88 6.99 29.55
C LYS D 354 27.14 6.31 29.01
N VAL D 355 28.08 7.11 28.54
CA VAL D 355 29.35 6.61 28.00
C VAL D 355 30.38 7.73 28.19
N GLY D 356 31.48 7.44 28.89
CA GLY D 356 32.35 8.51 29.38
C GLY D 356 31.54 9.56 30.11
N SER D 357 31.82 10.82 29.81
CA SER D 357 31.09 11.95 30.38
C SER D 357 29.99 12.40 29.44
N TYR D 358 29.45 11.46 28.67
CA TYR D 358 28.50 11.78 27.60
C TYR D 358 27.25 10.93 27.66
N VAL D 359 26.23 11.41 26.95
CA VAL D 359 24.99 10.68 26.77
C VAL D 359 24.82 10.38 25.28
N VAL D 360 24.60 9.09 24.99
CA VAL D 360 24.43 8.62 23.62
C VAL D 360 22.96 8.27 23.38
N PRO D 361 22.32 9.00 22.45
CA PRO D 361 20.87 8.99 22.40
C PRO D 361 20.23 7.82 21.68
N LYS D 362 19.04 7.45 22.15
CA LYS D 362 18.16 6.49 21.47
C LYS D 362 18.17 6.72 19.98
N GLY D 363 18.48 5.70 19.19
CA GLY D 363 18.51 5.87 17.71
C GLY D 363 19.93 5.86 17.16
N ASP D 364 20.94 6.15 17.97
CA ASP D 364 22.31 6.08 17.49
C ASP D 364 22.73 4.65 17.22
N ILE D 365 23.50 4.45 16.16
CA ILE D 365 24.31 3.26 16.02
C ILE D 365 25.54 3.55 16.83
N ILE D 366 25.83 2.64 17.75
CA ILE D 366 27.00 2.79 18.61
C ILE D 366 27.96 1.67 18.24
N ALA D 367 29.23 2.03 18.08
CA ALA D 367 30.27 1.05 17.71
C ALA D 367 31.46 1.04 18.66
N CYS D 368 32.12 -0.10 18.73
CA CYS D 368 33.39 -0.16 19.41
C CYS D 368 34.28 -0.86 18.39
N SER D 369 35.42 -0.23 18.06
CA SER D 369 36.29 -0.63 16.95
C SER D 369 37.60 -1.24 17.39
N PRO D 370 37.66 -2.57 17.37
CA PRO D 370 38.92 -3.21 17.62
C PRO D 370 40.10 -2.53 16.87
N LEU D 371 39.88 -2.11 15.63
CA LEU D 371 40.93 -1.42 14.86
C LEU D 371 41.45 -0.22 15.64
N LEU D 372 40.54 0.70 15.99
CA LEU D 372 40.91 1.93 16.67
C LEU D 372 41.44 1.69 18.07
N SER D 373 40.74 0.86 18.83
CA SER D 373 41.15 0.62 20.21
C SER D 373 42.52 -0.09 20.29
N HIS D 374 42.73 -1.08 19.43
CA HIS D 374 44.00 -1.78 19.39
C HIS D 374 45.16 -0.91 18.90
N HIS D 375 44.89 0.32 18.43
CA HIS D 375 45.97 1.24 18.09
C HIS D 375 46.01 2.48 18.98
N ASP D 376 45.46 2.37 20.18
CA ASP D 376 45.51 3.43 21.17
C ASP D 376 46.89 3.42 21.74
N GLU D 377 47.54 4.57 21.75
CA GLU D 377 48.96 4.60 22.10
C GLU D 377 49.25 4.40 23.58
N GLU D 378 48.31 4.80 24.46
CA GLU D 378 48.42 4.44 25.89
C GLU D 378 48.29 2.94 26.03
N ALA D 379 47.33 2.35 25.33
CA ALA D 379 47.06 0.93 25.52
C ALA D 379 48.12 0.04 24.87
N PHE D 380 48.51 0.39 23.65
CA PHE D 380 49.41 -0.46 22.85
C PHE D 380 50.49 0.41 22.23
N PRO D 381 51.56 0.65 23.00
CA PRO D 381 52.69 1.42 22.45
C PRO D 381 53.18 0.79 21.14
N GLU D 382 53.51 1.65 20.17
CA GLU D 382 53.99 1.23 18.82
C GLU D 382 53.02 0.24 18.17
N PRO D 383 51.78 0.66 17.94
CA PRO D 383 50.75 -0.32 17.59
C PRO D 383 50.99 -1.13 16.28
N ARG D 384 51.54 -0.48 15.25
CA ARG D 384 51.78 -1.15 13.98
C ARG D 384 52.94 -2.13 14.12
N ARG D 385 53.65 -2.12 15.24
CA ARG D 385 54.66 -3.15 15.45
C ARG D 385 54.06 -4.45 16.00
N TRP D 386 54.31 -5.56 15.31
CA TRP D 386 53.83 -6.86 15.72
C TRP D 386 54.78 -7.37 16.78
N ASP D 387 54.27 -7.65 17.98
CA ASP D 387 55.11 -8.06 19.12
C ASP D 387 54.35 -9.07 20.02
N PRO D 388 54.57 -10.37 19.77
CA PRO D 388 53.85 -11.38 20.56
C PRO D 388 54.07 -11.25 22.05
N GLU D 389 55.29 -10.83 22.41
N GLU D 389 55.27 -10.87 22.46
CA GLU D 389 55.75 -10.71 23.81
CA GLU D 389 55.57 -10.87 23.89
C GLU D 389 54.92 -9.70 24.61
C GLU D 389 55.07 -9.59 24.58
N ARG D 390 54.20 -8.82 23.92
CA ARG D 390 53.50 -7.66 24.56
C ARG D 390 52.26 -8.05 25.31
N ASP D 391 51.77 -7.11 26.12
CA ASP D 391 50.47 -7.24 26.81
C ASP D 391 49.76 -5.89 26.80
N GLU D 392 48.43 -5.89 26.88
CA GLU D 392 47.68 -4.61 27.03
C GLU D 392 48.14 -3.74 28.27
N LYS D 393 48.36 -2.46 28.03
CA LYS D 393 48.73 -1.51 29.08
C LYS D 393 47.51 -0.83 29.69
N VAL D 394 46.36 -1.16 29.16
CA VAL D 394 45.07 -0.72 29.71
C VAL D 394 44.19 -1.95 29.83
N GLU D 395 43.47 -2.07 30.94
CA GLU D 395 42.65 -3.25 31.18
C GLU D 395 41.53 -3.36 30.14
N GLY D 396 41.42 -4.56 29.55
CA GLY D 396 40.38 -4.90 28.55
C GLY D 396 40.41 -4.10 27.25
N ALA D 397 41.60 -3.62 26.86
CA ALA D 397 41.78 -2.86 25.62
C ALA D 397 41.82 -3.79 24.36
N PHE D 398 42.42 -4.96 24.52
CA PHE D 398 42.34 -5.98 23.50
C PHE D 398 40.90 -6.54 23.47
N ILE D 399 40.18 -6.24 22.38
CA ILE D 399 38.79 -6.73 22.23
C ILE D 399 38.56 -7.50 20.92
N GLY D 400 39.63 -8.15 20.43
CA GLY D 400 39.61 -8.90 19.18
C GLY D 400 38.57 -10.00 19.07
N PHE D 401 38.16 -10.54 20.22
CA PHE D 401 37.10 -11.54 20.30
C PHE D 401 35.87 -10.94 20.94
N GLY D 402 35.74 -9.62 20.89
CA GLY D 402 34.72 -8.94 21.70
C GLY D 402 34.88 -9.16 23.20
N ALA D 403 33.84 -8.73 23.92
CA ALA D 403 33.66 -8.94 25.38
C ALA D 403 32.14 -8.96 25.66
N GLY D 404 31.77 -9.29 26.90
CA GLY D 404 30.40 -9.04 27.35
C GLY D 404 29.30 -9.97 26.88
N VAL D 405 28.09 -9.42 26.74
CA VAL D 405 26.94 -10.25 26.53
C VAL D 405 27.09 -11.01 25.21
N HIS D 406 27.86 -10.46 24.27
CA HIS D 406 28.16 -11.13 22.96
C HIS D 406 29.63 -11.54 22.72
N LYS D 407 30.40 -11.88 23.76
CA LYS D 407 31.71 -12.53 23.61
C LYS D 407 31.73 -13.54 22.45
N CYS D 408 32.77 -13.54 21.62
CA CYS D 408 32.96 -14.73 20.75
C CYS D 408 32.75 -16.06 21.52
N ILE D 409 31.91 -16.96 20.99
CA ILE D 409 31.75 -18.28 21.58
C ILE D 409 32.61 -19.35 20.91
N GLY D 410 33.36 -19.01 19.86
CA GLY D 410 34.18 -20.01 19.16
C GLY D 410 35.67 -19.76 19.28
N GLN D 411 36.06 -18.91 20.23
CA GLN D 411 37.43 -18.44 20.40
C GLN D 411 38.46 -19.56 20.57
N LYS D 412 38.09 -20.53 21.39
CA LYS D 412 38.94 -21.62 21.70
C LYS D 412 39.12 -22.49 20.50
N PHE D 413 38.04 -22.75 19.77
CA PHE D 413 38.11 -23.65 18.61
C PHE D 413 38.92 -23.00 17.54
N GLY D 414 38.71 -21.70 17.37
CA GLY D 414 39.45 -20.92 16.38
C GLY D 414 40.95 -21.00 16.65
N LEU D 415 41.32 -20.77 17.91
CA LEU D 415 42.74 -20.74 18.26
C LEU D 415 43.30 -22.18 18.23
N LEU D 416 42.52 -23.15 18.66
CA LEU D 416 42.92 -24.54 18.45
C LEU D 416 43.35 -24.72 17.00
N GLN D 417 42.55 -24.19 16.07
CA GLN D 417 42.89 -24.35 14.66
C GLN D 417 44.11 -23.54 14.22
N VAL D 418 44.25 -22.31 14.71
CA VAL D 418 45.37 -21.51 14.28
C VAL D 418 46.66 -22.15 14.76
N LYS D 419 46.72 -22.44 16.06
CA LYS D 419 47.88 -23.09 16.68
C LYS D 419 48.32 -24.37 15.97
N THR D 420 47.37 -25.30 15.79
CA THR D 420 47.72 -26.61 15.24
C THR D 420 48.33 -26.41 13.86
N ILE D 421 47.85 -25.41 13.14
CA ILE D 421 48.36 -25.18 11.80
C ILE D 421 49.76 -24.64 11.95
N LEU D 422 49.90 -23.52 12.63
CA LEU D 422 51.23 -22.96 12.89
C LEU D 422 52.20 -24.11 13.27
N ALA D 423 51.80 -24.92 14.27
CA ALA D 423 52.57 -26.09 14.70
C ALA D 423 52.94 -26.98 13.54
N THR D 424 51.95 -27.48 12.82
CA THR D 424 52.24 -28.43 11.74
C THR D 424 53.01 -27.72 10.62
N ALA D 425 52.63 -26.50 10.31
CA ALA D 425 53.20 -25.87 9.16
C ALA D 425 54.70 -25.67 9.38
N PHE D 426 55.05 -25.03 10.49
CA PHE D 426 56.43 -24.62 10.70
C PHE D 426 57.36 -25.79 11.02
N ARG D 427 56.78 -26.85 11.56
CA ARG D 427 57.55 -28.08 11.78
C ARG D 427 58.19 -28.49 10.46
N SER D 428 57.40 -28.53 9.40
CA SER D 428 57.86 -29.13 8.16
C SER D 428 58.33 -28.12 7.08
N TYR D 429 58.08 -26.81 7.28
CA TYR D 429 58.45 -25.82 6.27
C TYR D 429 59.16 -24.56 6.83
N ASP D 430 59.84 -23.83 5.93
CA ASP D 430 60.13 -22.39 6.14
C ASP D 430 59.36 -21.60 5.07
N PHE D 431 59.35 -20.28 5.15
CA PHE D 431 58.58 -19.50 4.19
C PHE D 431 59.33 -18.26 3.84
N GLN D 432 59.07 -17.70 2.68
CA GLN D 432 59.74 -16.49 2.30
C GLN D 432 58.73 -15.49 1.74
N LEU D 433 58.55 -14.38 2.45
CA LEU D 433 57.73 -13.26 1.95
C LEU D 433 58.31 -12.74 0.62
N LEU D 434 57.55 -12.79 -0.46
CA LEU D 434 58.07 -12.32 -1.75
C LEU D 434 57.89 -10.80 -1.85
N ARG D 435 58.50 -10.09 -0.91
CA ARG D 435 58.11 -8.72 -0.56
C ARG D 435 59.00 -8.23 0.58
N ASP D 436 59.30 -6.95 0.63
CA ASP D 436 60.12 -6.45 1.74
C ASP D 436 59.28 -6.35 3.02
N GLU D 437 58.06 -5.85 2.90
CA GLU D 437 57.17 -5.68 4.04
C GLU D 437 56.02 -6.70 4.06
N VAL D 438 55.64 -7.07 5.28
CA VAL D 438 54.39 -7.74 5.57
C VAL D 438 53.22 -7.05 4.81
N PRO D 439 52.23 -7.82 4.34
CA PRO D 439 51.14 -7.25 3.56
C PRO D 439 50.35 -6.12 4.21
N ASP D 440 49.92 -5.17 3.39
CA ASP D 440 48.95 -4.17 3.82
C ASP D 440 47.61 -4.88 4.08
N PRO D 441 46.94 -4.56 5.21
CA PRO D 441 45.57 -5.09 5.35
C PRO D 441 44.65 -4.50 4.26
N ASP D 442 43.56 -5.20 3.95
CA ASP D 442 42.63 -4.80 2.90
C ASP D 442 41.29 -4.60 3.51
N TYR D 443 40.93 -3.33 3.69
CA TYR D 443 39.72 -3.00 4.46
C TYR D 443 38.41 -3.10 3.69
N HIS D 444 38.47 -3.42 2.39
CA HIS D 444 37.28 -3.36 1.53
C HIS D 444 36.37 -4.59 1.68
N THR D 445 36.71 -5.49 2.61
CA THR D 445 35.90 -6.69 2.85
C THR D 445 35.19 -6.67 4.19
N MET D 446 34.08 -7.40 4.27
CA MET D 446 33.29 -7.53 5.48
C MET D 446 34.13 -8.02 6.69
N VAL D 447 34.90 -9.10 6.50
CA VAL D 447 35.87 -9.55 7.45
C VAL D 447 37.21 -9.23 6.81
N VAL D 448 38.08 -8.52 7.54
CA VAL D 448 39.31 -7.94 6.98
C VAL D 448 40.51 -8.86 7.15
N GLY D 449 41.31 -9.01 6.10
CA GLY D 449 42.53 -9.82 6.17
C GLY D 449 43.65 -9.11 5.44
N PRO D 450 44.82 -9.72 5.39
CA PRO D 450 45.85 -9.12 4.54
C PRO D 450 45.46 -9.14 3.04
N THR D 451 46.01 -8.20 2.28
CA THR D 451 45.64 -7.99 0.87
C THR D 451 46.00 -9.24 0.06
N ALA D 452 45.00 -9.88 -0.54
CA ALA D 452 45.13 -11.18 -1.21
C ALA D 452 46.31 -11.17 -2.17
N SER D 453 46.41 -10.12 -2.98
CA SER D 453 47.37 -10.11 -4.08
C SER D 453 48.78 -9.99 -3.55
N GLN D 454 48.92 -9.50 -2.31
CA GLN D 454 50.23 -9.40 -1.68
C GLN D 454 50.66 -10.65 -0.90
N CYS D 455 49.87 -11.73 -0.92
CA CYS D 455 50.15 -12.89 -0.01
C CYS D 455 50.80 -14.10 -0.67
N ARG D 456 51.54 -13.85 -1.75
CA ARG D 456 52.28 -14.94 -2.40
C ARG D 456 53.57 -15.19 -1.63
N VAL D 457 53.81 -16.45 -1.36
CA VAL D 457 54.87 -16.85 -0.47
C VAL D 457 55.49 -18.15 -0.99
N LYS D 458 56.81 -18.25 -0.91
CA LYS D 458 57.53 -19.42 -1.39
C LYS D 458 57.62 -20.36 -0.24
N TYR D 459 57.06 -21.55 -0.34
CA TYR D 459 57.33 -22.55 0.71
C TYR D 459 58.63 -23.24 0.41
N ILE D 460 59.19 -23.85 1.44
CA ILE D 460 60.41 -24.62 1.32
C ILE D 460 60.29 -25.83 2.27
N ARG D 461 60.38 -27.04 1.74
CA ARG D 461 60.38 -28.25 2.59
C ARG D 461 61.55 -28.18 3.58
N ARG D 462 61.77 -29.23 4.39
CA ARG D 462 62.86 -29.17 5.40
C ARG D 462 63.76 -30.39 5.53
N LYS D 463 65.08 -30.15 5.38
CA LYS D 463 66.10 -31.21 5.41
C LYS D 463 66.35 -31.74 6.83
CHA HEM E . -7.69 24.20 15.33
CHB HEM E . -5.58 21.08 18.30
CHC HEM E . -9.86 18.78 18.76
CHD HEM E . -11.55 21.27 15.05
C1A HEM E . -6.77 23.57 16.10
C2A HEM E . -5.42 24.01 16.33
C3A HEM E . -4.80 23.17 17.15
C4A HEM E . -5.79 22.15 17.48
CMA HEM E . -3.33 23.22 17.64
CAA HEM E . -4.81 25.27 15.72
CBA HEM E . -4.24 24.96 14.35
CGA HEM E . -3.55 26.17 13.83
O1A HEM E . -3.19 27.08 14.65
O2A HEM E . -3.34 26.21 12.59
C1B HEM E . -6.58 20.20 18.69
C2B HEM E . -6.40 19.08 19.60
C3B HEM E . -7.59 18.51 19.69
C4B HEM E . -8.53 19.19 18.87
CMB HEM E . -5.07 18.67 20.32
CAB HEM E . -8.01 17.30 20.51
CBB HEM E . -7.39 17.08 21.67
C1C HEM E . -10.69 19.18 17.76
C2C HEM E . -11.97 18.60 17.39
C3C HEM E . -12.41 19.31 16.35
C4C HEM E . -11.44 20.34 16.06
CMC HEM E . -12.69 17.39 18.07
CAC HEM E . -13.72 19.10 15.59
CBC HEM E . -14.59 18.19 16.06
C1D HEM E . -10.67 22.28 14.82
C2D HEM E . -10.86 23.26 13.77
C3D HEM E . -9.68 24.16 13.88
C4D HEM E . -8.89 23.64 14.97
CMD HEM E . -12.00 23.37 12.77
CAD HEM E . -9.36 25.37 13.00
CBD HEM E . -10.00 26.55 13.64
CGD HEM E . -9.76 27.80 12.85
O1D HEM E . -8.95 27.82 11.89
O2D HEM E . -10.41 28.81 13.24
NA HEM E . -6.98 22.43 16.82
NB HEM E . -7.89 20.22 18.25
NC HEM E . -10.39 20.24 16.94
ND HEM E . -9.50 22.53 15.51
FE HEM E . -8.64 21.30 16.87
CAA X2N F . 5.98 8.30 2.04
CAB X2N F . 2.32 10.81 1.90
OAC X2N F . 4.51 13.69 2.76
OAD X2N F . 3.44 9.32 3.40
FAE X2N F . -8.04 18.77 10.88
FAF X2N F . -11.25 21.92 9.92
CAG X2N F . -9.62 20.30 10.39
CAH X2N F . -0.04 20.95 8.76
CAI X2N F . -0.21 19.04 10.15
CAJ X2N F . 1.29 20.65 8.53
CAK X2N F . 1.13 18.75 9.92
CAL X2N F . 4.60 15.47 7.34
CAM X2N F . 6.15 16.39 5.77
CAN X2N F . 4.60 14.27 6.65
CAO X2N F . 6.13 15.17 5.09
CAP X2N F . -10.00 21.61 10.29
CAQ X2N F . -7.74 18.86 15.31
CAR X2N F . -7.32 21.05 11.11
CAS X2N F . -7.20 20.69 14.27
CAT X2N F . 5.78 11.73 5.31
CAU X2N F . 6.08 9.76 1.62
CAV X2N F . -4.99 20.54 10.29
CAW X2N F . 3.98 19.76 7.72
CAX X2N F . 3.78 17.97 9.35
CAY X2N F . 4.40 18.59 6.86
CAZ X2N F . 5.26 17.83 9.00
CBB X2N F . -2.59 21.56 10.39
CBC X2N F . -5.76 19.53 12.47
NBD X2N F . -7.90 20.20 15.30
NBE X2N F . -6.95 18.50 14.29
NBF X2N F . 5.64 10.81 4.32
OBG X2N F . -2.11 20.40 9.79
OBH X2N F . -5.29 21.79 12.20
CBI X2N F . -8.34 20.03 10.78
CBJ X2N F . -7.77 22.36 10.99
CBK X2N F . -0.79 20.16 9.58
CBL X2N F . 1.91 19.54 9.10
CBM X2N F . 5.39 16.55 6.92
CBN X2N F . 5.36 14.07 5.49
CBO X2N F . -9.08 22.63 10.59
CBP X2N F . 4.96 12.75 3.54
CBQ X2N F . 3.53 9.91 2.10
CBS X2N F . 4.86 10.65 1.95
NBT X2N F . 3.29 19.25 8.89
NBU X2N F . 5.41 17.81 7.55
NBV X2N F . -6.62 19.67 13.65
NBW X2N F . 5.36 12.90 4.81
NBX X2N F . 5.11 11.47 3.19
C2 X2N F . -5.90 20.71 11.51
C32 X2N F . -4.52 22.61 11.34
C7 X2N F . -4.08 21.74 10.17
CHA HEM G . -7.80 -28.93 0.09
CHB HEM G . -11.67 -26.20 -0.86
CHC HEM G . -12.09 -25.37 3.83
CHD HEM G . -7.78 -27.27 4.60
C1A HEM G . -8.78 -28.28 -0.57
C2A HEM G . -8.99 -28.32 -2.02
C3A HEM G . -10.06 -27.58 -2.26
C4A HEM G . -10.56 -27.04 -1.00
CMA HEM G . -10.65 -27.32 -3.66
CAA HEM G . -8.18 -29.06 -3.12
CBA HEM G . -6.74 -28.59 -3.23
CGA HEM G . -6.07 -29.09 -4.52
O1A HEM G . -6.62 -30.03 -5.13
O2A HEM G . -4.99 -28.56 -4.95
C1B HEM G . -12.14 -25.75 0.33
C2B HEM G . -13.36 -24.97 0.57
C3B HEM G . -13.43 -24.79 1.88
C4B HEM G . -12.31 -25.42 2.49
CMB HEM G . -14.41 -24.44 -0.46
CAB HEM G . -14.52 -24.03 2.66
CBB HEM G . -15.72 -23.77 2.10
C1C HEM G . -10.95 -25.73 4.43
C2C HEM G . -10.63 -25.50 5.83
C3C HEM G . -9.43 -26.04 5.99
C4C HEM G . -8.98 -26.62 4.75
CMC HEM G . -11.47 -24.78 6.92
CAC HEM G . -8.62 -26.09 7.26
CBC HEM G . -9.25 -25.65 8.34
C1D HEM G . -7.38 -27.90 3.49
C2D HEM G . -6.14 -28.62 3.36
C3D HEM G . -6.17 -29.16 1.93
C4D HEM G . -7.41 -28.68 1.38
CMD HEM G . -5.11 -28.76 4.49
CAD HEM G . -5.21 -30.00 1.06
CBD HEM G . -4.02 -30.62 1.77
CGD HEM G . -3.49 -31.64 0.80
O1D HEM G . -2.87 -31.24 -0.26
O2D HEM G . -3.71 -32.87 1.10
NA HEM G . -9.74 -27.50 0.03
NB HEM G . -11.53 -26.01 1.53
NC HEM G . -9.96 -26.41 3.79
ND HEM G . -8.09 -27.96 2.33
FE HEM G . -9.71 -26.91 1.93
CAA X2N H . 1.05 -8.61 -10.36
CAB X2N H . 0.29 -10.51 -5.66
OAC X2N H . 0.60 -12.62 -8.46
OAD X2N H . -0.30 -8.30 -6.24
FAE X2N H . -4.60 -22.67 1.95
FAF X2N H . -2.91 -26.27 4.42
CAG X2N H . -3.74 -24.42 3.23
CAH X2N H . -3.07 -22.08 -5.94
CAI X2N H . -4.95 -20.75 -5.26
CAJ X2N H . -2.96 -21.35 -7.10
CAK X2N H . -4.81 -20.00 -6.43
CAL X2N H . -3.53 -15.11 -9.02
CAM X2N H . -1.87 -15.40 -10.69
CAN X2N H . -3.07 -13.82 -8.79
CAO X2N H . -1.41 -14.11 -10.46
CAP X2N H . -3.41 -25.77 3.29
CAQ X2N H . -9.07 -24.02 1.79
CAR X2N H . -4.44 -24.80 0.89
CAS X2N H . -7.56 -25.32 0.84
CAT X2N H . -2.28 -10.92 -9.33
CAU X2N H . 0.95 -8.31 -8.88
CAV X2N H . -3.90 -23.37 -1.02
CAW X2N H . -4.67 -19.18 -9.42
CAX X2N H . -2.33 -18.83 -8.67
CAY X2N H . -4.56 -17.67 -9.47
CAZ X2N H . -2.26 -18.23 -10.07
CBB X2N H . -3.03 -23.37 -3.42
CBC X2N H . -6.26 -23.38 -0.21
NBD X2N H . -8.66 -25.30 1.60
NBE X2N H . -8.23 -23.21 1.12
NBF X2N H . -1.47 -9.90 -8.92
OBG X2N H . -4.13 -22.60 -3.89
OBH X2N H . -5.29 -25.25 -1.29
CBI X2N H . -4.26 -23.93 2.06
CBJ X2N H . -4.08 -26.12 1.00
CBK X2N H . -4.05 -21.80 -5.01
CBL X2N H . -3.81 -20.29 -7.38
CBM X2N H . -2.93 -15.94 -9.98
CBN X2N H . -2.00 -13.27 -9.49
CBO X2N H . -3.57 -26.60 2.20
CBP X2N H . -0.35 -11.78 -8.71
CBQ X2N H . 0.69 -9.30 -6.50
CBS X2N H . 0.85 -9.58 -8.02
NBT X2N H . -3.55 -19.63 -8.61
NBU X2N H . -3.37 -17.27 -10.24
NBV X2N H . -7.29 -24.05 0.56
NBW X2N H . -1.56 -12.04 -9.21
NBX X2N H . -0.25 -10.48 -8.52
C2 X2N H . -4.99 -24.21 -0.38
C32 X2N H . -4.43 -25.24 -2.42
C7 X2N H . -3.36 -24.19 -2.18
CHA HEM I . -24.06 16.22 -26.46
CHB HEM I . -22.39 17.17 -30.81
CHC HEM I . -23.00 21.77 -29.60
CHD HEM I . -23.40 20.85 -24.95
C1A HEM I . -23.60 16.04 -27.72
C2A HEM I . -23.46 14.77 -28.40
C3A HEM I . -23.00 15.03 -29.62
C4A HEM I . -22.83 16.45 -29.73
CMA HEM I . -22.68 14.00 -30.71
CAA HEM I . -23.81 13.38 -27.80
CBA HEM I . -22.64 12.72 -27.03
CGA HEM I . -22.91 11.27 -26.65
O1A HEM I . -23.98 10.71 -27.03
O2A HEM I . -22.06 10.65 -25.94
C1B HEM I . -22.46 18.53 -30.86
C2B HEM I . -22.20 19.37 -32.04
C3B HEM I . -22.38 20.63 -31.65
C4B HEM I . -22.76 20.61 -30.27
CMB HEM I . -21.78 18.88 -33.45
CAB HEM I . -22.24 21.96 -32.40
CBB HEM I . -22.63 22.13 -33.67
C1C HEM I . -23.04 21.92 -28.26
C2C HEM I . -22.91 23.17 -27.61
C3C HEM I . -23.01 22.97 -26.33
C4C HEM I . -23.22 21.55 -26.12
CMC HEM I . -22.69 24.54 -28.26
CAC HEM I . -22.91 24.20 -25.42
CBC HEM I . -23.12 24.09 -24.12
C1D HEM I . -23.62 19.49 -24.96
C2D HEM I . -23.86 18.68 -23.75
C3D HEM I . -24.09 17.26 -24.26
C4D HEM I . -23.95 17.35 -25.70
CMD HEM I . -23.89 19.17 -22.28
CAD HEM I . -24.35 15.93 -23.52
CBD HEM I . -25.46 16.07 -22.49
CGD HEM I . -25.77 14.71 -21.89
O1D HEM I . -24.81 13.92 -21.60
O2D HEM I . -27.02 14.47 -21.69
NA HEM I . -23.21 17.05 -28.56
NB HEM I . -22.79 19.31 -29.80
NC HEM I . -23.23 20.93 -27.34
ND HEM I . -23.71 18.66 -26.09
FE HEM I . -23.13 18.96 -27.97
CAA X2N J . -1.87 11.37 -26.14
CAB X2N J . -0.84 13.76 -30.59
OAC X2N J . -4.37 11.35 -27.59
OAD X2N J . 0.61 12.16 -29.57
FAE X2N J . -17.48 18.73 -24.27
FAF X2N J . -20.66 18.86 -20.83
CAG X2N J . -19.06 18.76 -22.56
CAH X2N J . -14.84 10.96 -26.45
CAI X2N J . -14.27 12.66 -28.05
CAJ X2N J . -13.80 10.17 -26.93
CAK X2N J . -13.22 11.86 -28.53
CAL X2N J . -7.21 8.48 -29.01
CAM X2N J . -8.15 10.30 -30.25
CAN X2N J . -5.95 9.09 -29.11
CAO X2N J . -6.89 10.88 -30.36
CAP X2N J . -20.13 18.21 -21.90
CAQ X2N J . -20.31 19.56 -28.05
CAR X2N J . -19.05 16.86 -24.16
CAS X2N J . -20.72 17.72 -26.89
CAT X2N J . -3.78 10.93 -30.98
CAU X2N J . -1.03 11.44 -27.41
CAV X2N J . -17.19 15.38 -25.04
CAW X2N J . -11.33 8.74 -27.68
CAX X2N J . -11.41 9.96 -29.83
CAY X2N J . -9.84 8.67 -27.97
CAZ X2N J . -10.67 8.69 -30.26
CBB X2N J . -16.77 12.79 -25.31
CBC X2N J . -18.24 17.08 -26.58
NBD X2N J . -21.29 18.78 -27.54
NBE X2N J . -19.12 18.99 -27.74
NBF X2N J . -2.61 11.54 -30.58
OBG X2N J . -16.10 13.04 -26.55
OBH X2N J . -19.36 15.22 -25.78
CBI X2N J . -18.51 18.14 -23.66
CBJ X2N J . -20.12 16.33 -23.46
CBK X2N J . -15.09 12.22 -27.00
CBL X2N J . -12.98 10.60 -27.99
CBM X2N J . -8.33 9.07 -29.59
CBN X2N J . -5.75 10.29 -29.79
CBO X2N J . -20.65 17.00 -22.36
CBP X2N J . -3.90 11.33 -28.80
CBQ X2N J . -0.43 13.10 -29.28
CBS X2N J . -1.57 12.46 -28.44
NBT X2N J . -11.93 9.78 -28.48
NBU X2N J . -9.56 8.39 -29.37
NBV X2N J . -19.41 17.84 -27.00
NBW X2N J . -4.52 10.83 -29.86
NBX X2N J . -2.71 11.78 -29.18
C2 X2N J . -18.45 16.18 -25.36
C32 X2N J . -19.04 13.90 -25.33
C7 X2N J . -17.64 13.94 -24.75
CHA HEM K . 31.40 -13.11 18.37
CHB HEM K . 35.79 -12.48 16.74
CHC HEM K . 36.17 -17.16 15.87
CHD HEM K . 31.43 -17.58 16.46
C1A HEM K . 32.57 -12.52 18.04
C2A HEM K . 32.92 -11.13 18.26
C3A HEM K . 34.16 -10.97 17.79
C4A HEM K . 34.59 -12.25 17.29
CMA HEM K . 34.99 -9.65 17.75
CAA HEM K . 32.05 -10.02 18.88
CBA HEM K . 30.79 -9.81 18.05
CGA HEM K . 30.08 -8.51 18.38
O1A HEM K . 30.26 -7.97 19.49
O2A HEM K . 29.32 -8.02 17.53
C1B HEM K . 36.29 -13.70 16.39
C2B HEM K . 37.64 -13.92 15.91
C3B HEM K . 37.74 -15.22 15.68
C4B HEM K . 36.46 -15.84 15.97
CMB HEM K . 38.80 -12.91 15.76
CAB HEM K . 39.04 -15.84 15.16
CBB HEM K . 39.38 -17.07 15.52
C1C HEM K . 34.91 -17.69 15.95
C2C HEM K . 34.59 -19.07 15.67
C3C HEM K . 33.30 -19.18 15.83
C4C HEM K . 32.74 -17.88 16.20
CMC HEM K . 35.48 -20.28 15.26
CAC HEM K . 32.66 -20.56 15.60
CBC HEM K . 31.38 -20.58 15.27
C1D HEM K . 30.99 -16.41 17.04
C2D HEM K . 29.60 -16.16 17.40
C3D HEM K . 29.62 -14.76 18.02
C4D HEM K . 30.99 -14.33 17.91
CMD HEM K . 28.39 -17.10 17.24
CAD HEM K . 28.47 -13.91 18.58
CBD HEM K . 27.87 -14.46 19.87
CGD HEM K . 26.84 -13.51 20.47
O1D HEM K . 26.27 -12.58 19.76
O2D HEM K . 26.57 -13.71 21.70
NA HEM K . 33.63 -13.19 17.46
NB HEM K . 35.59 -14.88 16.40
NC HEM K . 33.78 -17.00 16.28
ND HEM K . 31.77 -15.31 17.35
FE HEM K . 33.69 -15.06 16.94
CAA X2N L . 31.14 4.53 -2.88
CAB X2N L . 33.68 4.27 0.55
OAC X2N L . 33.17 1.60 1.55
OAD X2N L . 34.04 4.24 -1.81
FAE X2N L . 29.89 -14.33 11.44
FAF X2N L . 26.75 -16.31 14.29
CAG X2N L . 28.31 -15.32 12.83
CAH X2N L . 29.20 -6.26 10.75
CAI X2N L . 31.38 -7.00 10.03
CAJ X2N L . 29.39 -5.09 10.05
CAK X2N L . 31.55 -5.81 9.30
CAL X2N L . 30.57 -1.76 4.08
CAM X2N L . 31.44 0.11 5.32
CAN X2N L . 30.54 -0.98 2.93
CAO X2N L . 31.41 0.89 4.16
CAP X2N L . 27.58 -15.29 14.01
CAQ X2N L . 33.63 -15.03 13.96
CAR X2N L . 29.36 -13.17 13.50
CAS X2N L . 32.20 -13.62 14.85
CAT X2N L . 29.77 1.33 1.15
CAU X2N L . 31.24 4.31 -1.39
CAV X2N L . 29.49 -11.21 12.14
CAW X2N L . 31.99 -3.15 8.27
CAX X2N L . 29.70 -3.54 7.54
CAY X2N L . 31.96 -1.83 7.51
CAZ X2N L . 29.69 -2.12 7.00
CBB X2N L . 28.86 -8.72 12.17
CBC X2N L . 31.62 -12.43 12.63
NBD X2N L . 33.04 -14.64 15.12
NBE X2N L . 33.15 -14.26 12.95
NBF X2N L . 30.09 2.08 0.05
OBG X2N L . 30.07 -8.42 11.45
OBH X2N L . 30.48 -11.23 14.32
CBI X2N L . 29.18 -14.30 12.55
CBJ X2N L . 28.58 -13.17 14.65
CBK X2N L . 30.21 -7.23 10.75
CBL X2N L . 30.54 -4.83 9.31
CBM X2N L . 31.02 -1.22 5.29
CBN X2N L . 30.97 0.37 2.93
CBO X2N L . 27.71 -14.23 14.90
CBP X2N L . 31.95 1.65 1.16
CBQ X2N L . 33.53 3.46 -0.74
CBS X2N L . 32.09 3.07 -1.05
NBT X2N L . 30.64 -3.58 8.65
NBU X2N L . 31.01 -2.06 6.42
NBV X2N L . 32.26 -13.38 13.54
NBW X2N L . 30.91 1.10 1.79
NBX X2N L . 31.50 2.28 0.09
C2 X2N L . 30.26 -12.03 13.17
C32 X2N L . 29.69 -10.02 14.23
C7 X2N L . 28.87 -10.06 12.93
#